data_4JTD
#
_entry.id   4JTD
#
_cell.length_a   144.867
_cell.length_b   144.867
_cell.length_c   284.292
_cell.angle_alpha   90.000
_cell.angle_beta   90.000
_cell.angle_gamma   90.000
#
_symmetry.space_group_name_H-M   'P 4 21 2'
#
loop_
_entity.id
_entity.type
_entity.pdbx_description
1 polymer 'Voltage-gated potassium channel subunit beta-2'
2 polymer 'Potassium voltage-gated channel subfamily A member 2, Potassium voltage-gated channel subfamily B member 1'
3 polymer 'Potassium channel toxin alpha-KTx 1.1'
4 non-polymer 'NADP NICOTINAMIDE-ADENINE-DINUCLEOTIDE PHOSPHATE'
5 non-polymer 'POTASSIUM ION'
6 non-polymer '(1R)-2-{[(S)-{[(2S)-2,3-dihydroxypropyl]oxy}(hydroxy)phosphoryl]oxy}-1-[(hexadecanoyloxy)methyl]ethyl (9Z)-octadec-9-enoate'
7 water water
#
loop_
_entity_poly.entity_id
_entity_poly.type
_entity_poly.pdbx_seq_one_letter_code
_entity_poly.pdbx_strand_id
1 'polypeptide(L)'
;MLQFYRNLGKSGLRVSCLGLGTWVTFGGQITDEMAEHLMTLAYDNGINLFDTAEVYAAGKAEVVLGNIIKKKGWRRSSLV
ITTKIFWGGKAETERGLSRKHIIEGLKASLERLQLEYVDVVFANRPDPNTPMEETVRAMTHVINQGMAMYWGTSRWSSME
IMEAYSVARQFNLIPPICEQAEYHMFQREKVEVQLPELFHKIGVGAMTWSPLACGIVSGKYDSGIPPYSRASLKGYQWLK
DKILSEEGRRQQAKLKELQAIAERLGCTLPQLAIAWCLRNEGVSSVLLGASNAEQLMENIGAIQVLPKLSSSIVHEIDSI
LGNKPYSKKDYRS
;
A,G
2 'polypeptide(L)'
;MAHHHHHHHHHHGLVPRGSMTVATGDPVDEAAALPGHPQDTYDPEADHESSERVVINISGLRFETQLKTLAQFPETLLGD
PKKRMRYFDPLRNEYFFDRNRPSFDAILYYYQSGGRLRRPVNVPLDIFSEEIRFYELGEEAMEMFREDEGYIKEEERPLP
ENEFQRQVWLLFEYPESSGPARIIAIVSVMVILISIVSFCLETLPIFRDENEDMHGGGVTFHTYSQSTIGYQQSTSFTDP
FFIVETLCIIWFSFEFLVRFFACPSKAGFFTNIMNIIDIVAIIPYYVTIFLTESNKSVLQFQNVRRVVQIFRIMRILRIF
KLSRHSKGLQILGQTLKASMRELGLLIFFLFIGVILFSSAVYFAEADERDSQFPSIPDAFWWAVVSMTTVGYGDMVPTTI
GGKIVGSLCAIAGVLTIALPVPVIVSNFNYFYHRETEGEEQAQYLQVTSSPKIPSSPDLKKSRSASTISKSDYMEIQEGV
NNSNEDFREENLKTANSTLANTNYVNITKMLTDV
;
B,H
3 'polypeptide(L)' (PCA)FTNVSCTTSKECWSVCQRLHNTSRGMCMNKKCRCYS Y
#
loop_
_chem_comp.id
_chem_comp.type
_chem_comp.name
_chem_comp.formula
K non-polymer 'POTASSIUM ION' 'K 1'
NAP non-polymer 'NADP NICOTINAMIDE-ADENINE-DINUCLEOTIDE PHOSPHATE' 'C21 H28 N7 O17 P3'
PGW non-polymer '(1R)-2-{[(S)-{[(2S)-2,3-dihydroxypropyl]oxy}(hydroxy)phosphoryl]oxy}-1-[(hexadecanoyloxy)methyl]ethyl (9Z)-octadec-9-enoate' 'C40 H77 O10 P'
#
# COMPACT_ATOMS: atom_id res chain seq x y z
N LEU A 2 24.85 -31.13 108.58
CA LEU A 2 25.87 -31.45 109.63
C LEU A 2 26.09 -30.25 110.58
N GLN A 3 25.49 -29.12 110.23
CA GLN A 3 25.56 -27.92 111.07
C GLN A 3 24.43 -27.99 112.08
N PHE A 4 24.77 -28.19 113.36
CA PHE A 4 23.76 -28.29 114.40
C PHE A 4 22.85 -27.07 114.48
N TYR A 5 23.44 -25.88 114.36
CA TYR A 5 22.65 -24.66 114.41
C TYR A 5 22.43 -24.12 113.01
N ARG A 6 21.22 -23.65 112.76
CA ARG A 6 20.84 -23.11 111.46
C ARG A 6 20.13 -21.77 111.65
N ASN A 7 20.18 -20.91 110.64
CA ASN A 7 19.46 -19.65 110.73
C ASN A 7 18.01 -20.04 110.48
N LEU A 8 17.07 -19.38 111.15
CA LEU A 8 15.64 -19.65 110.92
C LEU A 8 15.30 -18.87 109.65
N GLY A 9 15.19 -19.57 108.53
CA GLY A 9 14.95 -18.88 107.26
C GLY A 9 16.20 -18.05 107.08
N LYS A 10 16.06 -16.82 106.58
CA LYS A 10 17.21 -15.96 106.39
C LYS A 10 17.35 -14.88 107.46
N SER A 11 16.76 -15.08 108.63
CA SER A 11 16.86 -14.10 109.71
C SER A 11 18.15 -14.39 110.49
N GLY A 12 18.49 -13.51 111.44
CA GLY A 12 19.69 -13.72 112.22
C GLY A 12 19.48 -14.65 113.41
N LEU A 13 18.26 -15.10 113.61
CA LEU A 13 17.92 -16.00 114.72
C LEU A 13 18.47 -17.40 114.44
N ARG A 14 19.37 -17.86 115.31
CA ARG A 14 19.99 -19.17 115.13
C ARG A 14 19.30 -20.21 116.01
N VAL A 15 18.77 -21.25 115.39
CA VAL A 15 18.09 -22.29 116.14
C VAL A 15 18.77 -23.63 115.94
N SER A 16 18.60 -24.51 116.91
CA SER A 16 19.15 -25.85 116.82
C SER A 16 18.27 -26.57 115.79
N CYS A 17 18.87 -27.39 114.92
CA CYS A 17 18.11 -28.09 113.89
C CYS A 17 16.96 -28.95 114.45
N LEU A 18 17.02 -29.23 115.75
CA LEU A 18 15.95 -29.98 116.40
C LEU A 18 15.43 -29.11 117.53
N GLY A 19 14.11 -29.14 117.73
CA GLY A 19 13.49 -28.37 118.79
C GLY A 19 12.54 -29.28 119.55
N LEU A 20 12.10 -28.86 120.73
CA LEU A 20 11.18 -29.67 121.50
C LEU A 20 9.87 -28.93 121.66
N GLY A 21 8.79 -29.56 121.27
CA GLY A 21 7.49 -28.94 121.38
C GLY A 21 6.77 -29.42 122.62
N THR A 22 5.58 -28.88 122.85
CA THR A 22 4.84 -29.21 124.06
C THR A 22 3.37 -29.63 123.85
N TRP A 23 2.98 -29.84 122.61
CA TRP A 23 1.61 -30.25 122.34
C TRP A 23 1.35 -31.66 122.91
N VAL A 24 0.16 -31.84 123.49
CA VAL A 24 -0.26 -33.10 124.10
C VAL A 24 0.42 -33.43 125.43
N THR A 25 1.74 -33.42 125.43
CA THR A 25 2.52 -33.76 126.62
C THR A 25 2.46 -32.81 127.82
N PHE A 26 3.08 -31.64 127.69
CA PHE A 26 3.13 -30.66 128.79
C PHE A 26 1.76 -30.27 129.34
N GLY A 27 1.63 -30.40 130.67
CA GLY A 27 0.38 -30.05 131.33
C GLY A 27 -0.74 -30.94 130.84
N GLY A 28 -0.39 -32.03 130.18
CA GLY A 28 -1.39 -32.95 129.67
C GLY A 28 -1.07 -34.40 129.95
N GLN A 29 -0.47 -35.06 128.97
CA GLN A 29 -0.14 -36.47 129.09
C GLN A 29 0.95 -36.77 130.13
N ILE A 30 2.04 -36.01 130.13
CA ILE A 30 3.12 -36.28 131.06
C ILE A 30 3.06 -35.40 132.31
N THR A 31 3.84 -35.76 133.33
CA THR A 31 3.86 -34.99 134.57
C THR A 31 4.81 -33.80 134.45
N ASP A 32 4.64 -32.83 135.34
CA ASP A 32 5.50 -31.65 135.34
C ASP A 32 6.96 -32.03 135.60
N GLU A 33 7.20 -33.09 136.38
CA GLU A 33 8.57 -33.54 136.67
C GLU A 33 9.20 -34.09 135.39
N MET A 34 8.42 -34.84 134.63
CA MET A 34 8.89 -35.43 133.37
C MET A 34 9.17 -34.32 132.35
N ALA A 35 8.27 -33.34 132.27
CA ALA A 35 8.44 -32.23 131.35
C ALA A 35 9.76 -31.54 131.67
N GLU A 36 10.03 -31.36 132.95
CA GLU A 36 11.27 -30.74 133.40
C GLU A 36 12.48 -31.56 133.01
N HIS A 37 12.33 -32.88 133.09
CA HIS A 37 13.40 -33.80 132.75
C HIS A 37 13.65 -33.73 131.24
N LEU A 38 12.58 -33.64 130.46
CA LEU A 38 12.70 -33.54 129.02
C LEU A 38 13.39 -32.25 128.61
N MET A 39 12.92 -31.12 129.15
CA MET A 39 13.54 -29.85 128.80
C MET A 39 15.00 -29.80 129.20
N THR A 40 15.33 -30.33 130.38
CA THR A 40 16.71 -30.32 130.82
C THR A 40 17.61 -31.13 129.88
N LEU A 41 17.16 -32.30 129.47
CA LEU A 41 17.93 -33.15 128.55
C LEU A 41 18.16 -32.42 127.24
N ALA A 42 17.08 -31.84 126.70
CA ALA A 42 17.14 -31.10 125.45
C ALA A 42 18.11 -29.93 125.56
N TYR A 43 17.91 -29.09 126.57
CA TYR A 43 18.76 -27.94 126.78
C TYR A 43 20.21 -28.35 126.92
N ASP A 44 20.48 -29.33 127.79
CA ASP A 44 21.85 -29.78 128.00
C ASP A 44 22.47 -30.42 126.76
N ASN A 45 21.64 -30.78 125.79
CA ASN A 45 22.15 -31.36 124.55
C ASN A 45 22.27 -30.32 123.44
N GLY A 46 22.13 -29.05 123.81
CA GLY A 46 22.26 -27.99 122.82
C GLY A 46 21.01 -27.55 122.09
N ILE A 47 19.86 -28.11 122.46
CA ILE A 47 18.62 -27.67 121.82
C ILE A 47 18.22 -26.35 122.48
N ASN A 48 18.01 -25.30 121.68
CA ASN A 48 17.61 -24.01 122.24
C ASN A 48 16.20 -23.59 121.84
N LEU A 49 15.55 -24.44 121.03
CA LEU A 49 14.22 -24.15 120.52
C LEU A 49 13.06 -24.92 121.20
N PHE A 50 12.17 -24.18 121.87
CA PHE A 50 11.03 -24.80 122.54
C PHE A 50 9.74 -24.14 122.06
N ASP A 51 8.80 -24.96 121.59
CA ASP A 51 7.53 -24.47 121.05
C ASP A 51 6.31 -24.80 121.90
N THR A 52 5.37 -23.87 121.95
CA THR A 52 4.14 -24.05 122.71
C THR A 52 3.00 -23.28 122.03
N ALA A 53 1.84 -23.21 122.68
CA ALA A 53 0.70 -22.53 122.10
C ALA A 53 -0.37 -22.26 123.17
N GLU A 54 -1.08 -21.15 123.01
CA GLU A 54 -2.12 -20.79 123.96
C GLU A 54 -3.14 -21.92 124.04
N VAL A 55 -3.38 -22.57 122.90
CA VAL A 55 -4.35 -23.63 122.85
C VAL A 55 -3.93 -24.97 123.48
N TYR A 56 -2.62 -25.21 123.65
CA TYR A 56 -2.21 -26.49 124.24
C TYR A 56 -2.58 -26.67 125.70
N ALA A 57 -3.49 -27.61 125.95
CA ALA A 57 -3.96 -27.91 127.29
C ALA A 57 -4.56 -26.65 127.92
N ALA A 58 -5.22 -25.86 127.08
CA ALA A 58 -5.86 -24.64 127.54
C ALA A 58 -4.92 -23.72 128.30
N GLY A 59 -3.68 -23.60 127.84
CA GLY A 59 -2.74 -22.71 128.50
C GLY A 59 -1.84 -23.35 129.53
N LYS A 60 -2.11 -24.60 129.89
CA LYS A 60 -1.29 -25.27 130.90
C LYS A 60 0.09 -25.64 130.37
N ALA A 61 0.22 -25.84 129.06
CA ALA A 61 1.52 -26.18 128.52
C ALA A 61 2.44 -24.97 128.71
N GLU A 62 1.92 -23.78 128.51
CA GLU A 62 2.71 -22.58 128.68
C GLU A 62 3.11 -22.37 130.15
N VAL A 63 2.22 -22.71 131.07
CA VAL A 63 2.52 -22.56 132.48
C VAL A 63 3.63 -23.51 132.90
N VAL A 64 3.58 -24.74 132.41
CA VAL A 64 4.60 -25.72 132.75
C VAL A 64 5.95 -25.35 132.17
N LEU A 65 5.97 -24.91 130.92
CA LEU A 65 7.21 -24.52 130.26
C LEU A 65 7.81 -23.35 131.03
N GLY A 66 6.98 -22.37 131.37
CA GLY A 66 7.46 -21.21 132.12
C GLY A 66 8.02 -21.55 133.49
N ASN A 67 7.39 -22.49 134.19
CA ASN A 67 7.87 -22.88 135.51
C ASN A 67 9.24 -23.54 135.43
N ILE A 68 9.46 -24.32 134.38
CA ILE A 68 10.75 -24.98 134.23
C ILE A 68 11.84 -23.96 133.96
N ILE A 69 11.57 -23.03 133.06
CA ILE A 69 12.53 -21.99 132.72
C ILE A 69 12.89 -21.18 133.96
N LYS A 70 11.88 -20.84 134.76
CA LYS A 70 12.09 -20.06 135.98
C LYS A 70 12.85 -20.86 137.05
N LYS A 71 12.49 -22.12 137.20
CA LYS A 71 13.12 -22.99 138.18
C LYS A 71 14.57 -23.31 137.84
N LYS A 72 14.85 -23.61 136.58
CA LYS A 72 16.21 -23.94 136.15
C LYS A 72 17.12 -22.72 136.10
N GLY A 73 16.52 -21.53 136.03
CA GLY A 73 17.32 -20.32 135.98
C GLY A 73 18.20 -20.13 134.77
N TRP A 74 17.87 -20.78 133.65
CA TRP A 74 18.68 -20.63 132.44
C TRP A 74 18.59 -19.19 131.93
N ARG A 75 19.71 -18.66 131.43
CA ARG A 75 19.72 -17.31 130.88
C ARG A 75 18.70 -17.21 129.75
N ARG A 76 17.83 -16.20 129.80
CA ARG A 76 16.82 -16.01 128.77
C ARG A 76 17.42 -15.87 127.37
N SER A 77 18.61 -15.28 127.29
CA SER A 77 19.28 -15.06 126.01
C SER A 77 19.83 -16.33 125.37
N SER A 78 19.75 -17.45 126.06
CA SER A 78 20.26 -18.69 125.49
C SER A 78 19.11 -19.57 125.02
N LEU A 79 17.89 -19.08 125.20
CA LEU A 79 16.68 -19.79 124.80
C LEU A 79 15.93 -19.14 123.64
N VAL A 80 15.24 -19.96 122.86
CA VAL A 80 14.44 -19.44 121.77
C VAL A 80 13.05 -20.01 122.02
N ILE A 81 12.20 -19.21 122.66
CA ILE A 81 10.84 -19.61 122.97
C ILE A 81 9.88 -19.12 121.89
N THR A 82 8.96 -19.98 121.46
CA THR A 82 7.99 -19.61 120.45
C THR A 82 6.61 -20.03 120.91
N THR A 83 5.60 -19.21 120.62
CA THR A 83 4.25 -19.58 121.00
C THR A 83 3.32 -19.20 119.87
N LYS A 84 2.24 -19.98 119.71
CA LYS A 84 1.29 -19.72 118.64
C LYS A 84 -0.03 -19.17 119.13
N ILE A 85 -0.60 -18.28 118.32
CA ILE A 85 -1.86 -17.62 118.64
C ILE A 85 -2.98 -17.85 117.61
N PHE A 86 -4.18 -18.13 118.11
CA PHE A 86 -5.39 -18.28 117.31
C PHE A 86 -6.61 -18.66 118.12
N TRP A 87 -6.54 -19.78 118.83
CA TRP A 87 -7.65 -20.24 119.65
C TRP A 87 -7.32 -19.90 121.09
N GLY A 88 -8.01 -18.93 121.67
CA GLY A 88 -7.71 -18.56 123.03
C GLY A 88 -8.89 -18.51 123.99
N GLY A 89 -10.06 -18.93 123.54
CA GLY A 89 -11.22 -18.91 124.42
C GLY A 89 -12.49 -19.19 123.69
N LYS A 90 -13.57 -19.36 124.44
CA LYS A 90 -14.89 -19.67 123.89
C LYS A 90 -15.62 -18.45 123.37
N ALA A 91 -15.21 -17.27 123.84
CA ALA A 91 -15.85 -16.02 123.40
C ALA A 91 -15.54 -15.74 121.93
N GLU A 92 -16.46 -15.08 121.24
CA GLU A 92 -16.28 -14.76 119.83
C GLU A 92 -15.00 -13.96 119.55
N THR A 93 -14.67 -13.01 120.42
CA THR A 93 -13.49 -12.20 120.22
C THR A 93 -12.19 -12.80 120.75
N GLU A 94 -12.24 -14.03 121.26
CA GLU A 94 -11.05 -14.68 121.78
C GLU A 94 -10.38 -15.65 120.80
N ARG A 95 -10.68 -15.51 119.52
CA ARG A 95 -10.06 -16.36 118.51
C ARG A 95 -9.83 -15.60 117.22
N GLY A 96 -8.82 -15.99 116.46
CA GLY A 96 -8.54 -15.33 115.21
C GLY A 96 -7.26 -14.52 115.21
N LEU A 97 -7.03 -13.78 114.13
CA LEU A 97 -5.82 -12.99 114.01
C LEU A 97 -6.12 -11.51 113.95
N SER A 98 -7.17 -11.08 114.63
CA SER A 98 -7.51 -9.67 114.66
C SER A 98 -6.47 -9.02 115.56
N ARG A 99 -6.38 -7.69 115.51
CA ARG A 99 -5.42 -6.98 116.34
C ARG A 99 -5.76 -7.24 117.82
N LYS A 100 -7.06 -7.25 118.12
CA LYS A 100 -7.52 -7.50 119.48
C LYS A 100 -7.02 -8.84 120.01
N HIS A 101 -7.28 -9.93 119.30
CA HIS A 101 -6.85 -11.21 119.83
C HIS A 101 -5.33 -11.43 119.83
N ILE A 102 -4.61 -10.92 118.83
CA ILE A 102 -3.17 -11.11 118.81
C ILE A 102 -2.50 -10.47 120.03
N ILE A 103 -2.91 -9.25 120.35
CA ILE A 103 -2.34 -8.56 121.50
C ILE A 103 -2.80 -9.19 122.81
N GLU A 104 -4.09 -9.47 122.92
CA GLU A 104 -4.61 -10.07 124.16
C GLU A 104 -4.12 -11.51 124.32
N GLY A 105 -4.04 -12.23 123.21
CA GLY A 105 -3.57 -13.59 123.25
C GLY A 105 -2.11 -13.67 123.68
N LEU A 106 -1.25 -12.89 123.02
CA LEU A 106 0.17 -12.90 123.36
C LEU A 106 0.43 -12.42 124.78
N LYS A 107 -0.28 -11.39 125.19
CA LYS A 107 -0.12 -10.84 126.53
C LYS A 107 -0.46 -11.91 127.57
N ALA A 108 -1.52 -12.67 127.32
CA ALA A 108 -1.92 -13.73 128.24
C ALA A 108 -0.94 -14.91 128.21
N SER A 109 -0.40 -15.22 127.03
CA SER A 109 0.57 -16.30 126.92
C SER A 109 1.81 -15.93 127.69
N LEU A 110 2.25 -14.69 127.52
CA LEU A 110 3.45 -14.21 128.21
C LEU A 110 3.26 -14.24 129.72
N GLU A 111 2.04 -13.94 130.18
CA GLU A 111 1.77 -13.97 131.62
C GLU A 111 1.86 -15.40 132.12
N ARG A 112 1.32 -16.36 131.38
CA ARG A 112 1.40 -17.76 131.78
C ARG A 112 2.83 -18.29 131.73
N LEU A 113 3.59 -17.84 130.72
CA LEU A 113 4.98 -18.25 130.53
C LEU A 113 5.92 -17.53 131.50
N GLN A 114 5.41 -16.49 132.15
CA GLN A 114 6.24 -15.69 133.06
C GLN A 114 7.45 -15.14 132.33
N LEU A 115 7.22 -14.67 131.09
CA LEU A 115 8.29 -14.10 130.28
C LEU A 115 7.89 -12.70 129.81
N GLU A 116 8.89 -11.87 129.53
CA GLU A 116 8.62 -10.52 129.06
C GLU A 116 8.31 -10.61 127.56
N TYR A 117 8.87 -11.63 126.90
CA TYR A 117 8.66 -11.79 125.47
C TYR A 117 9.01 -13.18 124.96
N VAL A 118 8.50 -13.51 123.78
CA VAL A 118 8.82 -14.79 123.15
C VAL A 118 9.75 -14.37 122.02
N ASP A 119 10.53 -15.30 121.48
CA ASP A 119 11.42 -14.95 120.40
C ASP A 119 10.65 -14.88 119.08
N VAL A 120 9.70 -15.79 118.91
CA VAL A 120 8.88 -15.81 117.71
C VAL A 120 7.43 -16.07 118.08
N VAL A 121 6.51 -15.23 117.61
CA VAL A 121 5.11 -15.47 117.86
C VAL A 121 4.53 -15.86 116.49
N PHE A 122 3.74 -16.93 116.49
CA PHE A 122 3.12 -17.43 115.26
C PHE A 122 1.62 -17.28 115.23
N ALA A 123 1.09 -17.13 114.03
CA ALA A 123 -0.35 -17.12 113.81
C ALA A 123 -0.55 -18.64 113.70
N ASN A 124 -1.25 -19.27 114.64
CA ASN A 124 -1.42 -20.72 114.60
C ASN A 124 -2.03 -21.24 113.29
N ARG A 125 -2.78 -20.39 112.59
CA ARG A 125 -3.39 -20.74 111.31
C ARG A 125 -3.89 -19.47 110.61
N PRO A 126 -4.27 -19.56 109.33
CA PRO A 126 -4.76 -18.39 108.60
C PRO A 126 -6.14 -17.93 109.06
N ASP A 127 -6.42 -16.65 108.89
CA ASP A 127 -7.72 -16.11 109.30
C ASP A 127 -8.42 -15.41 108.14
N PRO A 128 -9.34 -16.12 107.46
CA PRO A 128 -10.12 -15.61 106.31
C PRO A 128 -10.95 -14.39 106.70
N ASN A 129 -11.17 -14.22 108.00
CA ASN A 129 -11.96 -13.11 108.52
C ASN A 129 -11.25 -11.83 108.93
N THR A 130 -9.93 -11.79 108.82
CA THR A 130 -9.19 -10.59 109.19
C THR A 130 -8.32 -10.14 108.04
N PRO A 131 -8.40 -8.85 107.67
CA PRO A 131 -7.58 -8.33 106.57
C PRO A 131 -6.11 -8.56 106.89
N MET A 132 -5.33 -8.94 105.89
CA MET A 132 -3.92 -9.19 106.09
C MET A 132 -3.22 -8.00 106.75
N GLU A 133 -3.60 -6.79 106.32
CA GLU A 133 -3.02 -5.57 106.87
C GLU A 133 -3.14 -5.51 108.39
N GLU A 134 -4.33 -5.80 108.92
CA GLU A 134 -4.55 -5.75 110.35
C GLU A 134 -3.62 -6.74 111.06
N THR A 135 -3.55 -7.96 110.53
CA THR A 135 -2.72 -8.99 111.11
C THR A 135 -1.24 -8.62 111.07
N VAL A 136 -0.75 -8.20 109.91
CA VAL A 136 0.65 -7.82 109.79
C VAL A 136 0.97 -6.63 110.71
N ARG A 137 0.05 -5.66 110.78
CA ARG A 137 0.26 -4.50 111.65
C ARG A 137 0.27 -4.90 113.12
N ALA A 138 -0.53 -5.90 113.48
CA ALA A 138 -0.61 -6.33 114.87
C ALA A 138 0.65 -7.10 115.29
N MET A 139 1.15 -7.92 114.38
CA MET A 139 2.37 -8.69 114.62
C MET A 139 3.49 -7.67 114.77
N THR A 140 3.50 -6.69 113.88
CA THR A 140 4.53 -5.66 113.94
C THR A 140 4.45 -4.86 115.24
N HIS A 141 3.24 -4.60 115.69
CA HIS A 141 3.04 -3.86 116.92
C HIS A 141 3.59 -4.64 118.13
N VAL A 142 3.29 -5.93 118.26
CA VAL A 142 3.81 -6.62 119.44
C VAL A 142 5.33 -6.76 119.40
N ILE A 143 5.91 -6.72 118.21
CA ILE A 143 7.35 -6.80 118.10
C ILE A 143 7.95 -5.44 118.54
N ASN A 144 7.33 -4.34 118.11
CA ASN A 144 7.84 -3.02 118.49
C ASN A 144 7.63 -2.73 119.98
N GLN A 145 6.66 -3.44 120.58
CA GLN A 145 6.36 -3.30 122.00
C GLN A 145 7.30 -4.18 122.83
N GLY A 146 8.17 -4.94 122.16
CA GLY A 146 9.06 -5.82 122.86
C GLY A 146 8.40 -7.07 123.43
N MET A 147 7.26 -7.47 122.86
CA MET A 147 6.56 -8.67 123.33
C MET A 147 7.03 -9.91 122.53
N ALA A 148 7.66 -9.66 121.40
CA ALA A 148 8.16 -10.73 120.56
C ALA A 148 9.32 -10.16 119.76
N MET A 149 10.23 -11.02 119.31
CA MET A 149 11.38 -10.58 118.53
C MET A 149 11.09 -10.70 117.04
N TYR A 150 10.33 -11.72 116.67
CA TYR A 150 9.98 -11.97 115.28
C TYR A 150 8.61 -12.64 115.24
N TRP A 151 8.03 -12.77 114.04
CA TRP A 151 6.75 -13.45 113.93
C TRP A 151 6.74 -14.39 112.73
N GLY A 152 5.84 -15.35 112.76
CA GLY A 152 5.74 -16.29 111.66
C GLY A 152 4.32 -16.81 111.48
N THR A 153 4.13 -17.57 110.41
CA THR A 153 2.85 -18.15 110.08
C THR A 153 2.82 -19.66 110.34
N SER A 154 1.61 -20.22 110.36
CA SER A 154 1.45 -21.65 110.57
C SER A 154 0.18 -22.15 109.87
N ARG A 155 0.38 -23.09 108.95
CA ARG A 155 -0.69 -23.68 108.17
C ARG A 155 -1.21 -22.71 107.10
N TRP A 156 -0.38 -21.74 106.74
CA TRP A 156 -0.73 -20.76 105.70
C TRP A 156 -0.24 -21.29 104.36
N SER A 157 -0.94 -20.91 103.29
CA SER A 157 -0.54 -21.33 101.95
C SER A 157 0.60 -20.38 101.58
N SER A 158 1.33 -20.68 100.52
CA SER A 158 2.41 -19.81 100.13
C SER A 158 1.83 -18.51 99.62
N MET A 159 0.62 -18.58 99.10
CA MET A 159 -0.03 -17.38 98.58
C MET A 159 -0.25 -16.41 99.75
N GLU A 160 -0.78 -16.94 100.85
CA GLU A 160 -1.03 -16.14 102.04
C GLU A 160 0.25 -15.59 102.70
N ILE A 161 1.33 -16.38 102.68
CA ILE A 161 2.58 -15.95 103.26
C ILE A 161 3.15 -14.82 102.42
N MET A 162 3.07 -14.97 101.10
CA MET A 162 3.56 -13.95 100.19
C MET A 162 2.76 -12.67 100.39
N GLU A 163 1.45 -12.82 100.64
CA GLU A 163 0.58 -11.67 100.86
C GLU A 163 1.03 -10.91 102.11
N ALA A 164 1.26 -11.63 103.20
CA ALA A 164 1.72 -11.00 104.43
C ALA A 164 3.03 -10.24 104.16
N TYR A 165 3.89 -10.81 103.33
CA TYR A 165 5.17 -10.20 102.97
C TYR A 165 4.98 -8.92 102.16
N SER A 166 4.13 -8.95 101.13
CA SER A 166 3.95 -7.74 100.32
C SER A 166 3.21 -6.65 101.08
N VAL A 167 2.27 -7.03 101.93
CA VAL A 167 1.56 -6.03 102.73
C VAL A 167 2.59 -5.38 103.68
N ALA A 168 3.55 -6.15 104.15
CA ALA A 168 4.58 -5.61 105.03
C ALA A 168 5.43 -4.58 104.29
N ARG A 169 5.82 -4.88 103.05
CA ARG A 169 6.62 -3.94 102.27
C ARG A 169 5.82 -2.69 101.92
N GLN A 170 4.55 -2.88 101.60
CA GLN A 170 3.68 -1.77 101.23
C GLN A 170 3.56 -0.74 102.35
N PHE A 171 3.40 -1.21 103.59
CA PHE A 171 3.24 -0.30 104.71
C PHE A 171 4.47 -0.16 105.58
N ASN A 172 5.59 -0.70 105.13
CA ASN A 172 6.83 -0.60 105.90
C ASN A 172 6.68 -1.32 107.24
N LEU A 173 6.10 -2.51 107.21
CA LEU A 173 5.92 -3.29 108.42
C LEU A 173 6.97 -4.41 108.42
N ILE A 174 6.87 -5.31 109.38
CA ILE A 174 7.83 -6.40 109.50
C ILE A 174 7.28 -7.69 108.90
N PRO A 175 8.00 -8.28 107.94
CA PRO A 175 7.59 -9.51 107.28
C PRO A 175 7.78 -10.74 108.17
N PRO A 176 6.98 -11.79 107.95
CA PRO A 176 7.13 -13.01 108.76
C PRO A 176 8.46 -13.64 108.33
N ILE A 177 9.11 -14.37 109.23
CA ILE A 177 10.39 -14.99 108.89
C ILE A 177 10.28 -16.50 108.82
N CYS A 178 9.12 -17.05 109.18
CA CYS A 178 9.00 -18.49 109.22
C CYS A 178 7.58 -19.03 109.10
N GLU A 179 7.45 -20.24 108.56
CA GLU A 179 6.16 -20.91 108.44
C GLU A 179 6.29 -22.24 109.19
N GLN A 180 5.38 -22.51 110.11
CA GLN A 180 5.42 -23.77 110.84
C GLN A 180 4.50 -24.74 110.13
N ALA A 181 5.09 -25.59 109.29
CA ALA A 181 4.32 -26.55 108.51
C ALA A 181 4.52 -28.01 108.91
N GLU A 182 3.45 -28.78 108.78
CA GLU A 182 3.49 -30.20 109.09
C GLU A 182 4.38 -30.85 108.03
N TYR A 183 5.25 -31.77 108.47
CA TYR A 183 6.15 -32.43 107.54
C TYR A 183 6.67 -33.76 108.04
N HIS A 184 6.44 -34.80 107.25
CA HIS A 184 6.91 -36.14 107.55
C HIS A 184 6.74 -36.99 106.30
N MET A 185 7.27 -38.21 106.32
CA MET A 185 7.21 -39.09 105.15
C MET A 185 5.85 -39.28 104.49
N PHE A 186 4.77 -38.93 105.18
CA PHE A 186 3.43 -39.06 104.59
C PHE A 186 2.68 -37.74 104.44
N GLN A 187 3.42 -36.63 104.41
CA GLN A 187 2.86 -35.28 104.26
C GLN A 187 4.03 -34.43 103.78
N ARG A 188 4.21 -34.38 102.45
CA ARG A 188 5.37 -33.71 101.87
C ARG A 188 5.15 -32.59 100.89
N GLU A 189 3.94 -32.52 100.33
CA GLU A 189 3.61 -31.54 99.31
C GLU A 189 4.03 -30.10 99.59
N LYS A 190 3.45 -29.51 100.64
CA LYS A 190 3.73 -28.13 100.98
C LYS A 190 5.19 -27.77 101.17
N VAL A 191 5.87 -28.49 102.06
CA VAL A 191 7.27 -28.22 102.33
C VAL A 191 8.22 -28.47 101.18
N GLU A 192 7.95 -29.49 100.36
CA GLU A 192 8.86 -29.82 99.27
C GLU A 192 8.54 -29.13 97.95
N VAL A 193 7.28 -28.78 97.75
CA VAL A 193 6.89 -28.13 96.52
C VAL A 193 6.60 -26.64 96.58
N GLN A 194 5.96 -26.17 97.66
CA GLN A 194 5.59 -24.76 97.75
C GLN A 194 6.45 -23.83 98.59
N LEU A 195 7.02 -24.33 99.68
CA LEU A 195 7.84 -23.48 100.53
C LEU A 195 9.24 -23.14 100.03
N PRO A 196 9.86 -24.01 99.22
CA PRO A 196 11.21 -23.68 98.75
C PRO A 196 11.34 -22.36 97.99
N GLU A 197 10.34 -22.03 97.18
CA GLU A 197 10.37 -20.79 96.42
C GLU A 197 10.39 -19.61 97.39
N LEU A 198 9.57 -19.70 98.44
CA LEU A 198 9.49 -18.63 99.42
C LEU A 198 10.80 -18.48 100.19
N PHE A 199 11.47 -19.58 100.45
CA PHE A 199 12.73 -19.53 101.18
C PHE A 199 13.78 -18.81 100.36
N HIS A 200 13.83 -19.07 99.06
CA HIS A 200 14.82 -18.41 98.23
C HIS A 200 14.42 -17.00 97.84
N LYS A 201 13.13 -16.78 97.63
CA LYS A 201 12.64 -15.48 97.20
C LYS A 201 12.52 -14.44 98.32
N ILE A 202 11.83 -14.78 99.41
CA ILE A 202 11.67 -13.81 100.50
C ILE A 202 12.27 -14.25 101.84
N GLY A 203 13.13 -15.26 101.82
CA GLY A 203 13.79 -15.69 103.03
C GLY A 203 13.00 -16.41 104.11
N VAL A 204 11.76 -16.79 103.81
CA VAL A 204 10.96 -17.49 104.80
C VAL A 204 11.41 -18.94 104.95
N GLY A 205 11.79 -19.30 106.17
CA GLY A 205 12.23 -20.67 106.41
C GLY A 205 11.13 -21.52 106.97
N ALA A 206 11.35 -22.83 107.01
CA ALA A 206 10.32 -23.70 107.55
C ALA A 206 10.76 -24.36 108.85
N MET A 207 9.84 -24.39 109.79
CA MET A 207 10.04 -25.02 111.09
C MET A 207 8.91 -26.06 111.04
N THR A 208 9.28 -27.32 110.82
CA THR A 208 8.28 -28.37 110.65
C THR A 208 7.89 -29.10 111.91
N TRP A 209 6.63 -29.53 111.95
CA TRP A 209 6.12 -30.24 113.11
C TRP A 209 5.68 -31.67 112.80
N SER A 210 5.42 -32.44 113.87
CA SER A 210 5.01 -33.85 113.77
C SER A 210 5.88 -34.67 112.81
N PRO A 211 7.20 -34.68 113.02
CA PRO A 211 8.09 -35.44 112.12
C PRO A 211 7.82 -36.95 112.10
N LEU A 212 7.19 -37.46 113.13
CA LEU A 212 6.87 -38.89 113.19
C LEU A 212 5.37 -39.12 113.05
N ALA A 213 4.67 -38.15 112.47
CA ALA A 213 3.22 -38.20 112.30
C ALA A 213 2.52 -38.61 113.60
N CYS A 214 2.92 -37.98 114.71
CA CYS A 214 2.36 -38.25 116.04
C CYS A 214 2.80 -39.57 116.66
N GLY A 215 3.73 -40.26 116.00
CA GLY A 215 4.20 -41.54 116.51
C GLY A 215 4.02 -42.63 115.46
N ILE A 216 3.12 -42.39 114.52
CA ILE A 216 2.83 -43.33 113.45
C ILE A 216 4.10 -43.79 112.75
N VAL A 217 4.98 -42.85 112.42
CA VAL A 217 6.21 -43.19 111.73
C VAL A 217 7.29 -43.78 112.64
N SER A 218 7.00 -43.92 113.93
CA SER A 218 7.97 -44.48 114.86
C SER A 218 8.09 -45.97 114.66
N GLY A 219 6.98 -46.62 114.36
CA GLY A 219 6.97 -48.06 114.14
C GLY A 219 6.30 -48.79 115.30
N LYS A 220 5.93 -48.05 116.33
CA LYS A 220 5.29 -48.64 117.51
C LYS A 220 3.89 -49.18 117.25
N TYR A 221 3.28 -48.80 116.12
CA TYR A 221 1.93 -49.24 115.80
C TYR A 221 1.89 -50.35 114.73
N ASP A 222 3.03 -50.96 114.45
CA ASP A 222 3.09 -52.01 113.44
C ASP A 222 2.12 -53.16 113.69
N SER A 223 1.70 -53.33 114.94
CA SER A 223 0.77 -54.41 115.26
C SER A 223 -0.28 -54.04 116.32
N GLY A 224 -0.98 -52.92 116.13
CA GLY A 224 -2.00 -52.52 117.08
C GLY A 224 -1.66 -51.31 117.94
N ILE A 225 -2.65 -50.82 118.67
CA ILE A 225 -2.51 -49.66 119.54
C ILE A 225 -1.91 -50.01 120.91
N PRO A 226 -0.62 -49.75 121.12
CA PRO A 226 0.01 -50.07 122.41
C PRO A 226 -0.61 -49.29 123.58
N PRO A 227 -0.50 -49.83 124.80
CA PRO A 227 -1.08 -49.13 125.96
C PRO A 227 -0.19 -47.93 126.27
N TYR A 228 -0.81 -46.80 126.59
CA TYR A 228 -0.09 -45.58 126.94
C TYR A 228 0.51 -44.81 125.77
N SER A 229 0.16 -45.22 124.54
CA SER A 229 0.66 -44.54 123.36
C SER A 229 -0.31 -43.38 123.10
N ARG A 230 0.08 -42.42 122.27
CA ARG A 230 -0.81 -41.29 122.04
C ARG A 230 -2.15 -41.72 121.44
N ALA A 231 -2.14 -42.68 120.52
CA ALA A 231 -3.38 -43.14 119.89
C ALA A 231 -4.36 -43.76 120.89
N SER A 232 -3.85 -44.19 122.04
CA SER A 232 -4.69 -44.80 123.06
C SER A 232 -5.33 -43.76 123.97
N LEU A 233 -4.67 -42.62 124.11
CA LEU A 233 -5.14 -41.54 124.97
C LEU A 233 -6.56 -41.05 124.67
N LYS A 234 -7.27 -40.71 125.74
CA LYS A 234 -8.62 -40.19 125.66
C LYS A 234 -8.58 -38.86 124.92
N GLY A 235 -9.43 -38.71 123.92
CA GLY A 235 -9.45 -37.48 123.16
C GLY A 235 -8.70 -37.58 121.85
N TYR A 236 -8.01 -38.70 121.63
CA TYR A 236 -7.27 -38.88 120.40
C TYR A 236 -7.78 -40.04 119.56
N GLN A 237 -9.10 -40.19 119.55
CA GLN A 237 -9.75 -41.24 118.78
C GLN A 237 -9.45 -41.07 117.30
N TRP A 238 -9.36 -39.82 116.86
CA TRP A 238 -9.06 -39.53 115.45
C TRP A 238 -7.74 -40.16 115.02
N LEU A 239 -6.76 -40.13 115.92
CA LEU A 239 -5.45 -40.69 115.62
C LEU A 239 -5.53 -42.21 115.51
N LYS A 240 -6.25 -42.83 116.43
CA LYS A 240 -6.42 -44.29 116.42
C LYS A 240 -7.10 -44.69 115.10
N ASP A 241 -8.17 -44.00 114.74
CA ASP A 241 -8.88 -44.29 113.50
C ASP A 241 -7.95 -44.28 112.29
N LYS A 242 -7.13 -43.23 112.19
CA LYS A 242 -6.19 -43.12 111.07
C LYS A 242 -5.25 -44.31 110.98
N ILE A 243 -4.74 -44.75 112.13
CA ILE A 243 -3.81 -45.87 112.19
C ILE A 243 -4.43 -47.23 111.83
N LEU A 244 -5.69 -47.43 112.20
CA LEU A 244 -6.37 -48.69 111.92
C LEU A 244 -7.09 -48.69 110.59
N SER A 245 -7.20 -47.52 109.96
CA SER A 245 -7.88 -47.41 108.68
C SER A 245 -7.16 -48.19 107.58
N GLU A 246 -7.66 -48.03 106.36
CA GLU A 246 -7.07 -48.69 105.21
C GLU A 246 -5.69 -48.07 105.00
N GLU A 247 -5.69 -46.77 104.72
CA GLU A 247 -4.45 -46.03 104.50
C GLU A 247 -3.50 -46.29 105.66
N GLY A 248 -4.05 -46.51 106.84
CA GLY A 248 -3.22 -46.77 108.01
C GLY A 248 -2.37 -48.02 107.88
N ARG A 249 -2.98 -49.11 107.42
CA ARG A 249 -2.23 -50.35 107.25
C ARG A 249 -1.18 -50.21 106.16
N ARG A 250 -1.53 -49.49 105.10
CA ARG A 250 -0.59 -49.30 104.01
C ARG A 250 0.67 -48.61 104.51
N GLN A 251 0.50 -47.63 105.39
CA GLN A 251 1.62 -46.89 105.96
C GLN A 251 2.49 -47.80 106.81
N GLN A 252 1.86 -48.60 107.68
CA GLN A 252 2.62 -49.51 108.52
C GLN A 252 3.36 -50.53 107.66
N ALA A 253 2.77 -50.90 106.54
CA ALA A 253 3.39 -51.86 105.63
C ALA A 253 4.68 -51.24 105.10
N LYS A 254 4.58 -49.99 104.65
CA LYS A 254 5.74 -49.29 104.12
C LYS A 254 6.79 -49.01 105.20
N LEU A 255 6.36 -48.78 106.43
CA LEU A 255 7.31 -48.55 107.51
C LEU A 255 8.20 -49.77 107.67
N LYS A 256 7.62 -50.95 107.44
CA LYS A 256 8.37 -52.20 107.56
C LYS A 256 9.46 -52.28 106.49
N GLU A 257 9.18 -51.69 105.32
CA GLU A 257 10.17 -51.67 104.24
C GLU A 257 11.28 -50.67 104.57
N LEU A 258 10.91 -49.55 105.16
CA LEU A 258 11.87 -48.51 105.52
C LEU A 258 12.78 -49.03 106.62
N GLN A 259 12.29 -49.99 107.39
CA GLN A 259 13.06 -50.56 108.47
C GLN A 259 14.39 -51.11 107.94
N ALA A 260 14.40 -51.61 106.71
CA ALA A 260 15.61 -52.14 106.11
C ALA A 260 16.60 -51.03 105.81
N ILE A 261 16.06 -49.89 105.38
CA ILE A 261 16.89 -48.72 105.08
C ILE A 261 17.55 -48.25 106.37
N ALA A 262 16.79 -48.29 107.46
CA ALA A 262 17.31 -47.87 108.75
C ALA A 262 18.51 -48.71 109.14
N GLU A 263 18.39 -50.02 109.03
CA GLU A 263 19.48 -50.91 109.41
C GLU A 263 20.71 -50.73 108.52
N ARG A 264 20.51 -50.49 107.23
CA ARG A 264 21.65 -50.28 106.35
C ARG A 264 22.38 -49.02 106.77
N LEU A 265 21.62 -48.06 107.31
CA LEU A 265 22.20 -46.80 107.77
C LEU A 265 22.68 -46.90 109.22
N GLY A 266 22.29 -47.97 109.90
CA GLY A 266 22.71 -48.16 111.28
C GLY A 266 21.94 -47.38 112.32
N CYS A 267 20.68 -47.06 112.02
CA CYS A 267 19.88 -46.28 112.95
C CYS A 267 18.48 -46.83 113.13
N THR A 268 17.76 -46.25 114.08
CA THR A 268 16.39 -46.65 114.38
C THR A 268 15.48 -45.93 113.40
N LEU A 269 14.24 -46.40 113.28
CA LEU A 269 13.30 -45.79 112.36
C LEU A 269 13.01 -44.32 112.70
N PRO A 270 12.76 -43.99 113.98
CA PRO A 270 12.50 -42.59 114.34
C PRO A 270 13.69 -41.70 113.95
N GLN A 271 14.90 -42.19 114.21
CA GLN A 271 16.09 -41.42 113.87
C GLN A 271 16.18 -41.13 112.37
N LEU A 272 15.67 -42.05 111.57
CA LEU A 272 15.70 -41.89 110.12
C LEU A 272 14.60 -40.92 109.65
N ALA A 273 13.41 -41.08 110.23
CA ALA A 273 12.27 -40.24 109.86
C ALA A 273 12.55 -38.77 110.16
N ILE A 274 13.22 -38.51 111.28
CA ILE A 274 13.55 -37.16 111.69
C ILE A 274 14.68 -36.59 110.83
N ALA A 275 15.75 -37.36 110.68
CA ALA A 275 16.89 -36.93 109.86
C ALA A 275 16.43 -36.63 108.44
N TRP A 276 15.46 -37.39 107.97
CA TRP A 276 14.92 -37.24 106.62
C TRP A 276 14.29 -35.84 106.45
N CYS A 277 13.55 -35.40 107.46
CA CYS A 277 12.92 -34.08 107.43
C CYS A 277 13.94 -32.95 107.28
N LEU A 278 15.14 -33.18 107.80
CA LEU A 278 16.23 -32.21 107.77
C LEU A 278 17.12 -32.23 106.52
N ARG A 279 16.84 -33.12 105.57
CA ARG A 279 17.69 -33.18 104.37
C ARG A 279 17.63 -31.94 103.47
N ASN A 280 16.49 -31.27 103.40
CA ASN A 280 16.34 -30.07 102.56
C ASN A 280 16.85 -28.85 103.32
N GLU A 281 17.55 -27.95 102.64
CA GLU A 281 18.09 -26.76 103.31
C GLU A 281 16.96 -25.80 103.72
N GLY A 282 15.82 -25.91 103.04
CA GLY A 282 14.69 -25.06 103.34
C GLY A 282 14.10 -25.31 104.72
N VAL A 283 14.35 -26.48 105.29
CA VAL A 283 13.85 -26.78 106.62
C VAL A 283 14.88 -26.30 107.64
N SER A 284 14.51 -25.28 108.41
CA SER A 284 15.40 -24.70 109.41
C SER A 284 15.52 -25.58 110.63
N SER A 285 14.39 -26.08 111.11
CA SER A 285 14.39 -26.92 112.29
C SER A 285 13.15 -27.83 112.34
N VAL A 286 13.27 -28.92 113.09
CA VAL A 286 12.18 -29.87 113.23
C VAL A 286 11.77 -29.94 114.69
N LEU A 287 10.48 -29.73 114.94
CA LEU A 287 9.97 -29.78 116.30
C LEU A 287 9.63 -31.20 116.70
N LEU A 288 10.30 -31.69 117.74
CA LEU A 288 10.09 -33.04 118.23
C LEU A 288 9.03 -33.13 119.32
N GLY A 289 8.40 -34.29 119.42
CA GLY A 289 7.43 -34.53 120.46
C GLY A 289 7.98 -35.72 121.26
N ALA A 290 7.82 -35.70 122.58
CA ALA A 290 8.32 -36.82 123.38
C ALA A 290 7.51 -37.00 124.67
N SER A 291 7.07 -38.23 124.94
CA SER A 291 6.29 -38.48 126.15
C SER A 291 7.18 -38.95 127.30
N ASN A 292 8.44 -39.26 126.99
CA ASN A 292 9.41 -39.67 128.02
C ASN A 292 10.84 -39.43 127.56
N ALA A 293 11.76 -39.48 128.52
CA ALA A 293 13.18 -39.24 128.26
C ALA A 293 13.85 -40.19 127.27
N GLU A 294 13.40 -41.44 127.22
CA GLU A 294 13.98 -42.42 126.29
C GLU A 294 13.81 -41.98 124.85
N GLN A 295 12.59 -41.59 124.51
CA GLN A 295 12.28 -41.15 123.16
C GLN A 295 13.15 -39.97 122.73
N LEU A 296 13.26 -38.97 123.59
CA LEU A 296 14.06 -37.81 123.28
C LEU A 296 15.52 -38.18 123.03
N MET A 297 16.11 -38.99 123.92
CA MET A 297 17.50 -39.40 123.75
C MET A 297 17.71 -40.15 122.44
N GLU A 298 16.74 -40.98 122.07
CA GLU A 298 16.87 -41.72 120.83
C GLU A 298 16.75 -40.80 119.62
N ASN A 299 15.71 -39.96 119.61
CA ASN A 299 15.44 -39.05 118.51
C ASN A 299 16.55 -38.05 118.21
N ILE A 300 17.20 -37.54 119.25
CA ILE A 300 18.28 -36.59 119.06
C ILE A 300 19.39 -37.23 118.22
N GLY A 301 19.41 -38.56 118.18
CA GLY A 301 20.41 -39.27 117.41
C GLY A 301 20.24 -39.14 115.91
N ALA A 302 19.10 -38.60 115.48
CA ALA A 302 18.82 -38.40 114.05
C ALA A 302 19.90 -37.53 113.38
N ILE A 303 20.58 -36.72 114.17
CA ILE A 303 21.62 -35.85 113.65
C ILE A 303 22.83 -36.59 113.08
N GLN A 304 23.09 -37.80 113.57
CA GLN A 304 24.22 -38.59 113.07
C GLN A 304 23.84 -39.26 111.76
N VAL A 305 22.54 -39.44 111.53
CA VAL A 305 22.06 -40.07 110.31
C VAL A 305 22.08 -39.10 109.13
N LEU A 306 21.81 -37.83 109.40
CA LEU A 306 21.76 -36.82 108.35
C LEU A 306 22.87 -36.90 107.29
N PRO A 307 24.14 -37.04 107.71
CA PRO A 307 25.25 -37.13 106.74
C PRO A 307 25.18 -38.35 105.82
N LYS A 308 24.50 -39.40 106.26
CA LYS A 308 24.38 -40.64 105.49
C LYS A 308 23.30 -40.61 104.41
N LEU A 309 22.40 -39.62 104.47
CA LEU A 309 21.33 -39.54 103.50
C LEU A 309 21.83 -39.10 102.13
N SER A 310 22.35 -40.06 101.37
CA SER A 310 22.87 -39.80 100.03
C SER A 310 21.74 -39.77 99.02
N SER A 311 22.04 -39.29 97.82
CA SER A 311 21.05 -39.20 96.76
C SER A 311 20.39 -40.56 96.55
N SER A 312 21.21 -41.59 96.51
CA SER A 312 20.72 -42.95 96.30
C SER A 312 19.72 -43.35 97.38
N ILE A 313 20.10 -43.19 98.64
CA ILE A 313 19.21 -43.53 99.75
C ILE A 313 17.88 -42.76 99.69
N VAL A 314 17.94 -41.46 99.40
CA VAL A 314 16.72 -40.67 99.32
C VAL A 314 15.84 -41.19 98.20
N HIS A 315 16.45 -41.49 97.06
CA HIS A 315 15.68 -41.99 95.93
C HIS A 315 15.07 -43.35 96.28
N GLU A 316 15.76 -44.13 97.10
CA GLU A 316 15.19 -45.43 97.47
C GLU A 316 13.99 -45.23 98.37
N ILE A 317 14.13 -44.32 99.34
CA ILE A 317 13.05 -44.00 100.27
C ILE A 317 11.83 -43.49 99.48
N ASP A 318 12.07 -42.74 98.41
CA ASP A 318 10.95 -42.25 97.59
C ASP A 318 10.25 -43.41 96.89
N SER A 319 11.03 -44.41 96.48
CA SER A 319 10.47 -45.59 95.81
C SER A 319 9.52 -46.32 96.73
N ILE A 320 9.95 -46.48 97.98
CA ILE A 320 9.15 -47.18 98.99
C ILE A 320 7.91 -46.39 99.36
N LEU A 321 8.06 -45.08 99.51
CA LEU A 321 6.95 -44.21 99.89
C LEU A 321 5.98 -44.03 98.74
N GLY A 322 6.52 -43.92 97.54
CA GLY A 322 5.70 -43.73 96.36
C GLY A 322 4.79 -42.53 96.45
N ASN A 323 5.22 -41.49 97.17
CA ASN A 323 4.41 -40.29 97.32
C ASN A 323 5.20 -39.01 97.09
N LYS A 324 6.30 -39.11 96.35
CA LYS A 324 7.10 -37.92 96.07
C LYS A 324 6.26 -36.92 95.29
N PRO A 325 6.11 -35.69 95.82
CA PRO A 325 5.32 -34.66 95.16
C PRO A 325 5.89 -34.17 93.83
N TYR A 326 4.98 -33.87 92.90
CA TYR A 326 5.34 -33.38 91.58
C TYR A 326 5.75 -31.91 91.66
N SER A 327 6.87 -31.57 91.02
CA SER A 327 7.36 -30.20 91.03
C SER A 327 6.92 -29.45 89.77
N SER B 51 -4.93 -12.82 91.97
CA SER B 51 -4.51 -11.66 91.12
C SER B 51 -3.30 -10.91 91.71
N GLU B 52 -2.44 -11.67 92.39
CA GLU B 52 -1.22 -11.15 92.99
C GLU B 52 -0.55 -10.18 92.01
N ARG B 53 -0.19 -8.99 92.47
CA ARG B 53 0.44 -8.02 91.59
C ARG B 53 1.94 -8.22 91.52
N VAL B 54 2.53 -7.82 90.41
CA VAL B 54 3.97 -7.96 90.21
C VAL B 54 4.56 -6.62 89.77
N VAL B 55 5.63 -6.20 90.43
CA VAL B 55 6.28 -4.95 90.11
C VAL B 55 7.61 -5.21 89.42
N ILE B 56 7.79 -4.55 88.27
CA ILE B 56 9.00 -4.69 87.48
C ILE B 56 9.64 -3.32 87.33
N ASN B 57 10.87 -3.18 87.79
CA ASN B 57 11.58 -1.91 87.75
C ASN B 57 12.68 -1.96 86.68
N ILE B 58 12.49 -1.16 85.62
CA ILE B 58 13.43 -1.08 84.51
C ILE B 58 14.27 0.18 84.65
N SER B 59 15.49 0.03 85.16
CA SER B 59 16.38 1.17 85.34
C SER B 59 15.66 2.37 85.96
N GLY B 60 14.79 2.09 86.94
CA GLY B 60 14.08 3.16 87.61
C GLY B 60 12.65 3.36 87.15
N LEU B 61 12.35 2.99 85.91
CA LEU B 61 11.00 3.11 85.39
C LEU B 61 10.17 1.96 85.97
N ARG B 62 9.11 2.31 86.69
CA ARG B 62 8.26 1.34 87.37
C ARG B 62 7.08 0.79 86.55
N PHE B 63 6.96 -0.53 86.51
CA PHE B 63 5.86 -1.17 85.79
C PHE B 63 5.18 -2.16 86.72
N GLU B 64 3.88 -2.30 86.58
CA GLU B 64 3.14 -3.25 87.40
C GLU B 64 2.14 -3.98 86.53
N THR B 65 1.90 -5.24 86.86
CA THR B 65 0.93 -6.03 86.15
C THR B 65 0.50 -7.15 87.08
N GLN B 66 -0.38 -8.01 86.61
CA GLN B 66 -0.82 -9.11 87.43
C GLN B 66 0.00 -10.35 87.11
N LEU B 67 0.19 -11.21 88.09
CA LEU B 67 0.96 -12.42 87.88
C LEU B 67 0.38 -13.27 86.75
N LYS B 68 -0.95 -13.36 86.70
CA LYS B 68 -1.59 -14.17 85.66
C LYS B 68 -1.36 -13.62 84.26
N THR B 69 -0.98 -12.35 84.16
CA THR B 69 -0.72 -11.74 82.87
C THR B 69 0.61 -12.27 82.31
N LEU B 70 1.59 -12.43 83.19
CA LEU B 70 2.91 -12.92 82.79
C LEU B 70 2.87 -14.43 82.63
N ALA B 71 2.10 -15.09 83.49
CA ALA B 71 1.96 -16.54 83.46
C ALA B 71 1.31 -17.01 82.17
N GLN B 72 0.80 -16.06 81.40
CA GLN B 72 0.17 -16.36 80.12
C GLN B 72 1.20 -16.98 79.18
N PHE B 73 2.46 -16.57 79.32
CA PHE B 73 3.54 -17.10 78.49
C PHE B 73 4.61 -17.73 79.39
N PRO B 74 4.33 -18.94 79.88
CA PRO B 74 5.18 -19.75 80.77
C PRO B 74 6.65 -19.95 80.39
N GLU B 75 6.99 -19.88 79.11
CA GLU B 75 8.37 -20.12 78.71
C GLU B 75 9.29 -18.91 78.65
N THR B 76 8.73 -17.71 78.78
CA THR B 76 9.53 -16.48 78.74
C THR B 76 10.27 -16.28 80.05
N LEU B 77 11.08 -15.21 80.12
CA LEU B 77 11.83 -14.93 81.33
C LEU B 77 10.94 -14.47 82.48
N LEU B 78 10.07 -13.51 82.22
CA LEU B 78 9.17 -12.99 83.23
C LEU B 78 8.01 -13.94 83.52
N GLY B 79 7.82 -14.92 82.63
CA GLY B 79 6.73 -15.86 82.82
C GLY B 79 7.15 -17.08 83.62
N ASP B 80 8.46 -17.29 83.71
CA ASP B 80 8.97 -18.43 84.45
C ASP B 80 9.62 -17.99 85.76
N PRO B 81 9.01 -18.40 86.89
CA PRO B 81 9.45 -18.08 88.26
C PRO B 81 10.92 -18.40 88.50
N LYS B 82 11.40 -19.47 87.88
CA LYS B 82 12.79 -19.88 88.06
C LYS B 82 13.73 -18.93 87.34
N LYS B 83 13.29 -18.41 86.19
CA LYS B 83 14.10 -17.50 85.41
C LYS B 83 14.16 -16.08 85.95
N ARG B 84 13.03 -15.56 86.45
CA ARG B 84 13.00 -14.21 86.97
C ARG B 84 13.55 -14.10 88.40
N MET B 85 13.57 -15.22 89.11
CA MET B 85 14.05 -15.30 90.48
C MET B 85 15.33 -14.51 90.69
N ARG B 86 16.23 -14.61 89.72
CA ARG B 86 17.51 -13.92 89.76
C ARG B 86 17.42 -12.40 89.86
N TYR B 87 16.34 -11.83 89.34
CA TYR B 87 16.18 -10.39 89.35
C TYR B 87 15.33 -9.81 90.47
N PHE B 88 14.80 -10.67 91.33
CA PHE B 88 13.96 -10.20 92.43
C PHE B 88 14.70 -9.49 93.55
N ASP B 89 14.11 -8.41 94.04
CA ASP B 89 14.68 -7.64 95.15
C ASP B 89 13.73 -7.78 96.33
N PRO B 90 14.07 -8.64 97.29
CA PRO B 90 13.21 -8.86 98.46
C PRO B 90 13.04 -7.64 99.38
N LEU B 91 13.93 -6.66 99.26
CA LEU B 91 13.83 -5.46 100.09
C LEU B 91 12.77 -4.50 99.54
N ARG B 92 12.53 -4.53 98.23
CA ARG B 92 11.55 -3.64 97.63
C ARG B 92 10.35 -4.35 96.99
N ASN B 93 10.35 -5.68 97.06
CA ASN B 93 9.30 -6.50 96.46
C ASN B 93 9.10 -6.10 95.00
N GLU B 94 10.14 -6.25 94.20
CA GLU B 94 10.07 -5.91 92.78
C GLU B 94 11.20 -6.61 92.03
N TYR B 95 11.05 -6.75 90.72
CA TYR B 95 12.09 -7.34 89.89
C TYR B 95 12.84 -6.17 89.28
N PHE B 96 14.16 -6.20 89.33
CA PHE B 96 14.93 -5.10 88.77
C PHE B 96 15.79 -5.50 87.56
N PHE B 97 15.68 -4.73 86.48
CA PHE B 97 16.46 -5.00 85.29
C PHE B 97 17.21 -3.73 84.92
N ASP B 98 18.53 -3.81 84.86
CA ASP B 98 19.38 -2.67 84.53
C ASP B 98 19.40 -2.53 83.00
N ARG B 99 18.23 -2.31 82.40
CA ARG B 99 18.12 -2.24 80.95
C ARG B 99 17.42 -1.05 80.32
N ASN B 100 17.32 -1.10 78.99
CA ASN B 100 16.68 -0.09 78.15
C ASN B 100 15.23 0.15 78.53
N ARG B 101 14.91 1.39 78.89
CA ARG B 101 13.56 1.74 79.30
C ARG B 101 12.50 1.83 78.21
N PRO B 102 12.76 2.61 77.13
CA PRO B 102 11.81 2.80 76.04
C PRO B 102 11.22 1.50 75.49
N SER B 103 12.02 0.45 75.46
CA SER B 103 11.58 -0.84 74.94
C SER B 103 10.55 -1.59 75.78
N PHE B 104 10.77 -1.63 77.09
CA PHE B 104 9.89 -2.42 77.96
C PHE B 104 8.40 -2.17 77.88
N ASP B 105 8.00 -0.96 77.52
CA ASP B 105 6.58 -0.66 77.40
C ASP B 105 5.93 -1.67 76.46
N ALA B 106 6.63 -1.97 75.37
CA ALA B 106 6.16 -2.91 74.36
C ALA B 106 6.22 -4.36 74.86
N ILE B 107 7.28 -4.69 75.58
CA ILE B 107 7.43 -6.05 76.10
C ILE B 107 6.25 -6.41 77.00
N LEU B 108 5.88 -5.49 77.89
CA LEU B 108 4.78 -5.75 78.79
C LEU B 108 3.45 -5.80 78.05
N TYR B 109 3.28 -4.92 77.07
CA TYR B 109 2.04 -4.90 76.32
C TYR B 109 1.86 -6.23 75.59
N TYR B 110 2.97 -6.86 75.21
CA TYR B 110 2.91 -8.14 74.54
C TYR B 110 2.14 -9.14 75.41
N TYR B 111 2.39 -9.11 76.72
CA TYR B 111 1.69 -10.02 77.62
C TYR B 111 0.25 -9.55 77.80
N GLN B 112 0.07 -8.27 78.06
CA GLN B 112 -1.27 -7.73 78.27
C GLN B 112 -2.21 -7.95 77.10
N SER B 113 -1.71 -7.77 75.87
CA SER B 113 -2.52 -7.93 74.67
C SER B 113 -2.62 -9.39 74.25
N GLY B 114 -1.89 -10.25 74.96
CA GLY B 114 -1.93 -11.66 74.65
C GLY B 114 -1.22 -12.06 73.36
N GLY B 115 -0.30 -11.23 72.89
CA GLY B 115 0.41 -11.58 71.67
C GLY B 115 1.05 -10.45 70.87
N ARG B 116 0.39 -9.30 70.80
CA ARG B 116 0.91 -8.16 70.03
C ARG B 116 2.30 -7.69 70.45
N LEU B 117 3.27 -7.86 69.56
CA LEU B 117 4.63 -7.42 69.81
C LEU B 117 5.03 -6.34 68.82
N ARG B 118 4.70 -5.08 69.13
CA ARG B 118 5.03 -3.95 68.25
C ARG B 118 6.25 -3.24 68.81
N ARG B 119 7.17 -2.83 67.94
CA ARG B 119 8.34 -2.10 68.40
C ARG B 119 7.95 -0.63 68.51
N PRO B 120 8.37 0.04 69.59
CA PRO B 120 8.00 1.46 69.72
C PRO B 120 8.64 2.25 68.57
N VAL B 121 7.91 3.20 68.02
CA VAL B 121 8.41 4.01 66.91
C VAL B 121 9.74 4.68 67.24
N ASN B 122 9.91 5.07 68.50
CA ASN B 122 11.11 5.76 68.91
C ASN B 122 12.27 4.86 69.36
N VAL B 123 12.18 3.56 69.11
CA VAL B 123 13.25 2.65 69.52
C VAL B 123 13.87 1.89 68.33
N PRO B 124 15.19 2.05 68.16
CA PRO B 124 15.95 1.40 67.08
C PRO B 124 15.66 -0.09 67.02
N LEU B 125 15.56 -0.63 65.81
CA LEU B 125 15.28 -2.05 65.62
C LEU B 125 16.33 -2.99 66.22
N ASP B 126 17.59 -2.58 66.20
CA ASP B 126 18.66 -3.41 66.73
C ASP B 126 18.58 -3.51 68.24
N ILE B 127 18.25 -2.39 68.88
CA ILE B 127 18.14 -2.36 70.33
C ILE B 127 16.93 -3.18 70.78
N PHE B 128 15.78 -2.93 70.15
CA PHE B 128 14.56 -3.65 70.49
C PHE B 128 14.68 -5.16 70.32
N SER B 129 15.34 -5.59 69.26
CA SER B 129 15.50 -7.01 69.01
C SER B 129 16.32 -7.66 70.12
N GLU B 130 17.34 -6.95 70.59
CA GLU B 130 18.18 -7.48 71.67
C GLU B 130 17.33 -7.69 72.91
N GLU B 131 16.41 -6.77 73.17
CA GLU B 131 15.53 -6.87 74.33
C GLU B 131 14.60 -8.07 74.16
N ILE B 132 14.00 -8.20 72.99
CA ILE B 132 13.12 -9.32 72.74
C ILE B 132 13.83 -10.64 73.07
N ARG B 133 15.10 -10.74 72.70
CA ARG B 133 15.87 -11.95 72.95
C ARG B 133 16.20 -12.12 74.43
N PHE B 134 16.46 -10.99 75.11
CA PHE B 134 16.77 -11.06 76.53
C PHE B 134 15.58 -11.57 77.34
N TYR B 135 14.40 -11.02 77.08
CA TYR B 135 13.21 -11.42 77.79
C TYR B 135 12.72 -12.78 77.30
N GLU B 136 13.48 -13.35 76.37
CA GLU B 136 13.19 -14.68 75.82
C GLU B 136 11.76 -14.87 75.35
N LEU B 137 11.26 -13.94 74.55
CA LEU B 137 9.89 -14.05 74.06
C LEU B 137 9.73 -15.23 73.11
N GLY B 138 10.86 -15.77 72.65
CA GLY B 138 10.81 -16.92 71.75
C GLY B 138 10.90 -16.59 70.27
N GLU B 139 11.49 -17.52 69.52
CA GLU B 139 11.67 -17.36 68.08
C GLU B 139 10.38 -17.24 67.28
N GLU B 140 9.30 -17.85 67.76
CA GLU B 140 8.04 -17.78 67.03
C GLU B 140 7.56 -16.33 66.97
N ALA B 141 7.55 -15.66 68.11
CA ALA B 141 7.11 -14.27 68.17
C ALA B 141 8.15 -13.32 67.57
N MET B 142 9.40 -13.73 67.58
CA MET B 142 10.47 -12.91 67.02
C MET B 142 10.35 -12.93 65.50
N GLU B 143 10.16 -14.13 64.93
CA GLU B 143 10.01 -14.27 63.49
C GLU B 143 8.76 -13.53 63.07
N MET B 144 7.70 -13.69 63.86
CA MET B 144 6.43 -13.02 63.58
C MET B 144 6.66 -11.50 63.68
N PHE B 145 7.59 -11.10 64.53
CA PHE B 145 7.92 -9.70 64.72
C PHE B 145 8.67 -9.12 63.52
N ARG B 146 9.58 -9.91 62.97
CA ARG B 146 10.36 -9.47 61.82
C ARG B 146 9.51 -9.33 60.55
N GLU B 147 8.51 -10.20 60.40
CA GLU B 147 7.65 -10.10 59.23
C GLU B 147 6.96 -8.74 59.24
N ASP B 148 6.38 -8.38 60.38
CA ASP B 148 5.68 -7.11 60.50
C ASP B 148 6.66 -5.94 60.36
N GLU B 149 7.88 -6.13 60.86
CA GLU B 149 8.90 -5.09 60.78
C GLU B 149 9.47 -5.07 59.37
N GLY B 150 8.85 -5.85 58.49
CA GLY B 150 9.28 -5.91 57.10
C GLY B 150 10.60 -6.64 56.90
N TYR B 151 10.51 -7.94 56.62
CA TYR B 151 11.70 -8.76 56.39
C TYR B 151 11.32 -10.09 55.74
N ILE B 152 11.07 -11.10 56.58
CA ILE B 152 10.70 -12.43 56.09
C ILE B 152 11.70 -12.97 55.07
N LYS B 153 11.39 -14.15 54.53
CA LYS B 153 12.25 -14.77 53.54
C LYS B 153 13.54 -15.28 54.18
N GLU B 154 14.60 -15.35 53.38
CA GLU B 154 15.89 -15.82 53.87
C GLU B 154 16.02 -17.32 53.62
N GLU B 155 15.44 -17.79 52.52
CA GLU B 155 15.48 -19.20 52.16
C GLU B 155 16.26 -19.43 50.87
N GLU B 156 16.54 -20.69 50.56
CA GLU B 156 17.28 -21.04 49.36
C GLU B 156 18.34 -22.10 49.65
N ARG B 157 18.11 -23.31 49.14
CA ARG B 157 19.03 -24.44 49.33
C ARG B 157 20.47 -24.04 49.06
N PRO B 158 21.43 -24.85 49.54
CA PRO B 158 22.86 -24.61 49.36
C PRO B 158 23.45 -25.43 48.22
N LEU B 159 24.76 -25.66 48.27
CA LEU B 159 25.45 -26.43 47.24
C LEU B 159 24.69 -27.69 46.82
N PRO B 160 25.02 -28.25 45.64
CA PRO B 160 24.38 -29.45 45.12
C PRO B 160 24.42 -30.60 46.12
N GLU B 161 25.56 -30.79 46.76
CA GLU B 161 25.73 -31.86 47.73
C GLU B 161 26.24 -33.14 47.07
N ASN B 162 26.40 -33.09 45.75
CA ASN B 162 26.88 -34.24 44.97
C ASN B 162 28.39 -34.23 44.85
N GLU B 163 29.06 -33.52 45.76
CA GLU B 163 30.51 -33.44 45.78
C GLU B 163 31.11 -32.60 44.65
N PHE B 164 31.08 -33.14 43.44
CA PHE B 164 31.62 -32.45 42.27
C PHE B 164 30.53 -31.61 41.61
N GLN B 165 29.29 -32.10 41.68
CA GLN B 165 28.16 -31.39 41.12
C GLN B 165 27.96 -30.10 41.89
N ARG B 166 28.28 -30.14 43.18
CA ARG B 166 28.14 -28.97 44.04
C ARG B 166 29.39 -28.09 43.95
N GLN B 167 30.34 -28.49 43.11
CA GLN B 167 31.58 -27.73 42.93
C GLN B 167 31.49 -26.89 41.66
N VAL B 168 30.74 -27.39 40.69
CA VAL B 168 30.55 -26.70 39.41
C VAL B 168 29.45 -25.66 39.60
N TRP B 169 28.43 -26.04 40.37
CA TRP B 169 27.29 -25.18 40.66
C TRP B 169 27.73 -23.95 41.47
N LEU B 170 29.03 -23.78 41.63
CA LEU B 170 29.58 -22.66 42.38
C LEU B 170 30.08 -21.58 41.44
N LEU B 171 30.90 -21.97 40.47
CA LEU B 171 31.44 -21.02 39.52
C LEU B 171 30.53 -20.82 38.30
N PHE B 172 29.25 -21.11 38.49
CA PHE B 172 28.25 -20.96 37.44
C PHE B 172 26.93 -20.49 38.03
N GLU B 173 26.96 -20.06 39.28
CA GLU B 173 25.77 -19.58 39.95
C GLU B 173 26.14 -18.62 41.08
N TYR B 174 27.42 -18.62 41.43
CA TYR B 174 27.92 -17.75 42.48
C TYR B 174 29.27 -17.17 42.08
N PRO B 175 29.26 -16.05 41.33
CA PRO B 175 30.50 -15.42 40.89
C PRO B 175 31.40 -15.11 42.08
N GLU B 176 30.80 -15.16 43.27
CA GLU B 176 31.50 -14.91 44.53
C GLU B 176 32.70 -15.84 44.72
N SER B 177 32.40 -17.07 45.14
CA SER B 177 33.39 -18.12 45.41
C SER B 177 34.79 -17.93 44.82
N SER B 178 35.23 -18.93 44.05
CA SER B 178 36.55 -18.91 43.45
C SER B 178 36.84 -17.66 42.63
N GLY B 179 38.11 -17.40 42.38
CA GLY B 179 38.51 -16.26 41.58
C GLY B 179 38.10 -16.55 40.14
N PRO B 180 38.36 -17.76 39.64
CA PRO B 180 38.00 -18.14 38.26
C PRO B 180 36.49 -18.05 38.04
N ALA B 181 35.72 -18.26 39.10
CA ALA B 181 34.27 -18.18 39.01
C ALA B 181 33.88 -16.80 38.49
N ARG B 182 34.74 -15.82 38.76
CA ARG B 182 34.50 -14.46 38.31
C ARG B 182 34.88 -14.35 36.85
N ILE B 183 35.91 -15.09 36.45
CA ILE B 183 36.36 -15.09 35.06
C ILE B 183 35.21 -15.58 34.18
N ILE B 184 34.50 -16.61 34.64
CA ILE B 184 33.37 -17.15 33.90
C ILE B 184 32.30 -16.08 33.71
N ALA B 185 32.04 -15.32 34.77
CA ALA B 185 31.05 -14.26 34.71
C ALA B 185 31.46 -13.22 33.67
N ILE B 186 32.72 -12.79 33.75
CA ILE B 186 33.25 -11.80 32.82
C ILE B 186 33.14 -12.29 31.39
N VAL B 187 33.44 -13.57 31.18
CA VAL B 187 33.36 -14.16 29.84
C VAL B 187 31.91 -14.19 29.39
N SER B 188 31.01 -14.55 30.30
CA SER B 188 29.59 -14.60 29.98
C SER B 188 29.09 -13.24 29.51
N VAL B 189 29.40 -12.19 30.28
CA VAL B 189 28.99 -10.85 29.92
C VAL B 189 29.53 -10.48 28.55
N MET B 190 30.81 -10.78 28.32
CA MET B 190 31.44 -10.50 27.04
C MET B 190 30.67 -11.12 25.90
N VAL B 191 30.46 -12.43 25.98
CA VAL B 191 29.73 -13.15 24.96
C VAL B 191 28.38 -12.51 24.71
N ILE B 192 27.68 -12.15 25.78
CA ILE B 192 26.37 -11.52 25.67
C ILE B 192 26.46 -10.23 24.88
N LEU B 193 27.36 -9.33 25.29
CA LEU B 193 27.53 -8.07 24.59
C LEU B 193 27.85 -8.34 23.12
N ILE B 194 28.83 -9.21 22.89
CA ILE B 194 29.21 -9.56 21.52
C ILE B 194 28.00 -10.09 20.80
N SER B 195 27.27 -10.96 21.49
CA SER B 195 26.06 -11.57 20.99
C SER B 195 25.10 -10.51 20.47
N ILE B 196 25.01 -9.41 21.20
CA ILE B 196 24.12 -8.31 20.86
C ILE B 196 24.64 -7.51 19.68
N VAL B 197 25.90 -7.11 19.74
CA VAL B 197 26.52 -6.34 18.66
C VAL B 197 26.37 -7.09 17.35
N SER B 198 26.62 -8.40 17.40
CA SER B 198 26.51 -9.28 16.25
C SER B 198 25.11 -9.19 15.64
N PHE B 199 24.10 -9.46 16.47
CA PHE B 199 22.71 -9.41 16.05
C PHE B 199 22.39 -8.08 15.36
N CYS B 200 22.90 -6.99 15.91
CA CYS B 200 22.66 -5.66 15.36
C CYS B 200 23.34 -5.39 14.02
N LEU B 201 24.62 -5.70 13.91
CA LEU B 201 25.34 -5.48 12.66
C LEU B 201 24.70 -6.27 11.52
N GLU B 202 24.06 -7.39 11.86
CA GLU B 202 23.40 -8.22 10.87
C GLU B 202 22.41 -7.43 10.01
N THR B 203 21.87 -6.35 10.58
CA THR B 203 20.90 -5.53 9.88
C THR B 203 21.55 -4.36 9.15
N LEU B 204 22.81 -4.10 9.47
CA LEU B 204 23.54 -3.01 8.83
C LEU B 204 23.55 -3.26 7.33
N PRO B 205 22.96 -2.34 6.54
CA PRO B 205 22.90 -2.48 5.08
C PRO B 205 24.29 -2.66 4.45
N ILE B 206 25.28 -2.02 5.06
CA ILE B 206 26.66 -2.10 4.57
C ILE B 206 27.13 -3.55 4.49
N PHE B 207 26.33 -4.46 5.05
CA PHE B 207 26.65 -5.89 5.03
C PHE B 207 25.66 -6.68 4.20
N ARG B 208 24.36 -6.44 4.42
CA ARG B 208 23.33 -7.17 3.68
C ARG B 208 23.06 -6.60 2.29
N ASP B 209 23.67 -5.46 1.99
CA ASP B 209 23.52 -4.83 0.68
C ASP B 209 24.70 -5.19 -0.21
N GLU B 210 25.47 -6.17 0.22
CA GLU B 210 26.64 -6.64 -0.51
C GLU B 210 26.43 -8.12 -0.82
N ASN B 211 25.48 -8.40 -1.70
CA ASN B 211 25.17 -9.78 -2.10
C ASN B 211 24.91 -9.93 -3.60
N GLU B 212 24.12 -10.93 -3.97
CA GLU B 212 23.82 -11.20 -5.37
C GLU B 212 22.77 -10.29 -6.02
N ASP B 213 21.76 -9.90 -5.25
CA ASP B 213 20.71 -9.02 -5.76
C ASP B 213 20.72 -7.67 -5.04
N MET B 214 21.85 -7.00 -5.07
CA MET B 214 22.02 -5.71 -4.42
C MET B 214 21.66 -4.56 -5.35
N HIS B 215 21.62 -4.84 -6.65
CA HIS B 215 21.27 -3.84 -7.65
C HIS B 215 19.92 -4.14 -8.31
N GLY B 216 19.08 -4.91 -7.62
CA GLY B 216 17.77 -5.25 -8.15
C GLY B 216 17.79 -6.39 -9.16
N GLY B 217 18.52 -7.45 -8.85
CA GLY B 217 18.59 -8.59 -9.75
C GLY B 217 17.69 -9.74 -9.33
N GLY B 218 18.18 -10.97 -9.52
CA GLY B 218 17.41 -12.14 -9.17
C GLY B 218 17.59 -12.61 -7.73
N VAL B 219 16.52 -13.09 -7.12
CA VAL B 219 16.56 -13.56 -5.74
C VAL B 219 16.78 -15.08 -5.63
N THR B 220 17.92 -15.47 -5.05
CA THR B 220 18.27 -16.87 -4.89
C THR B 220 17.70 -17.41 -3.58
N PHE B 221 17.57 -18.73 -3.49
CA PHE B 221 17.03 -19.34 -2.27
C PHE B 221 17.94 -19.07 -1.08
N HIS B 222 19.23 -19.30 -1.26
CA HIS B 222 20.21 -19.10 -0.20
C HIS B 222 20.56 -17.64 0.01
N THR B 223 19.87 -16.76 -0.70
CA THR B 223 20.07 -15.32 -0.58
C THR B 223 18.79 -14.77 0.04
N TYR B 224 17.71 -15.54 -0.14
CA TYR B 224 16.39 -15.19 0.38
C TYR B 224 16.32 -15.58 1.86
N SER B 225 16.86 -16.76 2.18
CA SER B 225 16.85 -17.25 3.56
C SER B 225 17.98 -16.60 4.36
N GLN B 226 18.98 -16.07 3.65
CA GLN B 226 20.10 -15.41 4.30
C GLN B 226 19.64 -14.02 4.74
N SER B 227 18.58 -13.55 4.10
CA SER B 227 18.00 -12.25 4.41
C SER B 227 17.00 -12.40 5.56
N THR B 228 16.25 -13.49 5.52
CA THR B 228 15.24 -13.75 6.54
C THR B 228 15.85 -14.13 7.89
N ILE B 229 17.05 -14.71 7.87
CA ILE B 229 17.69 -15.14 9.10
C ILE B 229 18.71 -14.14 9.65
N GLY B 230 19.41 -13.44 8.76
CA GLY B 230 20.40 -12.47 9.19
C GLY B 230 21.82 -12.92 8.86
N TYR B 231 21.98 -14.23 8.75
CA TYR B 231 23.26 -14.84 8.43
C TYR B 231 22.94 -16.10 7.61
N GLN B 232 23.94 -16.66 6.96
CA GLN B 232 23.70 -17.87 6.17
C GLN B 232 24.18 -19.13 6.87
N GLN B 233 23.25 -20.08 7.06
CA GLN B 233 23.58 -21.35 7.71
C GLN B 233 24.29 -22.29 6.73
N SER B 234 25.40 -22.86 7.19
CA SER B 234 26.17 -23.79 6.36
C SER B 234 27.30 -24.42 7.17
N THR B 235 27.43 -25.74 7.06
CA THR B 235 28.49 -26.45 7.77
C THR B 235 29.85 -26.03 7.25
N SER B 236 29.85 -25.12 6.28
CA SER B 236 31.09 -24.61 5.70
C SER B 236 31.55 -23.38 6.47
N PHE B 237 30.64 -22.83 7.28
CA PHE B 237 30.91 -21.65 8.10
C PHE B 237 31.60 -20.53 7.33
N THR B 238 31.05 -20.21 6.16
CA THR B 238 31.59 -19.16 5.31
C THR B 238 31.18 -17.78 5.80
N ASP B 239 29.98 -17.70 6.38
CA ASP B 239 29.45 -16.44 6.88
C ASP B 239 30.00 -16.07 8.26
N PRO B 240 30.67 -14.91 8.37
CA PRO B 240 31.24 -14.46 9.64
C PRO B 240 30.17 -14.35 10.74
N PHE B 241 29.00 -13.83 10.36
CA PHE B 241 27.90 -13.68 11.30
C PHE B 241 27.41 -15.02 11.84
N PHE B 242 27.31 -16.01 10.95
CA PHE B 242 26.87 -17.33 11.37
C PHE B 242 27.92 -17.94 12.30
N ILE B 243 29.15 -17.49 12.16
CA ILE B 243 30.24 -17.97 13.00
C ILE B 243 30.10 -17.44 14.41
N VAL B 244 30.09 -16.10 14.55
CA VAL B 244 29.96 -15.46 15.85
C VAL B 244 28.69 -15.94 16.55
N GLU B 245 27.58 -15.92 15.81
CA GLU B 245 26.29 -16.34 16.33
C GLU B 245 26.36 -17.78 16.85
N THR B 246 27.07 -18.63 16.12
CA THR B 246 27.20 -20.03 16.51
C THR B 246 28.11 -20.18 17.73
N LEU B 247 29.18 -19.39 17.78
CA LEU B 247 30.10 -19.45 18.92
C LEU B 247 29.36 -19.05 20.19
N CYS B 248 28.57 -17.98 20.09
CA CYS B 248 27.80 -17.47 21.22
C CYS B 248 26.74 -18.45 21.70
N ILE B 249 26.05 -19.08 20.75
CA ILE B 249 25.02 -20.05 21.13
C ILE B 249 25.67 -21.28 21.77
N ILE B 250 26.91 -21.58 21.40
CA ILE B 250 27.63 -22.72 21.97
C ILE B 250 27.80 -22.41 23.45
N TRP B 251 28.33 -21.24 23.74
CA TRP B 251 28.55 -20.81 25.12
C TRP B 251 27.23 -20.77 25.89
N PHE B 252 26.22 -20.12 25.33
CA PHE B 252 24.93 -20.03 25.99
C PHE B 252 24.38 -21.44 26.21
N SER B 253 24.57 -22.31 25.23
CA SER B 253 24.10 -23.68 25.33
C SER B 253 24.88 -24.40 26.42
N PHE B 254 26.15 -24.03 26.55
CA PHE B 254 27.01 -24.62 27.56
C PHE B 254 26.52 -24.22 28.95
N GLU B 255 26.38 -22.91 29.18
CA GLU B 255 25.90 -22.39 30.46
C GLU B 255 24.60 -23.07 30.87
N PHE B 256 23.66 -23.12 29.94
CA PHE B 256 22.37 -23.74 30.23
C PHE B 256 22.53 -25.17 30.72
N LEU B 257 23.25 -25.98 29.95
CA LEU B 257 23.47 -27.38 30.29
C LEU B 257 24.21 -27.53 31.62
N VAL B 258 25.39 -26.91 31.72
CA VAL B 258 26.17 -26.96 32.94
C VAL B 258 25.27 -26.65 34.12
N ARG B 259 24.55 -25.54 34.04
CA ARG B 259 23.63 -25.13 35.10
C ARG B 259 22.56 -26.16 35.39
N PHE B 260 22.01 -26.77 34.34
CA PHE B 260 20.95 -27.75 34.50
C PHE B 260 21.37 -29.06 35.17
N PHE B 261 22.64 -29.43 35.04
CA PHE B 261 23.11 -30.66 35.66
C PHE B 261 23.70 -30.41 37.04
N ALA B 262 24.48 -29.35 37.16
CA ALA B 262 25.08 -29.01 38.45
C ALA B 262 24.01 -28.42 39.34
N CYS B 263 22.78 -28.38 38.84
CA CYS B 263 21.66 -27.83 39.60
C CYS B 263 21.11 -28.79 40.65
N PRO B 264 20.96 -28.31 41.89
CA PRO B 264 20.43 -29.14 42.97
C PRO B 264 18.98 -29.56 42.70
N SER B 265 18.05 -28.63 42.89
CA SER B 265 16.63 -28.90 42.67
C SER B 265 16.22 -28.78 41.20
N LYS B 266 16.16 -29.91 40.51
CA LYS B 266 15.78 -29.93 39.11
C LYS B 266 14.34 -29.45 38.95
N ALA B 267 13.59 -29.48 40.05
CA ALA B 267 12.18 -29.05 40.04
C ALA B 267 12.07 -27.54 39.93
N GLY B 268 12.85 -26.83 40.73
CA GLY B 268 12.80 -25.38 40.70
C GLY B 268 13.77 -24.76 39.71
N PHE B 269 13.86 -25.34 38.51
CA PHE B 269 14.76 -24.81 37.49
C PHE B 269 13.98 -23.95 36.51
N PHE B 270 12.99 -24.55 35.87
CA PHE B 270 12.16 -23.81 34.91
C PHE B 270 11.16 -22.97 35.69
N THR B 271 11.54 -22.63 36.91
CA THR B 271 10.72 -21.80 37.79
C THR B 271 11.41 -20.44 37.83
N ASN B 272 12.72 -20.48 38.02
CA ASN B 272 13.54 -19.29 38.07
C ASN B 272 13.55 -18.57 36.72
N ILE B 273 12.95 -17.39 36.69
CA ILE B 273 12.86 -16.59 35.49
C ILE B 273 14.20 -16.45 34.78
N MET B 274 15.28 -16.47 35.55
CA MET B 274 16.63 -16.34 35.00
C MET B 274 16.94 -17.52 34.07
N ASN B 275 16.58 -18.72 34.50
CA ASN B 275 16.82 -19.91 33.70
C ASN B 275 15.94 -19.89 32.45
N ILE B 276 14.80 -19.21 32.54
CA ILE B 276 13.88 -19.10 31.42
C ILE B 276 14.56 -18.24 30.34
N ILE B 277 15.19 -17.17 30.77
CA ILE B 277 15.88 -16.28 29.85
C ILE B 277 16.98 -17.03 29.09
N ASP B 278 17.64 -17.94 29.79
CA ASP B 278 18.72 -18.72 29.18
C ASP B 278 18.24 -19.71 28.14
N ILE B 279 16.98 -20.15 28.25
CA ILE B 279 16.42 -21.09 27.29
C ILE B 279 15.95 -20.34 26.05
N VAL B 280 15.30 -19.21 26.29
CA VAL B 280 14.79 -18.37 25.20
C VAL B 280 15.94 -17.74 24.40
N ALA B 281 17.12 -17.64 25.02
CA ALA B 281 18.27 -17.06 24.35
C ALA B 281 18.90 -17.99 23.33
N ILE B 282 18.44 -19.25 23.30
CA ILE B 282 18.99 -20.21 22.35
C ILE B 282 17.94 -20.88 21.47
N ILE B 283 16.68 -20.84 21.90
CA ILE B 283 15.61 -21.46 21.12
C ILE B 283 15.58 -21.01 19.66
N PRO B 284 15.73 -19.69 19.40
CA PRO B 284 15.70 -19.24 18.01
C PRO B 284 16.70 -20.01 17.14
N TYR B 285 17.96 -20.03 17.57
CA TYR B 285 19.04 -20.71 16.84
C TYR B 285 18.67 -22.10 16.34
N TYR B 286 18.38 -23.02 17.27
CA TYR B 286 18.03 -24.38 16.90
C TYR B 286 16.72 -24.51 16.14
N VAL B 287 15.73 -23.71 16.51
CA VAL B 287 14.44 -23.76 15.83
C VAL B 287 14.60 -23.30 14.38
N THR B 288 15.53 -22.38 14.16
CA THR B 288 15.79 -21.86 12.81
C THR B 288 16.34 -22.99 11.96
N ILE B 289 17.36 -23.67 12.48
CA ILE B 289 17.97 -24.80 11.78
C ILE B 289 16.88 -25.80 11.41
N PHE B 290 16.12 -26.25 12.41
CA PHE B 290 15.04 -27.20 12.18
C PHE B 290 14.13 -26.74 11.05
N LEU B 291 13.65 -25.50 11.13
CA LEU B 291 12.75 -24.96 10.14
C LEU B 291 13.33 -24.87 8.73
N THR B 292 14.58 -24.45 8.62
CA THR B 292 15.18 -24.32 7.29
C THR B 292 15.45 -25.71 6.69
N GLU B 293 16.01 -26.61 7.51
CA GLU B 293 16.30 -27.95 7.05
C GLU B 293 15.04 -28.76 6.75
N SER B 294 13.94 -28.41 7.41
CA SER B 294 12.67 -29.09 7.20
C SER B 294 11.95 -28.50 5.99
N ASN B 295 12.49 -27.39 5.48
CA ASN B 295 11.90 -26.71 4.33
C ASN B 295 13.04 -26.22 3.46
N LYS B 296 13.82 -27.16 2.92
CA LYS B 296 14.98 -26.84 2.10
C LYS B 296 14.73 -26.29 0.69
N SER B 297 13.48 -26.16 0.27
CA SER B 297 13.20 -25.63 -1.06
C SER B 297 12.56 -24.24 -0.98
N VAL B 298 12.67 -23.47 -2.05
CA VAL B 298 12.10 -22.13 -2.09
C VAL B 298 10.63 -22.08 -1.70
N LEU B 299 9.78 -22.82 -2.40
CA LEU B 299 8.36 -22.81 -2.09
C LEU B 299 8.05 -23.24 -0.65
N GLN B 300 8.90 -24.10 -0.10
CA GLN B 300 8.68 -24.58 1.27
C GLN B 300 9.10 -23.55 2.30
N PHE B 301 10.29 -22.98 2.11
CA PHE B 301 10.81 -21.99 3.03
C PHE B 301 9.87 -20.78 3.09
N GLN B 302 9.54 -20.25 1.92
CA GLN B 302 8.64 -19.11 1.83
C GLN B 302 7.37 -19.39 2.63
N ASN B 303 6.95 -20.65 2.61
CA ASN B 303 5.74 -21.08 3.30
C ASN B 303 5.88 -21.06 4.83
N VAL B 304 7.13 -20.97 5.31
CA VAL B 304 7.39 -20.95 6.74
C VAL B 304 8.27 -19.73 7.08
N ARG B 305 8.30 -18.77 6.16
CA ARG B 305 9.11 -17.56 6.31
C ARG B 305 8.64 -16.64 7.43
N ARG B 306 7.33 -16.56 7.64
CA ARG B 306 6.78 -15.72 8.70
C ARG B 306 7.36 -16.19 10.04
N VAL B 307 7.16 -17.47 10.34
CA VAL B 307 7.66 -18.06 11.58
C VAL B 307 9.14 -17.77 11.76
N VAL B 308 9.94 -18.10 10.75
CA VAL B 308 11.37 -17.87 10.84
C VAL B 308 11.66 -16.42 11.25
N GLN B 309 10.95 -15.46 10.64
CA GLN B 309 11.13 -14.05 10.95
C GLN B 309 10.82 -13.76 12.41
N ILE B 310 9.74 -14.36 12.91
CA ILE B 310 9.36 -14.16 14.30
C ILE B 310 10.51 -14.55 15.23
N PHE B 311 11.07 -15.73 14.99
CA PHE B 311 12.16 -16.20 15.82
C PHE B 311 13.42 -15.36 15.71
N ARG B 312 13.56 -14.62 14.62
CA ARG B 312 14.75 -13.76 14.50
C ARG B 312 14.52 -12.56 15.43
N ILE B 313 13.28 -12.11 15.50
CA ILE B 313 12.90 -11.00 16.35
C ILE B 313 13.09 -11.44 17.80
N MET B 314 12.71 -12.69 18.07
CA MET B 314 12.81 -13.25 19.41
C MET B 314 14.25 -13.33 19.92
N ARG B 315 15.21 -13.16 19.02
CA ARG B 315 16.61 -13.23 19.42
C ARG B 315 17.05 -12.04 20.26
N ILE B 316 16.31 -10.93 20.15
CA ILE B 316 16.66 -9.72 20.88
C ILE B 316 16.58 -9.93 22.38
N LEU B 317 15.68 -10.82 22.80
CA LEU B 317 15.50 -11.14 24.21
C LEU B 317 16.80 -11.60 24.86
N ARG B 318 17.85 -11.82 24.07
CA ARG B 318 19.13 -12.24 24.63
C ARG B 318 19.70 -11.11 25.49
N ILE B 319 19.17 -9.90 25.31
CA ILE B 319 19.63 -8.74 26.09
C ILE B 319 19.35 -8.99 27.57
N PHE B 320 18.25 -9.66 27.85
CA PHE B 320 17.86 -9.95 29.23
C PHE B 320 18.73 -11.02 29.88
N LYS B 321 19.76 -11.44 29.17
CA LYS B 321 20.67 -12.44 29.71
C LYS B 321 21.66 -11.70 30.59
N LEU B 322 21.54 -10.38 30.61
CA LEU B 322 22.40 -9.55 31.42
C LEU B 322 21.86 -9.36 32.83
N SER B 323 20.58 -9.66 33.02
CA SER B 323 19.96 -9.49 34.33
C SER B 323 20.62 -10.36 35.40
N ARG B 324 21.18 -11.50 34.99
CA ARG B 324 21.84 -12.39 35.93
C ARG B 324 23.08 -11.74 36.53
N HIS B 325 23.75 -10.90 35.74
CA HIS B 325 24.96 -10.24 36.19
C HIS B 325 24.72 -8.77 36.54
N SER B 326 23.45 -8.39 36.61
CA SER B 326 23.07 -7.00 36.91
C SER B 326 22.09 -6.86 38.07
N LYS B 327 22.60 -6.34 39.18
CA LYS B 327 21.80 -6.12 40.39
C LYS B 327 20.63 -5.18 40.07
N GLY B 328 20.96 -4.03 39.46
CA GLY B 328 19.95 -3.06 39.12
C GLY B 328 18.89 -3.61 38.19
N LEU B 329 19.31 -4.43 37.25
CA LEU B 329 18.39 -5.02 36.31
C LEU B 329 17.42 -5.93 37.07
N GLN B 330 17.94 -6.63 38.08
CA GLN B 330 17.11 -7.51 38.89
C GLN B 330 16.13 -6.71 39.73
N ILE B 331 16.59 -5.57 40.22
CA ILE B 331 15.74 -4.69 41.02
C ILE B 331 14.56 -4.20 40.16
N LEU B 332 14.88 -3.76 38.94
CA LEU B 332 13.87 -3.25 38.02
C LEU B 332 12.82 -4.32 37.80
N GLY B 333 13.26 -5.57 37.66
CA GLY B 333 12.35 -6.67 37.46
C GLY B 333 11.41 -6.80 38.64
N GLN B 334 11.98 -6.79 39.85
CA GLN B 334 11.19 -6.89 41.07
C GLN B 334 10.19 -5.74 41.10
N THR B 335 10.66 -4.56 40.71
CA THR B 335 9.85 -3.36 40.70
C THR B 335 8.64 -3.49 39.77
N LEU B 336 8.88 -3.92 38.54
CA LEU B 336 7.81 -4.09 37.56
C LEU B 336 6.85 -5.19 37.99
N LYS B 337 7.40 -6.26 38.56
CA LYS B 337 6.57 -7.37 39.02
C LYS B 337 5.68 -6.88 40.16
N ALA B 338 6.19 -5.94 40.95
CA ALA B 338 5.46 -5.39 42.08
C ALA B 338 4.56 -4.22 41.73
N SER B 339 4.60 -3.77 40.48
CA SER B 339 3.79 -2.62 40.06
C SER B 339 2.75 -2.90 39.00
N MET B 340 2.51 -4.18 38.69
CA MET B 340 1.53 -4.53 37.67
C MET B 340 0.24 -3.73 37.71
N ARG B 341 -0.30 -3.51 38.90
CA ARG B 341 -1.55 -2.76 39.01
C ARG B 341 -1.44 -1.34 38.47
N GLU B 342 -0.43 -0.58 38.93
CA GLU B 342 -0.27 0.79 38.47
C GLU B 342 0.19 0.86 37.02
N LEU B 343 0.95 -0.13 36.57
CA LEU B 343 1.41 -0.18 35.19
C LEU B 343 0.18 -0.36 34.31
N GLY B 344 -0.75 -1.19 34.78
CA GLY B 344 -1.97 -1.41 34.02
C GLY B 344 -2.84 -0.17 34.05
N LEU B 345 -2.84 0.51 35.19
CA LEU B 345 -3.64 1.72 35.34
C LEU B 345 -3.08 2.77 34.38
N LEU B 346 -1.76 2.86 34.32
CA LEU B 346 -1.09 3.80 33.44
C LEU B 346 -1.52 3.59 32.00
N ILE B 347 -1.42 2.35 31.53
CA ILE B 347 -1.81 2.03 30.16
C ILE B 347 -3.30 2.27 29.93
N PHE B 348 -4.12 1.93 30.92
CA PHE B 348 -5.55 2.11 30.81
C PHE B 348 -5.91 3.58 30.69
N PHE B 349 -5.36 4.39 31.59
CA PHE B 349 -5.63 5.83 31.57
C PHE B 349 -5.21 6.46 30.25
N LEU B 350 -4.06 6.05 29.74
CA LEU B 350 -3.57 6.57 28.47
C LEU B 350 -4.56 6.21 27.37
N PHE B 351 -5.00 4.96 27.39
CA PHE B 351 -5.97 4.43 26.45
C PHE B 351 -7.23 5.31 26.44
N ILE B 352 -7.79 5.55 27.62
CA ILE B 352 -8.98 6.37 27.76
C ILE B 352 -8.75 7.74 27.12
N GLY B 353 -7.67 8.41 27.51
CA GLY B 353 -7.36 9.72 26.97
C GLY B 353 -7.17 9.69 25.46
N VAL B 354 -6.44 8.70 24.98
CA VAL B 354 -6.19 8.56 23.54
C VAL B 354 -7.49 8.56 22.75
N ILE B 355 -8.38 7.63 23.08
CA ILE B 355 -9.66 7.52 22.40
C ILE B 355 -10.46 8.83 22.47
N LEU B 356 -10.50 9.44 23.64
CA LEU B 356 -11.23 10.68 23.80
C LEU B 356 -10.69 11.77 22.87
N PHE B 357 -9.41 12.08 23.02
CA PHE B 357 -8.78 13.12 22.21
C PHE B 357 -8.67 12.78 20.74
N SER B 358 -8.56 11.50 20.41
CA SER B 358 -8.48 11.10 19.01
C SER B 358 -9.83 11.41 18.37
N SER B 359 -10.90 11.10 19.10
CA SER B 359 -12.25 11.38 18.61
C SER B 359 -12.45 12.87 18.43
N ALA B 360 -12.14 13.63 19.46
CA ALA B 360 -12.30 15.08 19.41
C ALA B 360 -11.51 15.74 18.28
N VAL B 361 -10.23 15.42 18.16
CA VAL B 361 -9.42 16.02 17.12
C VAL B 361 -9.97 15.65 15.75
N TYR B 362 -10.36 14.38 15.59
CA TYR B 362 -10.90 13.92 14.32
C TYR B 362 -12.07 14.78 13.84
N PHE B 363 -13.07 14.95 14.69
CA PHE B 363 -14.24 15.74 14.35
C PHE B 363 -13.96 17.22 14.17
N ALA B 364 -12.99 17.75 14.92
CA ALA B 364 -12.65 19.16 14.82
C ALA B 364 -11.90 19.48 13.53
N GLU B 365 -11.40 18.45 12.86
CA GLU B 365 -10.66 18.62 11.62
C GLU B 365 -11.37 17.91 10.47
N ALA B 366 -12.55 17.36 10.76
CA ALA B 366 -13.34 16.63 9.78
C ALA B 366 -13.66 17.41 8.51
N ASP B 367 -14.14 18.64 8.66
CA ASP B 367 -14.48 19.46 7.52
C ASP B 367 -13.26 20.22 6.99
N GLU B 368 -12.24 19.47 6.57
CA GLU B 368 -11.01 20.05 6.03
C GLU B 368 -10.48 19.18 4.90
N ARG B 369 -10.03 19.81 3.82
CA ARG B 369 -9.50 19.07 2.70
C ARG B 369 -8.08 18.64 3.01
N ASP B 370 -7.45 19.36 3.94
CA ASP B 370 -6.07 19.07 4.34
C ASP B 370 -5.99 18.45 5.73
N SER B 371 -7.07 17.81 6.16
CA SER B 371 -7.10 17.18 7.48
C SER B 371 -6.03 16.10 7.54
N GLN B 372 -5.20 16.16 8.56
CA GLN B 372 -4.15 15.18 8.72
C GLN B 372 -4.66 13.96 9.49
N PHE B 373 -5.95 14.00 9.84
CA PHE B 373 -6.59 12.93 10.59
C PHE B 373 -7.65 12.25 9.72
N PRO B 374 -7.24 11.19 9.01
CA PRO B 374 -8.10 10.40 8.12
C PRO B 374 -9.27 9.73 8.84
N SER B 375 -9.01 9.25 10.05
CA SER B 375 -10.03 8.59 10.85
C SER B 375 -9.67 8.70 12.32
N ILE B 376 -10.56 8.22 13.19
CA ILE B 376 -10.29 8.26 14.62
C ILE B 376 -9.11 7.35 14.95
N PRO B 377 -9.12 6.10 14.44
CA PRO B 377 -7.99 5.22 14.75
C PRO B 377 -6.65 5.82 14.29
N ASP B 378 -6.67 6.59 13.21
CA ASP B 378 -5.45 7.21 12.73
C ASP B 378 -4.94 8.20 13.77
N ALA B 379 -5.86 9.02 14.27
CA ALA B 379 -5.53 10.01 15.27
C ALA B 379 -4.96 9.43 16.56
N PHE B 380 -5.10 8.11 16.78
CA PHE B 380 -4.57 7.49 17.99
C PHE B 380 -3.07 7.78 18.12
N TRP B 381 -2.35 7.63 17.02
CA TRP B 381 -0.91 7.86 16.97
C TRP B 381 -0.59 9.28 17.44
N TRP B 382 -1.33 10.24 16.93
CA TRP B 382 -1.13 11.63 17.30
C TRP B 382 -1.39 11.86 18.79
N ALA B 383 -2.50 11.29 19.27
CA ALA B 383 -2.90 11.44 20.66
C ALA B 383 -1.85 10.92 21.63
N VAL B 384 -1.31 9.73 21.37
CA VAL B 384 -0.28 9.16 22.24
C VAL B 384 0.99 10.01 22.17
N VAL B 385 1.32 10.44 20.96
CA VAL B 385 2.51 11.23 20.74
C VAL B 385 2.45 12.58 21.44
N SER B 386 1.25 13.13 21.57
CA SER B 386 1.07 14.42 22.22
C SER B 386 1.03 14.23 23.73
N MET B 387 0.27 13.22 24.16
CA MET B 387 0.11 12.91 25.57
C MET B 387 1.41 12.57 26.26
N THR B 388 2.23 11.73 25.64
CA THR B 388 3.52 11.38 26.23
C THR B 388 4.43 12.57 25.98
N THR B 389 3.86 13.57 25.32
CA THR B 389 4.56 14.80 24.97
C THR B 389 5.77 14.57 24.05
N VAL B 390 5.74 13.53 23.23
CA VAL B 390 6.86 13.27 22.31
C VAL B 390 6.79 14.22 21.12
N GLY B 391 5.57 14.56 20.69
CA GLY B 391 5.36 15.48 19.58
C GLY B 391 6.13 15.38 18.26
N TYR B 392 6.26 14.19 17.68
CA TYR B 392 7.00 14.07 16.42
C TYR B 392 6.66 15.12 15.37
N GLY B 393 5.43 15.64 15.38
CA GLY B 393 5.06 16.64 14.39
C GLY B 393 4.68 16.08 13.03
N ASP B 394 4.53 14.76 12.92
CA ASP B 394 4.14 14.15 11.66
C ASP B 394 2.62 14.25 11.45
N MET B 395 1.91 14.64 12.51
CA MET B 395 0.47 14.82 12.48
C MET B 395 0.19 15.99 13.42
N VAL B 396 -0.46 17.04 12.93
CA VAL B 396 -0.75 18.20 13.78
C VAL B 396 -2.07 18.84 13.38
N PRO B 397 -2.88 19.24 14.38
CA PRO B 397 -4.15 19.87 14.00
C PRO B 397 -3.88 21.19 13.26
N THR B 398 -4.84 21.63 12.44
CA THR B 398 -4.68 22.87 11.69
C THR B 398 -5.81 23.86 11.94
N THR B 399 -6.91 23.39 12.51
CA THR B 399 -8.04 24.26 12.79
C THR B 399 -7.99 24.76 14.23
N ILE B 400 -8.78 25.79 14.53
CA ILE B 400 -8.80 26.33 15.89
C ILE B 400 -9.27 25.26 16.87
N GLY B 401 -10.43 24.67 16.58
CA GLY B 401 -10.96 23.65 17.46
C GLY B 401 -9.98 22.51 17.67
N GLY B 402 -9.32 22.09 16.59
CA GLY B 402 -8.36 21.00 16.67
C GLY B 402 -7.19 21.36 17.56
N LYS B 403 -6.79 22.64 17.53
CA LYS B 403 -5.69 23.10 18.35
C LYS B 403 -6.07 23.24 19.82
N ILE B 404 -7.31 23.63 20.08
CA ILE B 404 -7.75 23.75 21.46
C ILE B 404 -7.77 22.35 22.03
N VAL B 405 -8.20 21.39 21.20
CA VAL B 405 -8.27 20.00 21.58
C VAL B 405 -6.86 19.47 21.82
N GLY B 406 -5.93 19.87 20.96
CA GLY B 406 -4.55 19.43 21.10
C GLY B 406 -3.90 19.96 22.38
N SER B 407 -4.27 21.18 22.75
CA SER B 407 -3.74 21.82 23.96
C SER B 407 -4.13 21.01 25.19
N LEU B 408 -5.42 20.74 25.32
CA LEU B 408 -5.92 19.97 26.46
C LEU B 408 -5.32 18.56 26.46
N CYS B 409 -5.08 18.02 25.27
CA CYS B 409 -4.51 16.69 25.13
C CYS B 409 -3.10 16.60 25.73
N ALA B 410 -2.30 17.64 25.54
CA ALA B 410 -0.94 17.67 26.07
C ALA B 410 -0.99 17.74 27.60
N ILE B 411 -1.76 18.70 28.10
CA ILE B 411 -1.93 18.90 29.54
C ILE B 411 -2.47 17.61 30.19
N ALA B 412 -3.55 17.08 29.64
CA ALA B 412 -4.15 15.86 30.17
C ALA B 412 -3.15 14.73 30.20
N GLY B 413 -2.34 14.64 29.15
CA GLY B 413 -1.34 13.59 29.08
C GLY B 413 -0.35 13.71 30.21
N VAL B 414 0.12 14.93 30.45
CA VAL B 414 1.07 15.18 31.53
C VAL B 414 0.52 14.70 32.87
N LEU B 415 -0.76 14.96 33.13
CA LEU B 415 -1.38 14.55 34.38
C LEU B 415 -1.64 13.05 34.45
N THR B 416 -2.11 12.50 33.35
CA THR B 416 -2.40 11.07 33.28
C THR B 416 -1.19 10.22 33.67
N ILE B 417 -0.04 10.58 33.12
CA ILE B 417 1.20 9.86 33.39
C ILE B 417 1.71 10.14 34.80
N ALA B 418 1.66 11.40 35.21
CA ALA B 418 2.14 11.81 36.52
C ALA B 418 1.43 11.17 37.73
N LEU B 419 0.29 10.53 37.51
CA LEU B 419 -0.41 9.92 38.64
C LEU B 419 0.13 8.56 39.07
N PRO B 420 0.16 7.57 38.17
CA PRO B 420 0.66 6.23 38.50
C PRO B 420 2.17 6.08 38.69
N VAL B 421 2.96 6.82 37.92
CA VAL B 421 4.41 6.72 37.99
C VAL B 421 5.00 6.89 39.39
N PRO B 422 4.59 7.94 40.12
CA PRO B 422 5.13 8.14 41.47
C PRO B 422 5.13 6.88 42.32
N VAL B 423 4.06 6.08 42.20
CA VAL B 423 3.95 4.85 42.96
C VAL B 423 5.01 3.85 42.48
N ILE B 424 5.13 3.73 41.17
CA ILE B 424 6.10 2.83 40.57
C ILE B 424 7.50 3.25 41.00
N VAL B 425 7.78 4.55 40.91
CA VAL B 425 9.07 5.09 41.31
C VAL B 425 9.29 4.71 42.75
N SER B 426 8.22 4.82 43.54
CA SER B 426 8.26 4.49 44.95
C SER B 426 8.75 3.05 45.14
N ASN B 427 8.02 2.09 44.55
CA ASN B 427 8.41 0.68 44.68
C ASN B 427 9.86 0.46 44.30
N PHE B 428 10.29 1.07 43.19
CA PHE B 428 11.66 0.93 42.75
C PHE B 428 12.61 1.39 43.85
N ASN B 429 12.34 2.56 44.42
CA ASN B 429 13.18 3.11 45.46
C ASN B 429 13.31 2.16 46.65
N TYR B 430 12.25 1.40 46.88
CA TYR B 430 12.24 0.41 47.95
C TYR B 430 13.29 -0.65 47.66
N PHE B 431 13.01 -1.51 46.69
CA PHE B 431 13.91 -2.58 46.30
C PHE B 431 15.35 -2.13 46.07
N TYR B 432 15.53 -0.90 45.62
CA TYR B 432 16.85 -0.37 45.34
C TYR B 432 17.68 -0.13 46.59
N HIS B 433 17.02 0.29 47.67
CA HIS B 433 17.74 0.54 48.91
C HIS B 433 17.71 -0.64 49.87
N ARG B 434 16.67 -1.45 49.81
CA ARG B 434 16.57 -2.61 50.69
C ARG B 434 17.77 -3.51 50.43
N GLU B 435 18.53 -3.17 49.39
CA GLU B 435 19.73 -3.90 49.05
C GLU B 435 20.90 -3.18 49.72
N THR B 436 21.20 -1.99 49.21
CA THR B 436 22.29 -1.16 49.74
C THR B 436 21.83 -0.37 50.97
N LEU C 2 -13.77 -8.31 -35.99
CA LEU C 2 -12.66 -9.19 -36.46
C LEU C 2 -11.36 -8.79 -35.73
N GLN C 3 -10.78 -7.67 -36.14
CA GLN C 3 -9.55 -7.18 -35.51
C GLN C 3 -9.97 -6.26 -34.36
N PHE C 4 -9.86 -6.77 -33.14
CA PHE C 4 -10.25 -6.02 -31.94
C PHE C 4 -9.53 -4.69 -31.76
N TYR C 5 -8.21 -4.71 -31.82
CA TYR C 5 -7.42 -3.50 -31.69
C TYR C 5 -7.09 -2.99 -33.07
N ARG C 6 -7.01 -1.68 -33.20
CA ARG C 6 -6.69 -1.09 -34.49
C ARG C 6 -6.10 0.30 -34.31
N ASN C 7 -5.60 0.85 -35.40
CA ASN C 7 -5.02 2.17 -35.38
C ASN C 7 -6.10 3.22 -35.47
N LEU C 8 -5.94 4.28 -34.68
CA LEU C 8 -6.86 5.39 -34.71
C LEU C 8 -6.43 6.19 -35.94
N GLY C 9 -7.11 5.96 -37.06
CA GLY C 9 -6.72 6.63 -38.29
C GLY C 9 -5.40 6.00 -38.69
N LYS C 10 -4.52 6.76 -39.33
CA LYS C 10 -3.22 6.23 -39.72
C LYS C 10 -2.16 6.50 -38.67
N SER C 11 -2.56 7.00 -37.50
CA SER C 11 -1.59 7.28 -36.45
C SER C 11 -1.07 5.95 -35.88
N GLY C 12 -0.10 6.04 -34.98
CA GLY C 12 0.45 4.83 -34.37
C GLY C 12 -0.29 4.41 -33.11
N LEU C 13 -1.32 5.18 -32.74
CA LEU C 13 -2.09 4.90 -31.53
C LEU C 13 -3.07 3.74 -31.76
N ARG C 14 -2.97 2.72 -30.92
CA ARG C 14 -3.82 1.53 -31.03
C ARG C 14 -4.97 1.55 -30.04
N VAL C 15 -6.18 1.42 -30.57
CA VAL C 15 -7.37 1.43 -29.72
C VAL C 15 -8.25 0.22 -29.97
N SER C 16 -9.02 -0.13 -28.94
CA SER C 16 -9.98 -1.22 -29.03
C SER C 16 -11.12 -0.67 -29.89
N CYS C 17 -11.75 -1.53 -30.68
CA CYS C 17 -12.84 -1.12 -31.56
C CYS C 17 -14.01 -0.52 -30.79
N LEU C 18 -14.03 -0.76 -29.48
CA LEU C 18 -15.07 -0.20 -28.63
C LEU C 18 -14.41 0.55 -27.48
N GLY C 19 -14.97 1.71 -27.15
CA GLY C 19 -14.44 2.49 -26.05
C GLY C 19 -15.59 2.77 -25.11
N LEU C 20 -15.31 3.34 -23.95
CA LEU C 20 -16.37 3.66 -23.02
C LEU C 20 -16.38 5.17 -22.73
N GLY C 21 -17.49 5.82 -23.06
CA GLY C 21 -17.60 7.24 -22.78
C GLY C 21 -18.18 7.52 -21.39
N THR C 22 -18.24 8.79 -21.00
CA THR C 22 -18.71 9.16 -19.67
C THR C 22 -19.77 10.27 -19.67
N TRP C 23 -20.28 10.63 -20.84
CA TRP C 23 -21.30 11.68 -20.91
C TRP C 23 -22.56 11.21 -20.20
N VAL C 24 -23.22 12.12 -19.48
CA VAL C 24 -24.45 11.83 -18.73
C VAL C 24 -24.27 10.94 -17.49
N THR C 25 -23.64 9.79 -17.67
CA THR C 25 -23.46 8.82 -16.59
C THR C 25 -22.50 9.18 -15.46
N PHE C 26 -21.20 9.26 -15.76
CA PHE C 26 -20.19 9.56 -14.75
C PHE C 26 -20.40 10.89 -14.01
N GLY C 27 -20.35 10.82 -12.69
CA GLY C 27 -20.55 12.02 -11.89
C GLY C 27 -21.94 12.61 -12.07
N GLY C 28 -22.82 11.89 -12.77
CA GLY C 28 -24.16 12.39 -12.98
C GLY C 28 -25.26 11.38 -12.66
N GLN C 29 -25.76 10.72 -13.71
CA GLN C 29 -26.81 9.73 -13.58
C GLN C 29 -26.49 8.50 -12.72
N ILE C 30 -25.28 7.97 -12.81
CA ILE C 30 -24.91 6.78 -12.06
C ILE C 30 -23.99 7.10 -10.90
N THR C 31 -23.91 6.16 -9.94
CA THR C 31 -23.06 6.35 -8.77
C THR C 31 -21.61 6.02 -9.11
N ASP C 32 -20.69 6.53 -8.30
CA ASP C 32 -19.27 6.30 -8.50
C ASP C 32 -18.94 4.81 -8.39
N GLU C 33 -19.67 4.11 -7.54
CA GLU C 33 -19.46 2.68 -7.35
C GLU C 33 -19.80 1.96 -8.66
N MET C 34 -20.87 2.42 -9.31
CA MET C 34 -21.30 1.84 -10.57
C MET C 34 -20.30 2.20 -11.67
N ALA C 35 -19.83 3.44 -11.66
CA ALA C 35 -18.86 3.92 -12.65
C ALA C 35 -17.58 3.11 -12.56
N GLU C 36 -17.15 2.82 -11.33
CA GLU C 36 -15.93 2.04 -11.11
C GLU C 36 -16.13 0.65 -11.64
N HIS C 37 -17.31 0.12 -11.40
CA HIS C 37 -17.67 -1.22 -11.84
C HIS C 37 -17.65 -1.30 -13.36
N LEU C 38 -18.27 -0.32 -14.03
CA LEU C 38 -18.32 -0.32 -15.49
C LEU C 38 -16.92 -0.24 -16.11
N MET C 39 -16.09 0.68 -15.60
CA MET C 39 -14.73 0.84 -16.11
C MET C 39 -13.91 -0.44 -15.93
N THR C 40 -13.99 -1.04 -14.75
CA THR C 40 -13.26 -2.27 -14.48
C THR C 40 -13.70 -3.34 -15.49
N LEU C 41 -15.02 -3.46 -15.67
CA LEU C 41 -15.55 -4.43 -16.61
C LEU C 41 -14.97 -4.21 -18.01
N ALA C 42 -14.99 -2.95 -18.46
CA ALA C 42 -14.47 -2.60 -19.78
C ALA C 42 -12.96 -2.85 -19.90
N TYR C 43 -12.22 -2.47 -18.87
CA TYR C 43 -10.79 -2.67 -18.86
C TYR C 43 -10.47 -4.17 -18.88
N ASP C 44 -11.09 -4.93 -17.98
CA ASP C 44 -10.84 -6.37 -17.92
C ASP C 44 -11.26 -7.08 -19.21
N ASN C 45 -12.06 -6.42 -20.04
CA ASN C 45 -12.50 -7.02 -21.30
C ASN C 45 -11.73 -6.50 -22.52
N GLY C 46 -10.56 -5.90 -22.28
CA GLY C 46 -9.75 -5.41 -23.38
C GLY C 46 -9.98 -3.98 -23.86
N ILE C 47 -11.03 -3.34 -23.40
CA ILE C 47 -11.27 -1.96 -23.83
C ILE C 47 -10.21 -1.06 -23.20
N ASN C 48 -9.49 -0.31 -24.04
CA ASN C 48 -8.45 0.57 -23.52
C ASN C 48 -8.73 2.05 -23.78
N LEU C 49 -9.87 2.31 -24.43
CA LEU C 49 -10.27 3.67 -24.79
C LEU C 49 -11.38 4.26 -23.91
N PHE C 50 -11.09 5.37 -23.23
CA PHE C 50 -12.06 6.02 -22.35
C PHE C 50 -12.14 7.51 -22.67
N ASP C 51 -13.35 7.96 -22.99
CA ASP C 51 -13.60 9.34 -23.39
C ASP C 51 -14.37 10.16 -22.37
N THR C 52 -14.03 11.44 -22.28
CA THR C 52 -14.70 12.34 -21.36
C THR C 52 -14.62 13.78 -21.88
N ALA C 53 -15.14 14.72 -21.12
CA ALA C 53 -15.11 16.12 -21.56
C ALA C 53 -15.19 17.06 -20.37
N GLU C 54 -14.63 18.25 -20.53
CA GLU C 54 -14.65 19.22 -19.43
C GLU C 54 -16.08 19.61 -19.11
N VAL C 55 -16.94 19.58 -20.12
CA VAL C 55 -18.33 19.95 -19.94
C VAL C 55 -19.18 18.89 -19.25
N TYR C 56 -18.82 17.61 -19.35
CA TYR C 56 -19.63 16.56 -18.72
C TYR C 56 -19.77 16.70 -17.21
N ALA C 57 -21.01 16.94 -16.77
CA ALA C 57 -21.34 17.10 -15.35
C ALA C 57 -20.47 18.17 -14.70
N ALA C 58 -20.16 19.22 -15.46
CA ALA C 58 -19.35 20.32 -15.00
C ALA C 58 -18.02 19.88 -14.38
N GLY C 59 -17.33 18.98 -15.06
CA GLY C 59 -16.04 18.50 -14.59
C GLY C 59 -16.06 17.30 -13.67
N LYS C 60 -17.25 16.86 -13.24
CA LYS C 60 -17.35 15.70 -12.35
C LYS C 60 -17.08 14.36 -13.03
N ALA C 61 -17.34 14.28 -14.32
CA ALA C 61 -17.08 13.03 -15.05
C ALA C 61 -15.57 12.80 -15.01
N GLU C 62 -14.81 13.84 -15.32
CA GLU C 62 -13.36 13.74 -15.32
C GLU C 62 -12.84 13.37 -13.94
N VAL C 63 -13.39 13.98 -12.89
CA VAL C 63 -12.95 13.69 -11.53
C VAL C 63 -13.18 12.23 -11.18
N VAL C 64 -14.36 11.73 -11.54
CA VAL C 64 -14.73 10.35 -11.26
C VAL C 64 -13.81 9.38 -12.03
N LEU C 65 -13.62 9.65 -13.32
CA LEU C 65 -12.75 8.80 -14.14
C LEU C 65 -11.32 8.74 -13.55
N GLY C 66 -10.84 9.90 -13.09
CA GLY C 66 -9.50 9.97 -12.52
C GLY C 66 -9.36 9.19 -11.24
N ASN C 67 -10.37 9.27 -10.37
CA ASN C 67 -10.34 8.56 -9.11
C ASN C 67 -10.33 7.04 -9.33
N ILE C 68 -11.12 6.59 -10.31
CA ILE C 68 -11.17 5.18 -10.61
C ILE C 68 -9.80 4.71 -11.10
N ILE C 69 -9.18 5.50 -11.97
CA ILE C 69 -7.87 5.11 -12.48
C ILE C 69 -6.83 5.04 -11.37
N LYS C 70 -6.86 5.99 -10.45
CA LYS C 70 -5.92 5.98 -9.35
C LYS C 70 -6.13 4.81 -8.39
N LYS C 71 -7.40 4.56 -8.05
CA LYS C 71 -7.73 3.47 -7.13
C LYS C 71 -7.39 2.10 -7.72
N LYS C 72 -7.70 1.88 -9.00
CA LYS C 72 -7.41 0.60 -9.64
C LYS C 72 -5.92 0.40 -9.88
N GLY C 73 -5.16 1.50 -9.94
CA GLY C 73 -3.73 1.40 -10.16
C GLY C 73 -3.30 0.91 -11.53
N TRP C 74 -4.19 0.91 -12.52
CA TRP C 74 -3.81 0.47 -13.85
C TRP C 74 -2.62 1.28 -14.39
N ARG C 75 -1.75 0.65 -15.16
CA ARG C 75 -0.59 1.35 -15.73
C ARG C 75 -1.07 2.38 -16.74
N ARG C 76 -0.61 3.62 -16.59
CA ARG C 76 -0.99 4.68 -17.51
C ARG C 76 -0.75 4.25 -18.96
N SER C 77 0.34 3.53 -19.18
CA SER C 77 0.71 3.06 -20.52
C SER C 77 -0.28 2.07 -21.16
N SER C 78 -1.18 1.52 -20.37
CA SER C 78 -2.16 0.58 -20.91
C SER C 78 -3.48 1.26 -21.27
N LEU C 79 -3.65 2.50 -20.83
CA LEU C 79 -4.89 3.23 -21.09
C LEU C 79 -4.74 4.27 -22.19
N VAL C 80 -5.86 4.57 -22.84
CA VAL C 80 -5.90 5.60 -23.87
C VAL C 80 -7.04 6.51 -23.41
N ILE C 81 -6.66 7.60 -22.73
CA ILE C 81 -7.62 8.55 -22.21
C ILE C 81 -7.77 9.72 -23.17
N THR C 82 -9.01 10.17 -23.36
CA THR C 82 -9.27 11.30 -24.23
C THR C 82 -10.23 12.26 -23.54
N THR C 83 -9.99 13.55 -23.72
CA THR C 83 -10.88 14.55 -23.17
C THR C 83 -11.15 15.58 -24.25
N LYS C 84 -12.27 16.30 -24.13
CA LYS C 84 -12.64 17.27 -25.14
C LYS C 84 -12.82 18.66 -24.55
N ILE C 85 -12.32 19.66 -25.27
CA ILE C 85 -12.38 21.03 -24.80
C ILE C 85 -13.25 21.95 -25.66
N PHE C 86 -14.02 22.81 -24.99
CA PHE C 86 -14.83 23.86 -25.62
C PHE C 86 -15.65 24.67 -24.63
N TRP C 87 -16.45 23.99 -23.81
CA TRP C 87 -17.28 24.67 -22.82
C TRP C 87 -16.65 24.45 -21.45
N GLY C 88 -15.94 25.45 -20.94
CA GLY C 88 -15.30 25.30 -19.65
C GLY C 88 -15.79 26.23 -18.56
N GLY C 89 -16.91 26.91 -18.78
CA GLY C 89 -17.41 27.81 -17.77
C GLY C 89 -18.29 28.91 -18.32
N LYS C 90 -18.79 29.74 -17.42
CA LYS C 90 -19.69 30.83 -17.80
C LYS C 90 -19.04 32.14 -18.24
N ALA C 91 -17.77 32.33 -17.94
CA ALA C 91 -17.09 33.57 -18.36
C ALA C 91 -16.88 33.58 -19.86
N GLU C 92 -16.80 34.79 -20.43
CA GLU C 92 -16.61 34.94 -21.86
C GLU C 92 -15.39 34.17 -22.38
N THR C 93 -14.28 34.24 -21.64
CA THR C 93 -13.05 33.58 -22.05
C THR C 93 -12.89 32.12 -21.63
N GLU C 94 -13.95 31.52 -21.09
CA GLU C 94 -13.87 30.12 -20.67
C GLU C 94 -14.49 29.15 -21.66
N ARG C 95 -14.62 29.57 -22.91
CA ARG C 95 -15.16 28.69 -23.95
C ARG C 95 -14.51 29.01 -25.29
N GLY C 96 -14.55 28.06 -26.21
CA GLY C 96 -13.96 28.29 -27.53
C GLY C 96 -12.64 27.59 -27.72
N LEU C 97 -12.06 27.75 -28.90
CA LEU C 97 -10.79 27.13 -29.20
C LEU C 97 -9.65 28.13 -29.30
N SER C 98 -9.72 29.17 -28.49
CA SER C 98 -8.64 30.15 -28.48
C SER C 98 -7.48 29.49 -27.74
N ARG C 99 -6.27 29.99 -27.97
CA ARG C 99 -5.10 29.45 -27.30
C ARG C 99 -5.33 29.49 -25.78
N LYS C 100 -5.84 30.62 -25.29
CA LYS C 100 -6.11 30.76 -23.86
C LYS C 100 -6.99 29.66 -23.27
N HIS C 101 -8.11 29.34 -23.92
CA HIS C 101 -8.98 28.31 -23.37
C HIS C 101 -8.50 26.87 -23.60
N ILE C 102 -7.85 26.61 -24.72
CA ILE C 102 -7.35 25.27 -24.96
C ILE C 102 -6.33 24.94 -23.86
N ILE C 103 -5.42 25.87 -23.58
CA ILE C 103 -4.41 25.64 -22.57
C ILE C 103 -5.00 25.59 -21.17
N GLU C 104 -5.76 26.60 -20.78
CA GLU C 104 -6.34 26.62 -19.44
C GLU C 104 -7.34 25.48 -19.27
N GLY C 105 -8.08 25.18 -20.34
CA GLY C 105 -9.06 24.11 -20.31
C GLY C 105 -8.43 22.73 -20.10
N LEU C 106 -7.46 22.39 -20.94
CA LEU C 106 -6.79 21.10 -20.82
C LEU C 106 -6.09 21.01 -19.47
N LYS C 107 -5.40 22.07 -19.08
CA LYS C 107 -4.69 22.08 -17.82
C LYS C 107 -5.65 21.80 -16.66
N ALA C 108 -6.83 22.40 -16.70
CA ALA C 108 -7.82 22.17 -15.64
C ALA C 108 -8.39 20.75 -15.72
N SER C 109 -8.57 20.21 -16.93
CA SER C 109 -9.08 18.85 -17.08
C SER C 109 -8.08 17.86 -16.49
N LEU C 110 -6.82 18.03 -16.87
CA LEU C 110 -5.75 17.16 -16.38
C LEU C 110 -5.69 17.23 -14.85
N GLU C 111 -5.95 18.39 -14.30
CA GLU C 111 -5.93 18.56 -12.85
C GLU C 111 -7.07 17.73 -12.24
N ARG C 112 -8.24 17.76 -12.86
CA ARG C 112 -9.38 16.97 -12.35
C ARG C 112 -9.14 15.47 -12.52
N LEU C 113 -8.50 15.10 -13.62
CA LEU C 113 -8.21 13.70 -13.93
C LEU C 113 -7.03 13.15 -13.14
N GLN C 114 -6.28 14.05 -12.50
CA GLN C 114 -5.10 13.63 -11.75
C GLN C 114 -4.13 12.90 -12.70
N LEU C 115 -4.02 13.40 -13.93
CA LEU C 115 -3.11 12.82 -14.94
C LEU C 115 -2.14 13.89 -15.43
N GLU C 116 -0.98 13.46 -15.91
CA GLU C 116 0.00 14.39 -16.41
C GLU C 116 -0.36 14.75 -17.85
N TYR C 117 -1.12 13.88 -18.52
CA TYR C 117 -1.51 14.10 -19.91
C TYR C 117 -2.63 13.17 -20.38
N VAL C 118 -3.29 13.55 -21.47
CA VAL C 118 -4.33 12.72 -22.08
C VAL C 118 -3.67 12.22 -23.36
N ASP C 119 -4.18 11.14 -23.92
CA ASP C 119 -3.59 10.62 -25.14
C ASP C 119 -4.06 11.42 -26.31
N VAL C 120 -5.33 11.82 -26.29
CA VAL C 120 -5.90 12.64 -27.34
C VAL C 120 -6.77 13.74 -26.75
N VAL C 121 -6.54 14.97 -27.19
CA VAL C 121 -7.35 16.09 -26.73
C VAL C 121 -8.15 16.52 -27.97
N PHE C 122 -9.46 16.69 -27.81
CA PHE C 122 -10.30 17.10 -28.93
C PHE C 122 -10.91 18.47 -28.77
N ALA C 123 -11.13 19.12 -29.89
CA ALA C 123 -11.83 20.40 -29.92
C ALA C 123 -13.26 19.84 -29.96
N ASN C 124 -14.02 20.00 -28.87
CA ASN C 124 -15.39 19.46 -28.80
C ASN C 124 -16.31 19.91 -29.93
N ARG C 125 -16.00 21.05 -30.54
CA ARG C 125 -16.78 21.53 -31.67
C ARG C 125 -16.00 22.62 -32.37
N PRO C 126 -16.40 22.99 -33.60
CA PRO C 126 -15.67 24.04 -34.31
C PRO C 126 -15.86 25.41 -33.67
N ASP C 127 -14.92 26.31 -33.93
CA ASP C 127 -14.99 27.66 -33.38
C ASP C 127 -14.79 28.68 -34.48
N PRO C 128 -15.89 29.26 -34.96
CA PRO C 128 -15.78 30.25 -36.03
C PRO C 128 -15.15 31.56 -35.54
N ASN C 129 -15.04 31.73 -34.23
CA ASN C 129 -14.46 32.94 -33.65
C ASN C 129 -12.96 32.88 -33.36
N THR C 130 -12.29 31.85 -33.82
CA THR C 130 -10.85 31.74 -33.59
C THR C 130 -10.18 31.32 -34.87
N PRO C 131 -9.16 32.06 -35.32
CA PRO C 131 -8.49 31.65 -36.56
C PRO C 131 -7.89 30.25 -36.42
N MET C 132 -7.94 29.47 -37.50
CA MET C 132 -7.44 28.10 -37.49
C MET C 132 -5.98 28.04 -37.05
N GLU C 133 -5.17 29.01 -37.48
CA GLU C 133 -3.77 29.05 -37.11
C GLU C 133 -3.62 29.05 -35.58
N GLU C 134 -4.42 29.86 -34.91
CA GLU C 134 -4.35 29.93 -33.45
C GLU C 134 -4.67 28.58 -32.83
N THR C 135 -5.76 27.97 -33.28
CA THR C 135 -6.17 26.68 -32.73
C THR C 135 -5.11 25.59 -32.93
N VAL C 136 -4.63 25.45 -34.16
CA VAL C 136 -3.64 24.44 -34.44
C VAL C 136 -2.35 24.67 -33.64
N ARG C 137 -1.90 25.93 -33.54
CA ARG C 137 -0.70 26.22 -32.76
C ARG C 137 -0.90 25.84 -31.29
N ALA C 138 -2.10 26.09 -30.75
CA ALA C 138 -2.39 25.77 -29.36
C ALA C 138 -2.39 24.25 -29.11
N MET C 139 -2.97 23.50 -30.04
CA MET C 139 -2.99 22.05 -29.93
C MET C 139 -1.56 21.51 -29.99
N THR C 140 -0.77 22.02 -30.95
CA THR C 140 0.61 21.61 -31.10
C THR C 140 1.40 21.95 -29.84
N HIS C 141 1.08 23.10 -29.25
CA HIS C 141 1.74 23.55 -28.04
C HIS C 141 1.48 22.60 -26.86
N VAL C 142 0.21 22.26 -26.59
CA VAL C 142 -0.04 21.36 -25.46
C VAL C 142 0.60 20.00 -25.73
N ILE C 143 0.71 19.62 -27.00
CA ILE C 143 1.35 18.34 -27.31
C ILE C 143 2.86 18.46 -27.03
N ASN C 144 3.47 19.57 -27.45
CA ASN C 144 4.90 19.77 -27.20
C ASN C 144 5.23 19.93 -25.72
N GLN C 145 4.24 20.27 -24.91
CA GLN C 145 4.43 20.46 -23.46
C GLN C 145 4.19 19.14 -22.73
N GLY C 146 3.83 18.11 -23.49
CA GLY C 146 3.56 16.82 -22.89
C GLY C 146 2.23 16.75 -22.14
N MET C 147 1.28 17.61 -22.49
CA MET C 147 -0.04 17.59 -21.85
C MET C 147 -0.97 16.65 -22.63
N ALA C 148 -0.56 16.32 -23.85
CA ALA C 148 -1.33 15.44 -24.71
C ALA C 148 -0.40 14.80 -25.72
N MET C 149 -0.75 13.61 -26.17
CA MET C 149 0.06 12.90 -27.16
C MET C 149 -0.39 13.27 -28.57
N TYR C 150 -1.70 13.39 -28.76
CA TYR C 150 -2.28 13.73 -30.06
C TYR C 150 -3.47 14.66 -29.85
N TRP C 151 -4.01 15.18 -30.94
CA TRP C 151 -5.20 16.01 -30.83
C TRP C 151 -6.15 15.65 -31.97
N GLY C 152 -7.43 15.93 -31.76
CA GLY C 152 -8.42 15.64 -32.78
C GLY C 152 -9.56 16.63 -32.76
N THR C 153 -10.42 16.53 -33.76
CA THR C 153 -11.58 17.41 -33.90
C THR C 153 -12.85 16.63 -33.56
N SER C 154 -13.94 17.36 -33.35
CA SER C 154 -15.22 16.75 -33.04
C SER C 154 -16.33 17.66 -33.55
N ARG C 155 -17.16 17.13 -34.45
CA ARG C 155 -18.26 17.87 -35.08
C ARG C 155 -17.76 18.88 -36.09
N TRP C 156 -16.54 18.69 -36.60
CA TRP C 156 -15.97 19.61 -37.59
C TRP C 156 -16.39 19.15 -38.98
N SER C 157 -16.53 20.10 -39.90
CA SER C 157 -16.89 19.74 -41.26
C SER C 157 -15.58 19.23 -41.86
N SER C 158 -15.67 18.44 -42.92
CA SER C 158 -14.46 17.93 -43.55
C SER C 158 -13.64 19.10 -44.10
N MET C 159 -14.31 20.18 -44.43
CA MET C 159 -13.63 21.37 -44.95
C MET C 159 -12.73 21.95 -43.85
N GLU C 160 -13.27 22.00 -42.64
CA GLU C 160 -12.55 22.52 -41.50
C GLU C 160 -11.40 21.60 -41.06
N ILE C 161 -11.60 20.30 -41.17
CA ILE C 161 -10.56 19.36 -40.79
C ILE C 161 -9.40 19.53 -41.76
N MET C 162 -9.75 19.67 -43.04
CA MET C 162 -8.74 19.85 -44.08
C MET C 162 -8.00 21.17 -43.86
N GLU C 163 -8.71 22.18 -43.38
CA GLU C 163 -8.12 23.50 -43.11
C GLU C 163 -7.08 23.38 -41.98
N ALA C 164 -7.42 22.61 -40.95
CA ALA C 164 -6.51 22.42 -39.83
C ALA C 164 -5.26 21.68 -40.32
N TYR C 165 -5.48 20.76 -41.25
CA TYR C 165 -4.39 19.97 -41.84
C TYR C 165 -3.46 20.86 -42.67
N SER C 166 -4.04 21.78 -43.44
CA SER C 166 -3.25 22.68 -44.29
C SER C 166 -2.43 23.65 -43.46
N VAL C 167 -3.08 24.21 -42.44
CA VAL C 167 -2.43 25.16 -41.55
C VAL C 167 -1.23 24.48 -40.88
N ALA C 168 -1.44 23.25 -40.43
CA ALA C 168 -0.37 22.51 -39.78
C ALA C 168 0.80 22.33 -40.75
N ARG C 169 0.51 22.01 -42.01
CA ARG C 169 1.59 21.82 -42.97
C ARG C 169 2.31 23.12 -43.28
N GLN C 170 1.54 24.19 -43.44
CA GLN C 170 2.07 25.50 -43.73
C GLN C 170 3.05 26.01 -42.67
N PHE C 171 2.73 25.79 -41.39
CA PHE C 171 3.57 26.27 -40.31
C PHE C 171 4.39 25.19 -39.64
N ASN C 172 4.35 23.98 -40.21
CA ASN C 172 5.12 22.88 -39.66
C ASN C 172 4.59 22.51 -38.27
N LEU C 173 3.28 22.46 -38.13
CA LEU C 173 2.67 22.09 -36.86
C LEU C 173 2.21 20.64 -36.91
N ILE C 174 1.43 20.21 -35.92
CA ILE C 174 0.96 18.84 -35.87
C ILE C 174 -0.47 18.70 -36.33
N PRO C 175 -0.71 17.91 -37.39
CA PRO C 175 -2.08 17.75 -37.89
C PRO C 175 -2.93 16.95 -36.92
N PRO C 176 -4.26 17.11 -37.00
CA PRO C 176 -5.17 16.36 -36.11
C PRO C 176 -5.20 14.93 -36.66
N ILE C 177 -5.43 13.94 -35.80
CA ILE C 177 -5.43 12.55 -36.27
C ILE C 177 -6.80 11.89 -36.28
N CYS C 178 -7.80 12.58 -35.75
CA CYS C 178 -9.09 11.95 -35.66
C CYS C 178 -10.25 12.91 -35.52
N GLU C 179 -11.41 12.51 -36.02
CA GLU C 179 -12.62 13.30 -35.93
C GLU C 179 -13.62 12.43 -35.14
N GLN C 180 -14.27 13.04 -34.15
CA GLN C 180 -15.26 12.34 -33.34
C GLN C 180 -16.63 12.73 -33.86
N ALA C 181 -17.22 11.86 -34.66
CA ALA C 181 -18.51 12.14 -35.29
C ALA C 181 -19.65 11.27 -34.79
N GLU C 182 -20.84 11.87 -34.72
CA GLU C 182 -22.03 11.14 -34.29
C GLU C 182 -22.30 10.09 -35.35
N TYR C 183 -22.68 8.89 -34.94
CA TYR C 183 -22.95 7.86 -35.91
C TYR C 183 -23.83 6.73 -35.41
N HIS C 184 -24.94 6.53 -36.11
CA HIS C 184 -25.89 5.47 -35.81
C HIS C 184 -26.86 5.37 -36.98
N MET C 185 -27.72 4.35 -36.94
CA MET C 185 -28.67 4.12 -38.02
C MET C 185 -29.51 5.32 -38.45
N PHE C 186 -29.64 6.33 -37.58
CA PHE C 186 -30.42 7.51 -37.93
C PHE C 186 -29.56 8.76 -38.18
N GLN C 187 -28.26 8.54 -38.37
CA GLN C 187 -27.31 9.64 -38.60
C GLN C 187 -26.06 9.01 -39.21
N ARG C 188 -26.00 8.94 -40.54
CA ARG C 188 -24.90 8.28 -41.21
C ARG C 188 -24.24 9.06 -42.33
N GLU C 189 -24.78 10.23 -42.62
CA GLU C 189 -24.25 11.03 -43.72
C GLU C 189 -22.73 11.31 -43.67
N LYS C 190 -22.30 12.04 -42.64
CA LYS C 190 -20.89 12.40 -42.48
C LYS C 190 -19.90 11.24 -42.42
N VAL C 191 -20.14 10.28 -41.54
CA VAL C 191 -19.24 9.15 -41.39
C VAL C 191 -19.12 8.28 -42.65
N GLU C 192 -20.24 8.05 -43.33
CA GLU C 192 -20.24 7.21 -44.53
C GLU C 192 -19.85 7.89 -45.83
N VAL C 193 -20.15 9.19 -45.96
CA VAL C 193 -19.83 9.90 -47.20
C VAL C 193 -18.64 10.88 -47.16
N GLN C 194 -18.56 11.72 -46.14
CA GLN C 194 -17.47 12.70 -46.06
C GLN C 194 -16.14 12.27 -45.43
N LEU C 195 -16.20 11.53 -44.33
CA LEU C 195 -14.98 11.11 -43.63
C LEU C 195 -14.04 10.11 -44.30
N PRO C 196 -14.56 9.13 -45.05
CA PRO C 196 -13.66 8.16 -45.69
C PRO C 196 -12.63 8.82 -46.60
N GLU C 197 -13.05 9.89 -47.29
CA GLU C 197 -12.16 10.61 -48.19
C GLU C 197 -10.99 11.19 -47.39
N LEU C 198 -11.26 11.72 -46.21
CA LEU C 198 -10.22 12.31 -45.36
C LEU C 198 -9.25 11.25 -44.85
N PHE C 199 -9.78 10.07 -44.53
CA PHE C 199 -8.93 9.00 -44.03
C PHE C 199 -7.86 8.63 -45.05
N HIS C 200 -8.27 8.46 -46.29
CA HIS C 200 -7.33 8.08 -47.33
C HIS C 200 -6.39 9.21 -47.73
N LYS C 201 -6.92 10.42 -47.75
CA LYS C 201 -6.11 11.56 -48.14
C LYS C 201 -5.14 12.02 -47.04
N ILE C 202 -5.62 12.23 -45.82
CA ILE C 202 -4.72 12.69 -44.75
C ILE C 202 -4.64 11.86 -43.47
N GLY C 203 -5.07 10.61 -43.54
CA GLY C 203 -4.97 9.73 -42.37
C GLY C 203 -5.90 9.96 -41.19
N VAL C 204 -6.81 10.91 -41.31
CA VAL C 204 -7.73 11.20 -40.22
C VAL C 204 -8.76 10.08 -40.04
N GLY C 205 -8.71 9.42 -38.89
CA GLY C 205 -9.65 8.34 -38.61
C GLY C 205 -10.92 8.84 -37.96
N ALA C 206 -11.88 7.94 -37.77
CA ALA C 206 -13.15 8.34 -37.17
C ALA C 206 -13.46 7.58 -35.88
N MET C 207 -13.75 8.33 -34.82
CA MET C 207 -14.12 7.76 -33.53
C MET C 207 -15.57 8.22 -33.41
N THR C 208 -16.50 7.29 -33.54
CA THR C 208 -17.91 7.65 -33.52
C THR C 208 -18.58 7.59 -32.16
N TRP C 209 -19.56 8.46 -31.97
CA TRP C 209 -20.29 8.52 -30.71
C TRP C 209 -21.80 8.33 -30.85
N SER C 210 -22.45 8.04 -29.72
CA SER C 210 -23.89 7.77 -29.64
C SER C 210 -24.37 6.71 -30.63
N PRO C 211 -23.74 5.52 -30.60
CA PRO C 211 -24.10 4.42 -31.49
C PRO C 211 -25.57 3.98 -31.39
N LEU C 212 -26.18 4.18 -30.23
CA LEU C 212 -27.59 3.83 -30.01
C LEU C 212 -28.47 5.08 -29.98
N ALA C 213 -27.96 6.17 -30.56
CA ALA C 213 -28.69 7.44 -30.58
C ALA C 213 -29.24 7.75 -29.20
N CYS C 214 -28.37 7.67 -28.19
CA CYS C 214 -28.72 7.96 -26.80
C CYS C 214 -29.58 6.90 -26.13
N GLY C 215 -29.78 5.77 -26.80
CA GLY C 215 -30.59 4.71 -26.23
C GLY C 215 -31.80 4.44 -27.09
N ILE C 216 -32.20 5.44 -27.88
CA ILE C 216 -33.34 5.35 -28.78
C ILE C 216 -33.32 4.05 -29.59
N VAL C 217 -32.15 3.66 -30.07
CA VAL C 217 -32.00 2.44 -30.88
C VAL C 217 -32.07 1.15 -30.07
N SER C 218 -32.24 1.24 -28.76
CA SER C 218 -32.33 0.04 -27.93
C SER C 218 -33.75 -0.52 -28.00
N GLY C 219 -34.70 0.34 -28.35
CA GLY C 219 -36.08 -0.07 -28.45
C GLY C 219 -36.84 0.05 -27.14
N LYS C 220 -36.16 0.49 -26.08
CA LYS C 220 -36.77 0.62 -24.76
C LYS C 220 -37.89 1.68 -24.74
N TYR C 221 -37.85 2.62 -25.67
CA TYR C 221 -38.84 3.68 -25.75
C TYR C 221 -39.99 3.26 -26.64
N ASP C 222 -40.19 1.95 -26.71
CA ASP C 222 -41.24 1.33 -27.50
C ASP C 222 -42.64 1.90 -27.22
N SER C 223 -43.00 2.00 -25.94
CA SER C 223 -44.31 2.50 -25.57
C SER C 223 -44.32 3.85 -24.85
N GLY C 224 -43.21 4.23 -24.23
CA GLY C 224 -43.15 5.50 -23.55
C GLY C 224 -41.78 5.79 -22.97
N ILE C 225 -41.76 6.44 -21.81
CA ILE C 225 -40.51 6.78 -21.15
C ILE C 225 -40.37 5.86 -19.94
N PRO C 226 -39.68 4.73 -20.11
CA PRO C 226 -39.46 3.74 -19.04
C PRO C 226 -38.66 4.26 -17.85
N PRO C 227 -38.75 3.55 -16.72
CA PRO C 227 -38.01 3.97 -15.51
C PRO C 227 -36.49 3.88 -15.69
N TYR C 228 -35.79 4.89 -15.17
CA TYR C 228 -34.33 4.95 -15.22
C TYR C 228 -33.73 5.06 -16.61
N SER C 229 -34.48 5.63 -17.55
CA SER C 229 -33.96 5.79 -18.90
C SER C 229 -33.37 7.20 -18.99
N ARG C 230 -32.57 7.47 -20.02
CA ARG C 230 -31.98 8.79 -20.13
C ARG C 230 -33.07 9.85 -20.25
N ALA C 231 -34.12 9.55 -21.02
CA ALA C 231 -35.22 10.47 -21.24
C ALA C 231 -36.05 10.76 -19.97
N SER C 232 -35.89 9.96 -18.93
CA SER C 232 -36.64 10.21 -17.71
C SER C 232 -35.89 11.22 -16.86
N LEU C 233 -34.69 11.59 -17.30
CA LEU C 233 -33.87 12.54 -16.56
C LEU C 233 -34.17 14.00 -16.87
N LYS C 234 -34.29 14.80 -15.82
CA LYS C 234 -34.52 16.23 -15.98
C LYS C 234 -33.21 16.72 -16.59
N GLY C 235 -33.28 17.57 -17.61
CA GLY C 235 -32.04 18.01 -18.21
C GLY C 235 -31.90 17.38 -19.57
N TYR C 236 -32.60 16.27 -19.77
CA TYR C 236 -32.60 15.58 -21.06
C TYR C 236 -34.01 15.53 -21.61
N GLN C 237 -34.76 16.56 -21.25
CA GLN C 237 -36.15 16.72 -21.66
C GLN C 237 -36.21 16.91 -23.18
N TRP C 238 -35.12 17.41 -23.77
CA TRP C 238 -35.03 17.62 -25.21
C TRP C 238 -35.00 16.24 -25.86
N LEU C 239 -34.43 15.27 -25.17
CA LEU C 239 -34.35 13.91 -25.69
C LEU C 239 -35.73 13.24 -25.60
N LYS C 240 -36.42 13.48 -24.49
CA LYS C 240 -37.76 12.93 -24.29
C LYS C 240 -38.66 13.50 -25.40
N ASP C 241 -38.51 14.79 -25.67
CA ASP C 241 -39.29 15.46 -26.71
C ASP C 241 -39.09 14.82 -28.08
N LYS C 242 -37.85 14.43 -28.38
CA LYS C 242 -37.54 13.80 -29.66
C LYS C 242 -38.11 12.39 -29.73
N ILE C 243 -38.04 11.66 -28.62
CA ILE C 243 -38.54 10.29 -28.60
C ILE C 243 -40.06 10.22 -28.75
N LEU C 244 -40.75 11.11 -28.06
CA LEU C 244 -42.21 11.16 -28.07
C LEU C 244 -42.81 11.88 -29.27
N SER C 245 -42.01 12.68 -29.95
CA SER C 245 -42.49 13.42 -31.11
C SER C 245 -42.98 12.49 -32.22
N GLU C 246 -43.65 13.07 -33.20
CA GLU C 246 -44.17 12.32 -34.34
C GLU C 246 -43.01 11.60 -35.05
N GLU C 247 -41.90 12.32 -35.23
CA GLU C 247 -40.74 11.75 -35.87
C GLU C 247 -40.13 10.63 -35.02
N GLY C 248 -40.08 10.85 -33.71
CA GLY C 248 -39.53 9.85 -32.82
C GLY C 248 -40.36 8.58 -32.82
N ARG C 249 -41.65 8.74 -33.11
CA ARG C 249 -42.58 7.61 -33.17
C ARG C 249 -42.30 6.81 -34.44
N ARG C 250 -41.99 7.51 -35.52
CA ARG C 250 -41.67 6.86 -36.79
C ARG C 250 -40.40 6.02 -36.65
N GLN C 251 -39.42 6.54 -35.92
CA GLN C 251 -38.18 5.82 -35.72
C GLN C 251 -38.47 4.58 -34.92
N GLN C 252 -39.23 4.75 -33.85
CA GLN C 252 -39.60 3.67 -32.95
C GLN C 252 -40.29 2.53 -33.72
N ALA C 253 -41.00 2.90 -34.78
CA ALA C 253 -41.71 1.93 -35.60
C ALA C 253 -40.71 1.07 -36.38
N LYS C 254 -39.70 1.72 -36.96
CA LYS C 254 -38.69 1.00 -37.72
C LYS C 254 -37.81 0.12 -36.83
N LEU C 255 -37.70 0.47 -35.55
CA LEU C 255 -36.90 -0.33 -34.64
C LEU C 255 -37.53 -1.71 -34.47
N LYS C 256 -38.85 -1.78 -34.68
CA LYS C 256 -39.57 -3.04 -34.56
C LYS C 256 -39.19 -3.95 -35.71
N GLU C 257 -39.07 -3.37 -36.90
CA GLU C 257 -38.68 -4.15 -38.07
C GLU C 257 -37.25 -4.63 -37.91
N LEU C 258 -36.38 -3.75 -37.41
CA LEU C 258 -34.97 -4.07 -37.19
C LEU C 258 -34.83 -5.13 -36.12
N GLN C 259 -35.68 -5.07 -35.11
CA GLN C 259 -35.67 -6.05 -34.02
C GLN C 259 -35.86 -7.44 -34.63
N ALA C 260 -36.59 -7.47 -35.75
CA ALA C 260 -36.86 -8.72 -36.47
C ALA C 260 -35.55 -9.32 -37.02
N ILE C 261 -34.69 -8.48 -37.58
CA ILE C 261 -33.42 -8.96 -38.11
C ILE C 261 -32.51 -9.40 -36.97
N ALA C 262 -32.60 -8.71 -35.84
CA ALA C 262 -31.77 -9.04 -34.68
C ALA C 262 -32.11 -10.43 -34.17
N GLU C 263 -33.40 -10.70 -33.99
CA GLU C 263 -33.85 -12.00 -33.51
C GLU C 263 -33.38 -13.10 -34.46
N ARG C 264 -33.34 -12.78 -35.75
CA ARG C 264 -32.90 -13.73 -36.76
C ARG C 264 -31.40 -14.01 -36.64
N LEU C 265 -30.63 -12.97 -36.38
CA LEU C 265 -29.17 -13.11 -36.24
C LEU C 265 -28.79 -13.72 -34.90
N GLY C 266 -29.76 -13.78 -33.98
CA GLY C 266 -29.50 -14.35 -32.67
C GLY C 266 -28.88 -13.38 -31.69
N CYS C 267 -29.11 -12.09 -31.91
CA CYS C 267 -28.57 -11.06 -31.04
C CYS C 267 -29.64 -10.05 -30.66
N THR C 268 -29.28 -9.07 -29.83
CA THR C 268 -30.23 -8.06 -29.41
C THR C 268 -30.13 -6.87 -30.36
N LEU C 269 -31.11 -5.97 -30.29
CA LEU C 269 -31.09 -4.81 -31.17
C LEU C 269 -29.86 -3.93 -30.93
N PRO C 270 -29.52 -3.66 -29.66
CA PRO C 270 -28.34 -2.84 -29.38
C PRO C 270 -27.09 -3.44 -30.02
N GLN C 271 -26.91 -4.74 -29.84
CA GLN C 271 -25.77 -5.46 -30.39
C GLN C 271 -25.71 -5.34 -31.91
N LEU C 272 -26.87 -5.26 -32.55
CA LEU C 272 -26.93 -5.12 -34.00
C LEU C 272 -26.56 -3.70 -34.43
N ALA C 273 -27.06 -2.71 -33.69
CA ALA C 273 -26.78 -1.32 -33.99
C ALA C 273 -25.29 -1.03 -33.85
N ILE C 274 -24.71 -1.50 -32.75
CA ILE C 274 -23.30 -1.28 -32.47
C ILE C 274 -22.41 -1.96 -33.51
N ALA C 275 -22.63 -3.25 -33.74
CA ALA C 275 -21.87 -3.98 -34.73
C ALA C 275 -22.05 -3.32 -36.10
N TRP C 276 -23.25 -2.80 -36.36
CA TRP C 276 -23.55 -2.13 -37.60
C TRP C 276 -22.59 -0.93 -37.81
N CYS C 277 -22.27 -0.24 -36.72
CA CYS C 277 -21.37 0.92 -36.76
C CYS C 277 -19.92 0.52 -37.08
N LEU C 278 -19.52 -0.65 -36.62
CA LEU C 278 -18.18 -1.16 -36.86
C LEU C 278 -17.99 -1.89 -38.19
N ARG C 279 -19.07 -2.08 -38.94
CA ARG C 279 -18.99 -2.81 -40.21
C ARG C 279 -17.99 -2.20 -41.20
N ASN C 280 -17.95 -0.88 -41.30
CA ASN C 280 -17.02 -0.21 -42.20
C ASN C 280 -15.64 -0.05 -41.54
N GLU C 281 -14.59 0.02 -42.34
CA GLU C 281 -13.23 0.16 -41.83
C GLU C 281 -12.91 1.61 -41.50
N GLY C 282 -13.67 2.52 -42.09
CA GLY C 282 -13.45 3.94 -41.84
C GLY C 282 -13.61 4.29 -40.38
N VAL C 283 -14.42 3.51 -39.66
CA VAL C 283 -14.66 3.72 -38.25
C VAL C 283 -13.62 2.97 -37.42
N SER C 284 -12.69 3.71 -36.83
CA SER C 284 -11.64 3.12 -36.02
C SER C 284 -12.18 2.63 -34.68
N SER C 285 -13.10 3.39 -34.11
CA SER C 285 -13.65 2.97 -32.82
C SER C 285 -15.04 3.57 -32.57
N VAL C 286 -15.82 2.87 -31.75
CA VAL C 286 -17.16 3.29 -31.40
C VAL C 286 -17.21 3.53 -29.90
N LEU C 287 -17.66 4.72 -29.50
CA LEU C 287 -17.76 5.04 -28.08
C LEU C 287 -19.10 4.60 -27.50
N LEU C 288 -19.03 3.67 -26.55
CA LEU C 288 -20.23 3.17 -25.90
C LEU C 288 -20.64 4.01 -24.70
N GLY C 289 -21.94 3.97 -24.40
CA GLY C 289 -22.48 4.65 -23.25
C GLY C 289 -23.24 3.55 -22.51
N ALA C 290 -23.19 3.55 -21.19
CA ALA C 290 -23.91 2.53 -20.43
C ALA C 290 -24.21 2.99 -19.02
N SER C 291 -25.43 2.75 -18.56
CA SER C 291 -25.79 3.15 -17.20
C SER C 291 -25.72 2.00 -16.20
N ASN C 292 -25.53 0.78 -16.68
CA ASN C 292 -25.40 -0.37 -15.77
C ASN C 292 -24.56 -1.48 -16.40
N ALA C 293 -24.09 -2.41 -15.56
CA ALA C 293 -23.25 -3.53 -16.01
C ALA C 293 -23.87 -4.44 -17.05
N GLU C 294 -25.19 -4.63 -17.00
CA GLU C 294 -25.84 -5.51 -17.96
C GLU C 294 -25.79 -4.91 -19.36
N GLN C 295 -26.02 -3.60 -19.47
CA GLN C 295 -26.00 -2.93 -20.77
C GLN C 295 -24.58 -2.97 -21.36
N LEU C 296 -23.58 -2.77 -20.52
CA LEU C 296 -22.20 -2.79 -20.99
C LEU C 296 -21.80 -4.15 -21.55
N MET C 297 -22.00 -5.21 -20.76
CA MET C 297 -21.66 -6.56 -21.21
C MET C 297 -22.43 -6.96 -22.45
N GLU C 298 -23.69 -6.54 -22.53
CA GLU C 298 -24.50 -6.83 -23.69
C GLU C 298 -23.85 -6.16 -24.89
N ASN C 299 -23.62 -4.86 -24.78
CA ASN C 299 -23.02 -4.08 -25.85
C ASN C 299 -21.67 -4.61 -26.31
N ILE C 300 -20.84 -5.07 -25.38
CA ILE C 300 -19.54 -5.61 -25.74
C ILE C 300 -19.72 -6.85 -26.64
N GLY C 301 -20.85 -7.54 -26.48
CA GLY C 301 -21.13 -8.72 -27.26
C GLY C 301 -21.39 -8.42 -28.73
N ALA C 302 -21.57 -7.13 -29.04
CA ALA C 302 -21.82 -6.71 -30.42
C ALA C 302 -20.70 -7.16 -31.36
N ILE C 303 -19.54 -7.44 -30.79
CA ILE C 303 -18.39 -7.88 -31.57
C ILE C 303 -18.61 -9.23 -32.23
N GLN C 304 -19.30 -10.12 -31.51
CA GLN C 304 -19.57 -11.47 -32.01
C GLN C 304 -20.62 -11.42 -33.11
N VAL C 305 -21.38 -10.33 -33.17
CA VAL C 305 -22.43 -10.16 -34.17
C VAL C 305 -21.85 -9.61 -35.46
N LEU C 306 -20.67 -9.03 -35.37
CA LEU C 306 -20.00 -8.42 -36.52
C LEU C 306 -19.89 -9.35 -37.74
N PRO C 307 -19.49 -10.62 -37.55
CA PRO C 307 -19.35 -11.58 -38.65
C PRO C 307 -20.66 -11.84 -39.39
N LYS C 308 -21.73 -12.02 -38.61
CA LYS C 308 -23.06 -12.30 -39.16
C LYS C 308 -23.62 -11.20 -40.06
N LEU C 309 -22.94 -10.06 -40.14
CA LEU C 309 -23.42 -8.95 -40.96
C LEU C 309 -23.06 -9.16 -42.43
N SER C 310 -23.89 -9.89 -43.14
CA SER C 310 -23.69 -10.18 -44.56
C SER C 310 -24.15 -9.03 -45.44
N SER C 311 -23.73 -9.02 -46.70
CA SER C 311 -24.11 -7.97 -47.64
C SER C 311 -25.62 -7.79 -47.73
N SER C 312 -26.35 -8.89 -47.66
CA SER C 312 -27.81 -8.84 -47.76
C SER C 312 -28.45 -8.27 -46.49
N ILE C 313 -27.96 -8.70 -45.33
CA ILE C 313 -28.46 -8.20 -44.06
C ILE C 313 -28.32 -6.68 -44.02
N VAL C 314 -27.18 -6.19 -44.52
CA VAL C 314 -26.90 -4.76 -44.56
C VAL C 314 -27.82 -4.05 -45.55
N HIS C 315 -27.99 -4.65 -46.72
CA HIS C 315 -28.86 -4.06 -47.74
C HIS C 315 -30.30 -4.03 -47.24
N GLU C 316 -30.66 -5.05 -46.47
CA GLU C 316 -31.99 -5.16 -45.92
C GLU C 316 -32.21 -4.04 -44.92
N ILE C 317 -31.25 -3.86 -44.03
CA ILE C 317 -31.32 -2.82 -43.02
C ILE C 317 -31.47 -1.44 -43.67
N ASP C 318 -30.81 -1.24 -44.80
CA ASP C 318 -30.90 0.03 -45.52
C ASP C 318 -32.33 0.26 -46.00
N SER C 319 -33.00 -0.82 -46.38
CA SER C 319 -34.37 -0.77 -46.86
C SER C 319 -35.32 -0.31 -45.76
N ILE C 320 -35.12 -0.83 -44.55
CA ILE C 320 -35.95 -0.46 -43.40
C ILE C 320 -35.71 1.00 -43.05
N LEU C 321 -34.43 1.40 -43.03
CA LEU C 321 -34.05 2.75 -42.68
C LEU C 321 -34.43 3.76 -43.76
N GLY C 322 -34.33 3.34 -45.01
CA GLY C 322 -34.65 4.23 -46.11
C GLY C 322 -33.98 5.58 -45.99
N ASN C 323 -32.73 5.59 -45.53
CA ASN C 323 -31.99 6.83 -45.36
C ASN C 323 -30.55 6.74 -45.84
N LYS C 324 -30.20 5.63 -46.48
CA LYS C 324 -28.85 5.45 -46.98
C LYS C 324 -28.41 6.70 -47.74
N PRO C 325 -27.23 7.23 -47.41
CA PRO C 325 -26.67 8.43 -48.06
C PRO C 325 -26.15 8.19 -49.46
N TYR C 326 -26.38 9.15 -50.35
CA TYR C 326 -25.94 9.06 -51.73
C TYR C 326 -24.45 9.40 -51.82
N SER C 327 -23.72 8.62 -52.62
CA SER C 327 -22.29 8.85 -52.80
C SER C 327 -22.04 10.26 -53.35
N SER D 51 -12.47 28.85 -50.11
CA SER D 51 -11.77 28.94 -51.42
C SER D 51 -10.43 28.20 -51.33
N GLU D 52 -10.50 26.99 -50.76
CA GLU D 52 -9.35 26.13 -50.58
C GLU D 52 -8.40 26.19 -51.78
N ARG D 53 -7.10 26.18 -51.51
CA ARG D 53 -6.13 26.21 -52.60
C ARG D 53 -5.45 24.87 -52.78
N VAL D 54 -4.98 24.63 -54.01
CA VAL D 54 -4.34 23.37 -54.35
C VAL D 54 -2.94 23.59 -54.89
N VAL D 55 -2.00 22.78 -54.42
CA VAL D 55 -0.61 22.89 -54.87
C VAL D 55 -0.31 21.67 -55.71
N ILE D 56 0.18 21.91 -56.92
CA ILE D 56 0.53 20.85 -57.84
C ILE D 56 2.00 20.97 -58.15
N ASN D 57 2.74 19.91 -57.87
CA ASN D 57 4.19 19.86 -58.09
C ASN D 57 4.53 18.99 -59.31
N ILE D 58 4.99 19.64 -60.38
CA ILE D 58 5.37 18.94 -61.61
C ILE D 58 6.89 18.80 -61.64
N SER D 59 7.37 17.62 -61.30
CA SER D 59 8.80 17.34 -61.28
C SER D 59 9.61 18.44 -60.58
N GLY D 60 9.06 18.98 -59.50
CA GLY D 60 9.75 20.02 -58.76
C GLY D 60 9.26 21.42 -59.02
N LEU D 61 8.62 21.63 -60.18
CA LEU D 61 8.10 22.94 -60.54
C LEU D 61 6.76 23.10 -59.82
N ARG D 62 6.68 24.11 -58.96
CA ARG D 62 5.49 24.33 -58.16
C ARG D 62 4.40 25.18 -58.84
N PHE D 63 3.20 24.63 -58.87
CA PHE D 63 2.04 25.31 -59.45
C PHE D 63 0.99 25.45 -58.37
N GLU D 64 0.22 26.53 -58.41
CA GLU D 64 -0.80 26.73 -57.39
C GLU D 64 -2.06 27.38 -57.98
N THR D 65 -3.22 26.90 -57.54
CA THR D 65 -4.48 27.45 -58.01
C THR D 65 -5.57 27.22 -56.98
N GLN D 66 -6.79 27.67 -57.28
CA GLN D 66 -7.91 27.49 -56.37
C GLN D 66 -8.63 26.19 -56.71
N LEU D 67 -9.20 25.55 -55.69
CA LEU D 67 -9.91 24.30 -55.89
C LEU D 67 -11.06 24.46 -56.87
N LYS D 68 -11.73 25.62 -56.83
CA LYS D 68 -12.84 25.87 -57.74
C LYS D 68 -12.34 25.92 -59.18
N THR D 69 -11.15 26.46 -59.36
CA THR D 69 -10.56 26.56 -60.69
C THR D 69 -10.44 25.18 -61.34
N LEU D 70 -10.30 24.15 -60.52
CA LEU D 70 -10.19 22.79 -61.02
C LEU D 70 -11.57 22.10 -61.12
N ALA D 71 -12.43 22.36 -60.16
CA ALA D 71 -13.77 21.77 -60.13
C ALA D 71 -14.62 22.29 -61.27
N GLN D 72 -14.01 23.11 -62.12
CA GLN D 72 -14.67 23.69 -63.28
C GLN D 72 -14.84 22.60 -64.34
N PHE D 73 -14.02 21.57 -64.24
CA PHE D 73 -14.05 20.44 -65.18
C PHE D 73 -13.98 19.13 -64.39
N PRO D 74 -15.09 18.76 -63.73
CA PRO D 74 -15.27 17.56 -62.90
C PRO D 74 -14.79 16.24 -63.50
N GLU D 75 -14.73 16.17 -64.82
CA GLU D 75 -14.33 14.94 -65.48
C GLU D 75 -12.84 14.78 -65.76
N THR D 76 -12.07 15.85 -65.60
CA THR D 76 -10.63 15.79 -65.84
C THR D 76 -9.93 15.11 -64.67
N LEU D 77 -8.66 14.76 -64.86
CA LEU D 77 -7.90 14.12 -63.80
C LEU D 77 -7.80 15.02 -62.57
N LEU D 78 -7.35 16.26 -62.78
CA LEU D 78 -7.20 17.21 -61.69
C LEU D 78 -8.53 17.71 -61.14
N GLY D 79 -9.58 17.62 -61.95
CA GLY D 79 -10.88 18.10 -61.53
C GLY D 79 -11.71 17.08 -60.76
N ASP D 80 -11.24 15.84 -60.68
CA ASP D 80 -11.95 14.79 -59.97
C ASP D 80 -11.17 14.23 -58.79
N PRO D 81 -11.67 14.48 -57.57
CA PRO D 81 -11.06 14.04 -56.31
C PRO D 81 -10.56 12.60 -56.36
N LYS D 82 -11.44 11.71 -56.80
CA LYS D 82 -11.14 10.29 -56.89
C LYS D 82 -9.97 10.00 -57.84
N LYS D 83 -9.81 10.80 -58.87
CA LYS D 83 -8.73 10.58 -59.84
C LYS D 83 -7.36 11.12 -59.43
N ARG D 84 -7.33 12.29 -58.79
CA ARG D 84 -6.06 12.86 -58.37
C ARG D 84 -5.61 12.37 -57.01
N MET D 85 -6.48 11.62 -56.35
CA MET D 85 -6.20 11.06 -55.02
C MET D 85 -4.87 10.33 -54.97
N ARG D 86 -4.60 9.56 -56.02
CA ARG D 86 -3.39 8.76 -56.15
C ARG D 86 -2.08 9.53 -56.19
N TYR D 87 -2.13 10.80 -56.59
CA TYR D 87 -0.91 11.59 -56.67
C TYR D 87 -0.73 12.55 -55.50
N PHE D 88 -1.58 12.44 -54.50
CA PHE D 88 -1.47 13.33 -53.35
C PHE D 88 -0.34 12.90 -52.41
N ASP D 89 0.37 13.89 -51.88
CA ASP D 89 1.46 13.65 -50.94
C ASP D 89 1.03 14.30 -49.62
N PRO D 90 0.57 13.49 -48.66
CA PRO D 90 0.11 14.03 -47.37
C PRO D 90 1.18 14.70 -46.52
N LEU D 91 2.45 14.40 -46.78
CA LEU D 91 3.53 15.00 -46.00
C LEU D 91 3.81 16.45 -46.41
N ARG D 92 3.56 16.77 -47.68
CA ARG D 92 3.82 18.11 -48.18
C ARG D 92 2.54 18.83 -48.60
N ASN D 93 1.40 18.15 -48.50
CA ASN D 93 0.10 18.70 -48.87
C ASN D 93 0.13 19.26 -50.30
N GLU D 94 0.48 18.40 -51.24
CA GLU D 94 0.53 18.77 -52.65
C GLU D 94 0.32 17.53 -53.51
N TYR D 95 0.03 17.74 -54.78
CA TYR D 95 -0.16 16.63 -55.70
C TYR D 95 1.11 16.55 -56.53
N PHE D 96 1.77 15.39 -56.54
CA PHE D 96 3.01 15.24 -57.29
C PHE D 96 2.90 14.45 -58.60
N PHE D 97 3.45 15.03 -59.66
CA PHE D 97 3.45 14.39 -60.97
C PHE D 97 4.86 14.36 -61.52
N ASP D 98 5.35 13.16 -61.83
CA ASP D 98 6.70 12.96 -62.37
C ASP D 98 6.61 13.13 -63.89
N ARG D 99 6.20 14.31 -64.34
CA ARG D 99 6.01 14.57 -65.76
C ARG D 99 6.68 15.81 -66.36
N ASN D 100 6.40 16.02 -67.64
CA ASN D 100 6.94 17.14 -68.42
C ASN D 100 6.57 18.49 -67.83
N ARG D 101 7.58 19.29 -67.48
CA ARG D 101 7.35 20.58 -66.88
C ARG D 101 6.78 21.67 -67.81
N PRO D 102 7.41 21.89 -68.98
CA PRO D 102 6.95 22.91 -69.93
C PRO D 102 5.47 22.84 -70.32
N SER D 103 4.94 21.61 -70.42
CA SER D 103 3.56 21.41 -70.80
C SER D 103 2.51 21.88 -69.81
N PHE D 104 2.77 21.66 -68.53
CA PHE D 104 1.78 22.01 -67.51
C PHE D 104 1.34 23.46 -67.42
N ASP D 105 2.25 24.39 -67.72
CA ASP D 105 1.90 25.79 -67.65
C ASP D 105 0.61 26.00 -68.44
N ALA D 106 0.52 25.35 -69.59
CA ALA D 106 -0.63 25.44 -70.48
C ALA D 106 -1.83 24.66 -69.94
N ILE D 107 -1.57 23.46 -69.42
CA ILE D 107 -2.64 22.66 -68.87
C ILE D 107 -3.42 23.45 -67.81
N LEU D 108 -2.69 24.05 -66.87
CA LEU D 108 -3.33 24.83 -65.82
C LEU D 108 -4.11 26.00 -66.37
N TYR D 109 -3.51 26.73 -67.31
CA TYR D 109 -4.19 27.88 -67.89
C TYR D 109 -5.50 27.46 -68.52
N TYR D 110 -5.58 26.20 -68.96
CA TYR D 110 -6.79 25.70 -69.57
C TYR D 110 -7.95 25.88 -68.58
N TYR D 111 -7.70 25.58 -67.30
CA TYR D 111 -8.73 25.74 -66.28
C TYR D 111 -8.92 27.20 -65.92
N GLN D 112 -7.82 27.91 -65.73
CA GLN D 112 -7.85 29.31 -65.34
C GLN D 112 -8.59 30.17 -66.36
N SER D 113 -8.30 29.94 -67.64
CA SER D 113 -8.95 30.68 -68.71
C SER D 113 -10.39 30.23 -68.89
N GLY D 114 -10.64 28.95 -68.67
CA GLY D 114 -11.99 28.44 -68.81
C GLY D 114 -12.17 27.57 -70.05
N GLY D 115 -11.11 27.42 -70.83
CA GLY D 115 -11.21 26.58 -72.01
C GLY D 115 -10.05 26.66 -72.98
N ARG D 116 -9.27 27.73 -72.93
CA ARG D 116 -8.14 27.90 -73.84
C ARG D 116 -7.01 26.90 -73.63
N LEU D 117 -6.84 26.01 -74.59
CA LEU D 117 -5.80 25.00 -74.55
C LEU D 117 -4.75 25.27 -75.63
N ARG D 118 -3.84 26.21 -75.35
CA ARG D 118 -2.79 26.57 -76.31
C ARG D 118 -1.49 25.83 -76.02
N ARG D 119 -0.97 25.12 -77.01
CA ARG D 119 0.30 24.40 -76.84
C ARG D 119 1.43 25.43 -76.74
N PRO D 120 2.35 25.25 -75.77
CA PRO D 120 3.46 26.19 -75.63
C PRO D 120 4.36 26.16 -76.86
N VAL D 121 4.74 27.33 -77.36
CA VAL D 121 5.58 27.44 -78.54
C VAL D 121 6.84 26.58 -78.50
N ASN D 122 7.40 26.40 -77.30
CA ASN D 122 8.62 25.63 -77.14
C ASN D 122 8.43 24.13 -76.89
N VAL D 123 7.19 23.67 -76.76
CA VAL D 123 6.94 22.25 -76.49
C VAL D 123 6.50 21.48 -77.72
N PRO D 124 7.17 20.36 -78.03
CA PRO D 124 6.81 19.53 -79.19
C PRO D 124 5.31 19.20 -79.17
N LEU D 125 4.76 18.91 -80.33
CA LEU D 125 3.34 18.60 -80.44
C LEU D 125 2.94 17.22 -79.93
N ASP D 126 3.80 16.23 -80.16
CA ASP D 126 3.51 14.87 -79.72
C ASP D 126 3.59 14.75 -78.20
N ILE D 127 4.48 15.52 -77.60
CA ILE D 127 4.64 15.52 -76.15
C ILE D 127 3.45 16.21 -75.51
N PHE D 128 3.14 17.42 -75.95
CA PHE D 128 2.02 18.17 -75.39
C PHE D 128 0.69 17.44 -75.51
N SER D 129 0.49 16.73 -76.62
CA SER D 129 -0.76 16.01 -76.80
C SER D 129 -0.83 14.79 -75.89
N GLU D 130 0.34 14.24 -75.54
CA GLU D 130 0.37 13.09 -74.64
C GLU D 130 -0.03 13.55 -73.24
N GLU D 131 0.35 14.77 -72.89
CA GLU D 131 0.01 15.34 -71.60
C GLU D 131 -1.50 15.58 -71.53
N ILE D 132 -2.05 16.16 -72.59
CA ILE D 132 -3.49 16.43 -72.64
C ILE D 132 -4.23 15.11 -72.43
N ARG D 133 -3.59 14.05 -72.90
CA ARG D 133 -4.11 12.70 -72.81
C ARG D 133 -4.05 12.19 -71.37
N PHE D 134 -2.91 12.37 -70.71
CA PHE D 134 -2.75 11.93 -69.32
C PHE D 134 -3.66 12.69 -68.35
N TYR D 135 -3.77 14.00 -68.54
CA TYR D 135 -4.60 14.81 -67.68
C TYR D 135 -6.08 14.67 -67.98
N GLU D 136 -6.40 13.85 -68.98
CA GLU D 136 -7.77 13.58 -69.36
C GLU D 136 -8.64 14.82 -69.55
N LEU D 137 -8.17 15.76 -70.36
CA LEU D 137 -8.91 16.99 -70.60
C LEU D 137 -10.23 16.81 -71.37
N GLY D 138 -10.33 15.73 -72.15
CA GLY D 138 -11.55 15.48 -72.91
C GLY D 138 -11.38 15.59 -74.41
N GLU D 139 -12.21 14.85 -75.15
CA GLU D 139 -12.14 14.86 -76.60
C GLU D 139 -12.57 16.19 -77.22
N GLU D 140 -13.63 16.78 -76.71
CA GLU D 140 -14.10 18.06 -77.24
C GLU D 140 -13.04 19.14 -77.09
N ALA D 141 -12.01 18.85 -76.29
CA ALA D 141 -10.92 19.79 -76.06
C ALA D 141 -9.71 19.34 -76.86
N MET D 142 -9.58 18.02 -77.01
CA MET D 142 -8.48 17.42 -77.76
C MET D 142 -8.66 17.71 -79.25
N GLU D 143 -9.88 17.53 -79.73
CA GLU D 143 -10.21 17.77 -81.14
C GLU D 143 -10.17 19.27 -81.41
N MET D 144 -10.65 20.05 -80.44
CA MET D 144 -10.64 21.50 -80.58
C MET D 144 -9.18 21.92 -80.69
N PHE D 145 -8.32 21.17 -80.03
CA PHE D 145 -6.89 21.41 -80.04
C PHE D 145 -6.34 21.02 -81.41
N ARG D 146 -6.69 19.82 -81.86
CA ARG D 146 -6.26 19.31 -83.16
C ARG D 146 -6.43 20.39 -84.23
N GLU D 147 -7.63 20.96 -84.31
CA GLU D 147 -7.93 22.00 -85.30
C GLU D 147 -6.91 23.12 -85.27
N ASP D 148 -6.93 23.92 -84.20
CA ASP D 148 -6.03 25.05 -84.04
C ASP D 148 -4.58 24.70 -84.34
N GLU D 149 -4.28 23.41 -84.43
CA GLU D 149 -2.93 22.95 -84.70
C GLU D 149 -2.81 22.40 -86.13
N GLY D 150 -3.88 21.75 -86.59
CA GLY D 150 -3.89 21.18 -87.92
C GLY D 150 -4.41 19.75 -87.93
N PHE D 164 -20.33 -8.77 -99.30
CA PHE D 164 -19.27 -9.09 -100.25
C PHE D 164 -18.13 -8.08 -100.19
N GLN D 165 -18.45 -6.84 -99.85
CA GLN D 165 -17.45 -5.78 -99.75
C GLN D 165 -16.54 -5.95 -98.54
N ARG D 166 -16.51 -7.16 -97.98
CA ARG D 166 -15.69 -7.45 -96.82
C ARG D 166 -14.26 -7.82 -97.24
N GLN D 167 -13.96 -7.64 -98.52
CA GLN D 167 -12.65 -7.94 -99.07
C GLN D 167 -12.24 -6.93 -100.14
N VAL D 168 -13.05 -6.83 -101.18
CA VAL D 168 -12.78 -5.90 -102.27
C VAL D 168 -13.01 -4.46 -101.81
N TRP D 169 -11.96 -3.83 -101.32
CA TRP D 169 -12.04 -2.45 -100.84
C TRP D 169 -10.62 -1.96 -100.53
N LEU D 170 -9.80 -2.85 -100.00
CA LEU D 170 -8.43 -2.52 -99.65
C LEU D 170 -7.46 -3.21 -100.61
N LEU D 171 -7.88 -4.35 -101.13
CA LEU D 171 -7.07 -5.13 -102.06
C LEU D 171 -6.73 -4.38 -103.34
N PHE D 172 -7.52 -3.36 -103.65
CA PHE D 172 -7.32 -2.56 -104.86
C PHE D 172 -7.52 -1.09 -104.54
N GLU D 173 -6.81 -0.61 -103.51
CA GLU D 173 -6.92 0.79 -103.10
C GLU D 173 -5.56 1.35 -102.69
N TYR D 174 -4.92 0.70 -101.72
CA TYR D 174 -3.61 1.12 -101.25
C TYR D 174 -2.52 0.43 -102.05
N PRO D 175 -1.61 1.21 -102.67
CA PRO D 175 -0.51 0.65 -103.46
C PRO D 175 0.15 -0.56 -102.81
N GLU D 176 0.36 -0.47 -101.50
CA GLU D 176 0.98 -1.56 -100.75
C GLU D 176 -0.06 -2.47 -100.10
N SER D 177 -1.10 -2.81 -100.86
CA SER D 177 -2.16 -3.68 -100.36
C SER D 177 -1.55 -4.96 -99.79
N SER D 178 -0.86 -5.71 -100.64
CA SER D 178 -0.22 -6.96 -100.23
C SER D 178 0.97 -7.25 -101.14
N GLY D 179 1.19 -8.54 -101.43
CA GLY D 179 2.30 -8.93 -102.29
C GLY D 179 2.06 -8.47 -103.72
N PRO D 180 1.54 -9.36 -104.58
CA PRO D 180 1.27 -9.02 -105.99
C PRO D 180 0.30 -7.84 -106.13
N ALA D 181 -0.32 -7.44 -105.02
CA ALA D 181 -1.26 -6.33 -105.02
C ALA D 181 -0.53 -5.01 -105.20
N ARG D 182 0.80 -5.05 -105.11
CA ARG D 182 1.62 -3.86 -105.29
C ARG D 182 1.66 -3.51 -106.77
N ILE D 183 1.90 -4.54 -107.59
CA ILE D 183 1.96 -4.37 -109.04
C ILE D 183 0.64 -3.79 -109.56
N ILE D 184 -0.43 -3.99 -108.79
CA ILE D 184 -1.75 -3.49 -109.16
C ILE D 184 -1.68 -1.99 -109.43
N ALA D 185 -0.88 -1.30 -108.63
CA ALA D 185 -0.72 0.14 -108.77
C ALA D 185 0.51 0.47 -109.63
N ILE D 186 1.47 -0.45 -109.66
CA ILE D 186 2.68 -0.27 -110.43
C ILE D 186 2.35 -0.16 -111.92
N VAL D 187 1.23 -0.76 -112.32
CA VAL D 187 0.80 -0.71 -113.72
C VAL D 187 -0.28 0.33 -113.92
N SER D 188 -0.96 0.68 -112.82
CA SER D 188 -2.02 1.69 -112.88
C SER D 188 -1.42 3.01 -113.35
N VAL D 189 -0.10 3.14 -113.18
CA VAL D 189 0.63 4.34 -113.58
C VAL D 189 1.03 4.22 -115.04
N MET D 190 1.42 3.01 -115.45
CA MET D 190 1.84 2.75 -116.82
C MET D 190 0.72 3.12 -117.78
N VAL D 191 -0.49 2.68 -117.43
CA VAL D 191 -1.67 2.95 -118.24
C VAL D 191 -1.99 4.43 -118.33
N ILE D 192 -1.73 5.17 -117.26
CA ILE D 192 -1.99 6.61 -117.23
C ILE D 192 -1.02 7.36 -118.14
N LEU D 193 0.27 7.14 -117.95
CA LEU D 193 1.28 7.81 -118.76
C LEU D 193 1.14 7.46 -120.23
N ILE D 194 0.78 6.21 -120.52
CA ILE D 194 0.61 5.76 -121.90
C ILE D 194 -0.61 6.40 -122.54
N SER D 195 -1.74 6.40 -121.84
CA SER D 195 -2.97 6.98 -122.37
C SER D 195 -2.81 8.47 -122.67
N ILE D 196 -1.93 9.14 -121.92
CA ILE D 196 -1.69 10.56 -122.12
C ILE D 196 -0.79 10.79 -123.33
N VAL D 197 0.32 10.04 -123.40
CA VAL D 197 1.24 10.17 -124.52
C VAL D 197 0.46 9.99 -125.82
N SER D 198 -0.58 9.16 -125.75
CA SER D 198 -1.44 8.90 -126.90
C SER D 198 -2.22 10.15 -127.28
N PHE D 199 -2.90 10.74 -126.31
CA PHE D 199 -3.70 11.95 -126.53
C PHE D 199 -2.94 13.08 -127.23
N CYS D 200 -1.61 13.07 -127.12
CA CYS D 200 -0.80 14.10 -127.75
C CYS D 200 -0.28 13.69 -129.12
N LEU D 201 0.30 12.50 -129.20
CA LEU D 201 0.85 12.01 -130.46
C LEU D 201 -0.23 11.95 -131.54
N GLU D 202 -1.49 12.10 -131.11
CA GLU D 202 -2.62 12.09 -132.03
C GLU D 202 -2.62 13.36 -132.88
N THR D 203 -2.71 14.51 -132.23
CA THR D 203 -2.73 15.79 -132.92
C THR D 203 -1.42 16.06 -133.64
N LEU D 204 -0.50 15.10 -133.59
CA LEU D 204 0.80 15.21 -134.24
C LEU D 204 0.62 15.14 -135.76
N PRO D 205 1.34 16.00 -136.51
CA PRO D 205 1.25 16.02 -137.98
C PRO D 205 1.81 14.78 -138.65
N ILE D 206 2.48 13.92 -137.88
CA ILE D 206 3.07 12.70 -138.41
C ILE D 206 2.00 11.63 -138.58
N PHE D 207 0.73 12.05 -138.59
CA PHE D 207 -0.39 11.12 -138.75
C PHE D 207 -1.60 11.76 -139.42
N ARG D 208 -2.02 12.92 -138.91
CA ARG D 208 -3.17 13.62 -139.47
C ARG D 208 -2.86 14.32 -140.80
N ASP D 209 -1.95 13.73 -141.57
CA ASP D 209 -1.56 14.29 -142.86
C ASP D 209 -1.64 13.23 -143.96
N GLU D 210 -2.63 12.36 -143.85
CA GLU D 210 -2.83 11.28 -144.81
C GLU D 210 -3.42 11.83 -146.11
N PHE D 221 -17.81 12.52 -140.02
CA PHE D 221 -18.52 11.35 -140.49
C PHE D 221 -17.54 10.35 -141.10
N HIS D 222 -16.79 10.80 -142.10
CA HIS D 222 -15.81 9.95 -142.76
C HIS D 222 -14.43 10.21 -142.17
N THR D 223 -13.66 11.07 -142.83
CA THR D 223 -12.32 11.43 -142.35
C THR D 223 -12.44 12.66 -141.47
N TYR D 224 -13.63 13.28 -141.48
CA TYR D 224 -13.88 14.48 -140.69
C TYR D 224 -14.18 14.09 -139.25
N SER D 225 -14.74 12.89 -139.05
CA SER D 225 -15.05 12.40 -137.73
C SER D 225 -13.75 11.99 -137.04
N GLN D 226 -12.68 11.99 -137.83
CA GLN D 226 -11.35 11.64 -137.34
C GLN D 226 -10.60 12.92 -136.95
N SER D 227 -11.05 14.04 -137.50
CA SER D 227 -10.45 15.34 -137.22
C SER D 227 -11.11 15.96 -135.99
N THR D 228 -11.73 15.11 -135.18
CA THR D 228 -12.40 15.56 -133.96
C THR D 228 -12.35 14.42 -132.94
N ILE D 229 -11.39 13.52 -133.12
CA ILE D 229 -11.21 12.38 -132.22
C ILE D 229 -9.73 12.03 -132.15
N GLY D 230 -9.17 11.57 -133.26
CA GLY D 230 -7.76 11.21 -133.30
C GLY D 230 -7.55 9.78 -133.78
N TYR D 231 -8.65 9.04 -133.91
CA TYR D 231 -8.59 7.65 -134.34
C TYR D 231 -9.95 7.15 -134.81
N GLN D 232 -9.99 5.91 -135.28
CA GLN D 232 -11.24 5.30 -135.74
C GLN D 232 -12.13 5.02 -134.54
N GLN D 233 -12.80 6.06 -134.05
CA GLN D 233 -13.67 5.95 -132.88
C GLN D 233 -15.10 5.56 -133.26
N SER D 234 -15.29 4.29 -133.59
CA SER D 234 -16.60 3.76 -133.96
C SER D 234 -16.51 2.24 -134.05
N THR D 235 -17.42 1.62 -134.80
CA THR D 235 -17.42 0.18 -134.97
C THR D 235 -16.33 -0.23 -135.94
N SER D 236 -15.08 0.17 -135.65
CA SER D 236 -13.95 -0.13 -136.51
C SER D 236 -12.93 -1.06 -135.85
N PHE D 237 -12.10 -0.49 -134.97
CA PHE D 237 -11.07 -1.27 -134.27
C PHE D 237 -9.95 -1.71 -135.21
N THR D 238 -9.14 -0.76 -135.65
CA THR D 238 -8.02 -1.04 -136.55
C THR D 238 -6.96 0.05 -136.48
N ASP D 239 -7.40 1.28 -136.22
CA ASP D 239 -6.48 2.42 -136.12
C ASP D 239 -5.65 2.32 -134.85
N PRO D 240 -4.31 2.30 -134.98
CA PRO D 240 -3.39 2.20 -133.85
C PRO D 240 -3.77 3.09 -132.66
N PHE D 241 -4.17 4.33 -132.93
CA PHE D 241 -4.56 5.25 -131.87
C PHE D 241 -5.82 4.80 -131.15
N PHE D 242 -6.63 3.99 -131.81
CA PHE D 242 -7.85 3.51 -131.18
C PHE D 242 -7.57 2.22 -130.43
N ILE D 243 -6.65 1.41 -130.94
CA ILE D 243 -6.29 0.16 -130.30
C ILE D 243 -5.63 0.47 -128.96
N VAL D 244 -4.86 1.56 -128.94
CA VAL D 244 -4.17 1.99 -127.73
C VAL D 244 -5.15 2.62 -126.75
N GLU D 245 -5.99 3.52 -127.25
CA GLU D 245 -6.98 4.20 -126.42
C GLU D 245 -7.99 3.21 -125.85
N THR D 246 -8.43 2.27 -126.67
CA THR D 246 -9.39 1.28 -126.23
C THR D 246 -8.86 0.54 -125.01
N LEU D 247 -7.67 -0.04 -125.14
CA LEU D 247 -7.03 -0.76 -124.05
C LEU D 247 -7.02 0.06 -122.76
N CYS D 248 -6.71 1.34 -122.88
CA CYS D 248 -6.64 2.24 -121.74
C CYS D 248 -7.95 2.34 -120.96
N ILE D 249 -8.97 2.94 -121.58
CA ILE D 249 -10.26 3.11 -120.93
C ILE D 249 -10.78 1.81 -120.33
N ILE D 250 -10.45 0.68 -120.96
CA ILE D 250 -10.88 -0.62 -120.46
C ILE D 250 -10.37 -0.78 -119.03
N TRP D 251 -9.14 -0.35 -118.80
CA TRP D 251 -8.53 -0.44 -117.47
C TRP D 251 -9.05 0.67 -116.57
N PHE D 252 -8.94 1.91 -117.03
CA PHE D 252 -9.38 3.07 -116.28
C PHE D 252 -10.82 2.89 -115.79
N SER D 253 -11.66 2.30 -116.63
CA SER D 253 -13.06 2.07 -116.29
C SER D 253 -13.20 0.88 -115.35
N PHE D 254 -12.28 -0.07 -115.47
CA PHE D 254 -12.29 -1.28 -114.64
C PHE D 254 -12.21 -0.91 -113.16
N GLU D 255 -11.21 -0.13 -112.79
CA GLU D 255 -11.02 0.27 -111.41
C GLU D 255 -12.19 1.13 -110.94
N PHE D 256 -12.76 1.91 -111.85
CA PHE D 256 -13.90 2.77 -111.52
C PHE D 256 -15.06 1.89 -111.04
N LEU D 257 -15.03 0.63 -111.42
CA LEU D 257 -16.06 -0.32 -111.03
C LEU D 257 -15.67 -0.96 -109.70
N VAL D 258 -14.37 -1.13 -109.49
CA VAL D 258 -13.86 -1.72 -108.26
C VAL D 258 -14.03 -0.71 -107.12
N ARG D 259 -14.33 0.53 -107.51
CA ARG D 259 -14.52 1.61 -106.55
C ARG D 259 -15.98 2.05 -106.49
N PHE D 260 -16.77 1.61 -107.46
CA PHE D 260 -18.19 1.97 -107.51
C PHE D 260 -19.03 0.92 -106.80
N PHE D 261 -18.64 -0.34 -106.93
CA PHE D 261 -19.35 -1.45 -106.29
C PHE D 261 -18.46 -2.12 -105.25
N ALA D 262 -17.86 -1.32 -104.38
CA ALA D 262 -16.98 -1.82 -103.34
C ALA D 262 -16.53 -0.71 -102.40
N CYS D 263 -17.38 0.31 -102.23
CA CYS D 263 -17.07 1.43 -101.36
C CYS D 263 -18.24 1.83 -100.46
N PRO D 264 -18.02 1.84 -99.13
CA PRO D 264 -19.04 2.20 -98.15
C PRO D 264 -19.43 3.68 -98.19
N SER D 265 -19.66 4.20 -99.40
CA SER D 265 -20.04 5.60 -99.56
C SER D 265 -20.65 5.85 -100.94
N LYS D 266 -21.93 6.21 -100.96
CA LYS D 266 -22.63 6.50 -102.21
C LYS D 266 -22.93 7.99 -102.37
N ALA D 267 -23.38 8.64 -101.29
CA ALA D 267 -23.69 10.05 -101.34
C ALA D 267 -22.41 10.88 -101.25
N GLY D 268 -21.40 10.32 -100.59
CA GLY D 268 -20.13 11.01 -100.43
C GLY D 268 -19.10 10.54 -101.44
N PHE D 269 -19.51 9.62 -102.31
CA PHE D 269 -18.63 9.07 -103.33
C PHE D 269 -18.33 10.17 -104.35
N PHE D 270 -19.34 10.99 -104.64
CA PHE D 270 -19.21 12.09 -105.59
C PHE D 270 -18.74 13.35 -104.87
N THR D 271 -18.13 13.17 -103.71
CA THR D 271 -17.63 14.29 -102.92
C THR D 271 -16.12 14.15 -102.76
N ASN D 272 -15.59 13.00 -103.15
CA ASN D 272 -14.16 12.73 -103.06
C ASN D 272 -13.45 13.22 -104.32
N ILE D 273 -12.48 14.12 -104.13
CA ILE D 273 -11.72 14.69 -105.23
C ILE D 273 -11.14 13.63 -106.18
N MET D 274 -10.66 12.53 -105.62
CA MET D 274 -10.08 11.45 -106.40
C MET D 274 -11.10 10.76 -107.30
N ASN D 275 -12.15 10.19 -106.70
CA ASN D 275 -13.19 9.50 -107.45
C ASN D 275 -13.76 10.35 -108.56
N ILE D 276 -13.85 11.66 -108.34
CA ILE D 276 -14.38 12.57 -109.34
C ILE D 276 -13.44 12.59 -110.55
N ILE D 277 -12.15 12.41 -110.29
CA ILE D 277 -11.15 12.40 -111.35
C ILE D 277 -11.19 11.06 -112.08
N ASP D 278 -11.73 10.04 -111.41
CA ASP D 278 -11.83 8.72 -112.00
C ASP D 278 -13.07 8.60 -112.90
N ILE D 279 -14.07 9.44 -112.63
CA ILE D 279 -15.30 9.43 -113.42
C ILE D 279 -15.05 10.16 -114.74
N VAL D 280 -14.60 11.41 -114.65
CA VAL D 280 -14.31 12.21 -115.83
C VAL D 280 -13.11 11.63 -116.58
N ALA D 281 -12.49 10.62 -115.98
CA ALA D 281 -11.33 9.97 -116.58
C ALA D 281 -11.71 9.15 -117.81
N ILE D 282 -12.98 8.74 -117.89
CA ILE D 282 -13.44 7.94 -119.02
C ILE D 282 -14.79 8.40 -119.57
N ILE D 283 -15.21 9.60 -119.21
CA ILE D 283 -16.49 10.14 -119.69
C ILE D 283 -16.45 10.35 -121.21
N PRO D 284 -15.40 11.01 -121.73
CA PRO D 284 -15.29 11.26 -123.17
C PRO D 284 -15.33 10.00 -124.05
N TYR D 285 -14.40 9.08 -123.82
CA TYR D 285 -14.33 7.85 -124.61
C TYR D 285 -15.67 7.15 -124.82
N TYR D 286 -16.59 7.35 -123.88
CA TYR D 286 -17.90 6.72 -123.98
C TYR D 286 -18.93 7.59 -124.68
N VAL D 287 -19.03 8.86 -124.27
CA VAL D 287 -19.99 9.77 -124.87
C VAL D 287 -19.71 9.93 -126.36
N THR D 288 -18.62 9.34 -126.82
CA THR D 288 -18.25 9.40 -128.23
C THR D 288 -18.95 8.31 -129.05
N ILE D 289 -19.63 7.40 -128.34
CA ILE D 289 -20.37 6.33 -128.98
C ILE D 289 -21.78 6.83 -129.28
N PHE D 290 -22.07 8.04 -128.79
CA PHE D 290 -23.35 8.68 -129.00
C PHE D 290 -23.31 9.56 -130.24
N LEU D 291 -22.10 10.02 -130.58
CA LEU D 291 -21.90 10.89 -131.74
C LEU D 291 -21.80 10.10 -133.04
N THR D 292 -21.43 8.82 -132.95
CA THR D 292 -21.32 7.98 -134.14
C THR D 292 -22.71 7.53 -134.54
N GLU D 293 -23.68 7.77 -133.67
CA GLU D 293 -25.07 7.42 -133.91
C GLU D 293 -25.85 8.63 -134.41
N SER D 294 -25.99 9.64 -133.53
CA SER D 294 -26.71 10.86 -133.87
C SER D 294 -26.12 11.48 -135.14
N ASN D 295 -24.95 12.10 -134.99
CA ASN D 295 -24.28 12.73 -136.12
C ASN D 295 -23.71 11.69 -137.08
N LYS D 296 -24.60 10.87 -137.64
CA LYS D 296 -24.20 9.84 -138.58
C LYS D 296 -24.32 10.39 -140.00
N SER D 297 -24.13 11.71 -140.13
CA SER D 297 -24.23 12.38 -141.41
C SER D 297 -23.33 13.63 -141.41
N VAL D 298 -22.71 13.90 -142.55
CA VAL D 298 -21.82 15.06 -142.68
C VAL D 298 -22.57 16.38 -142.59
N LEU D 299 -23.89 16.34 -142.80
CA LEU D 299 -24.72 17.54 -142.75
C LEU D 299 -25.10 17.93 -141.32
N GLN D 300 -24.60 17.17 -140.34
CA GLN D 300 -24.89 17.46 -138.93
C GLN D 300 -23.65 17.91 -138.19
N PHE D 301 -22.49 17.77 -138.82
CA PHE D 301 -21.22 18.17 -138.21
C PHE D 301 -21.01 19.68 -138.36
N GLN D 302 -22.10 20.42 -138.31
CA GLN D 302 -22.04 21.88 -138.43
C GLN D 302 -22.51 22.55 -137.14
N ASN D 303 -23.50 21.93 -136.49
CA ASN D 303 -24.03 22.45 -135.24
C ASN D 303 -23.34 21.77 -134.07
N VAL D 304 -22.88 20.54 -134.30
CA VAL D 304 -22.17 19.76 -133.29
C VAL D 304 -20.67 20.03 -133.47
N ARG D 305 -20.37 21.19 -134.04
CA ARG D 305 -18.99 21.61 -134.31
C ARG D 305 -18.37 22.23 -133.06
N ARG D 306 -18.97 21.92 -131.90
CA ARG D 306 -18.50 22.42 -130.62
C ARG D 306 -18.82 21.40 -129.54
N VAL D 307 -19.81 20.56 -129.81
CA VAL D 307 -20.25 19.52 -128.88
C VAL D 307 -19.26 18.36 -128.79
N VAL D 308 -18.35 18.28 -129.75
CA VAL D 308 -17.34 17.22 -129.75
C VAL D 308 -15.96 17.78 -129.47
N GLN D 309 -15.66 18.96 -130.02
CA GLN D 309 -14.37 19.61 -129.84
C GLN D 309 -14.07 19.85 -128.36
N ILE D 310 -14.74 20.84 -127.78
CA ILE D 310 -14.56 21.19 -126.38
C ILE D 310 -14.73 19.96 -125.48
N PHE D 311 -15.31 18.90 -126.02
CA PHE D 311 -15.53 17.68 -125.26
C PHE D 311 -14.36 16.70 -125.41
N ARG D 312 -13.66 16.79 -126.52
CA ARG D 312 -12.52 15.91 -126.78
C ARG D 312 -11.30 16.43 -126.02
N ILE D 313 -11.30 17.74 -125.75
CA ILE D 313 -10.22 18.39 -125.02
C ILE D 313 -10.29 17.95 -123.56
N MET D 314 -11.51 17.76 -123.07
CA MET D 314 -11.75 17.34 -121.69
C MET D 314 -10.94 16.09 -121.35
N ARG D 315 -10.62 15.32 -122.38
CA ARG D 315 -9.85 14.09 -122.21
C ARG D 315 -8.51 14.36 -121.52
N ILE D 316 -8.00 15.57 -121.70
CA ILE D 316 -6.72 15.95 -121.12
C ILE D 316 -6.71 15.83 -119.60
N LEU D 317 -7.86 16.05 -118.97
CA LEU D 317 -7.96 15.96 -117.52
C LEU D 317 -7.45 14.62 -117.01
N ARG D 318 -7.31 13.65 -117.90
CA ARG D 318 -6.82 12.33 -117.51
C ARG D 318 -5.45 12.44 -116.86
N ILE D 319 -4.82 13.59 -117.02
CA ILE D 319 -3.50 13.84 -116.44
C ILE D 319 -3.61 13.92 -114.91
N PHE D 320 -4.74 14.47 -114.44
CA PHE D 320 -4.97 14.61 -113.00
C PHE D 320 -5.34 13.29 -112.33
N LYS D 321 -5.07 12.19 -112.99
CA LYS D 321 -5.38 10.88 -112.42
C LYS D 321 -4.16 10.32 -111.71
N LEU D 322 -3.00 10.91 -111.99
CA LEU D 322 -1.75 10.50 -111.36
C LEU D 322 -1.74 10.89 -109.89
N SER D 323 -2.80 11.58 -109.46
CA SER D 323 -2.93 12.02 -108.08
C SER D 323 -2.98 10.86 -107.09
N ARG D 324 -3.62 9.76 -107.49
CA ARG D 324 -3.73 8.59 -106.63
C ARG D 324 -2.39 7.90 -106.48
N HIS D 325 -1.44 8.27 -107.34
CA HIS D 325 -0.11 7.66 -107.31
C HIS D 325 0.97 8.74 -107.15
N SER D 326 0.56 9.93 -106.77
CA SER D 326 1.49 11.04 -106.59
C SER D 326 1.17 11.78 -105.30
N LYS D 327 1.89 11.45 -104.24
CA LYS D 327 1.68 12.09 -102.95
C LYS D 327 1.86 13.60 -103.08
N GLY D 328 3.00 14.00 -103.67
CA GLY D 328 3.27 15.41 -103.84
C GLY D 328 2.16 16.14 -104.57
N LEU D 329 1.62 15.49 -105.60
CA LEU D 329 0.55 16.08 -106.39
C LEU D 329 -0.66 16.36 -105.49
N GLN D 330 -0.94 15.43 -104.58
CA GLN D 330 -2.05 15.57 -103.66
C GLN D 330 -1.86 16.77 -102.74
N ILE D 331 -0.65 16.90 -102.21
CA ILE D 331 -0.31 18.01 -101.32
C ILE D 331 -0.66 19.32 -102.01
N LEU D 332 -0.33 19.40 -103.30
CA LEU D 332 -0.61 20.59 -104.08
C LEU D 332 -2.13 20.82 -104.16
N GLY D 333 -2.87 19.73 -104.24
CA GLY D 333 -4.32 19.83 -104.32
C GLY D 333 -4.90 20.64 -103.19
N GLN D 334 -4.37 20.44 -101.98
CA GLN D 334 -4.85 21.17 -100.81
C GLN D 334 -4.33 22.61 -100.80
N THR D 335 -3.05 22.77 -101.14
CA THR D 335 -2.44 24.09 -101.16
C THR D 335 -3.29 25.03 -102.01
N LEU D 336 -3.71 24.54 -103.17
CA LEU D 336 -4.55 25.34 -104.07
C LEU D 336 -5.87 25.66 -103.40
N LYS D 337 -6.49 24.64 -102.82
CA LYS D 337 -7.77 24.80 -102.14
C LYS D 337 -7.64 25.77 -100.98
N ALA D 338 -6.61 25.56 -100.16
CA ALA D 338 -6.37 26.41 -99.00
C ALA D 338 -5.72 27.73 -99.37
N SER D 339 -5.91 28.16 -100.61
CA SER D 339 -5.32 29.42 -101.06
C SER D 339 -6.17 30.13 -102.10
N MET D 340 -7.41 29.67 -102.28
CA MET D 340 -8.30 30.29 -103.26
C MET D 340 -8.30 31.81 -103.13
N ARG D 341 -8.06 32.30 -101.93
CA ARG D 341 -8.03 33.73 -101.67
C ARG D 341 -6.72 34.35 -102.13
N GLU D 342 -5.61 33.70 -101.79
CA GLU D 342 -4.29 34.17 -102.16
C GLU D 342 -4.10 34.06 -103.68
N LEU D 343 -4.43 32.90 -104.22
CA LEU D 343 -4.31 32.63 -105.64
C LEU D 343 -5.17 33.59 -106.46
N GLY D 344 -6.37 33.87 -105.98
CA GLY D 344 -7.26 34.76 -106.68
C GLY D 344 -6.91 36.23 -106.50
N LEU D 345 -6.22 36.55 -105.41
CA LEU D 345 -5.82 37.92 -105.14
C LEU D 345 -4.67 38.28 -106.07
N LEU D 346 -4.00 37.24 -106.59
CA LEU D 346 -2.88 37.39 -107.50
C LEU D 346 -3.41 37.84 -108.86
N ILE D 347 -4.51 37.23 -109.29
CA ILE D 347 -5.12 37.56 -110.56
C ILE D 347 -5.65 39.00 -110.49
N PHE D 348 -6.41 39.31 -109.46
CA PHE D 348 -6.97 40.64 -109.29
C PHE D 348 -5.89 41.71 -109.35
N PHE D 349 -4.86 41.55 -108.52
CA PHE D 349 -3.75 42.48 -108.50
C PHE D 349 -3.14 42.64 -109.89
N LEU D 350 -2.72 41.51 -110.45
CA LEU D 350 -2.11 41.48 -111.77
C LEU D 350 -3.06 42.05 -112.81
N PHE D 351 -4.37 41.88 -112.59
CA PHE D 351 -5.39 42.38 -113.50
C PHE D 351 -5.46 43.90 -113.43
N ILE D 352 -5.23 44.45 -112.24
CA ILE D 352 -5.26 45.90 -112.04
C ILE D 352 -3.99 46.50 -112.63
N GLY D 353 -2.90 45.74 -112.59
CA GLY D 353 -1.65 46.21 -113.14
C GLY D 353 -1.76 46.28 -114.65
N VAL D 354 -2.33 45.24 -115.24
CA VAL D 354 -2.51 45.16 -116.68
C VAL D 354 -3.25 46.39 -117.19
N ILE D 355 -4.53 46.48 -116.85
CA ILE D 355 -5.37 47.60 -117.27
C ILE D 355 -4.71 48.96 -117.02
N LEU D 356 -4.00 49.09 -115.90
CA LEU D 356 -3.34 50.33 -115.55
C LEU D 356 -2.15 50.66 -116.46
N PHE D 357 -1.34 49.65 -116.78
CA PHE D 357 -0.18 49.86 -117.63
C PHE D 357 -0.48 49.81 -119.13
N SER D 358 -1.51 49.06 -119.51
CA SER D 358 -1.89 48.95 -120.92
C SER D 358 -2.35 50.29 -121.48
N SER D 359 -3.31 50.90 -120.80
CA SER D 359 -3.84 52.18 -121.24
C SER D 359 -2.78 53.28 -121.12
N ALA D 360 -1.99 53.22 -120.05
CA ALA D 360 -0.94 54.21 -119.83
C ALA D 360 0.09 54.23 -120.95
N VAL D 361 0.47 53.05 -121.43
CA VAL D 361 1.45 52.96 -122.51
C VAL D 361 0.77 53.29 -123.84
N TYR D 362 -0.55 53.18 -123.85
CA TYR D 362 -1.33 53.48 -125.05
C TYR D 362 -1.31 54.98 -125.35
N PHE D 363 -1.43 55.78 -124.30
CA PHE D 363 -1.44 57.22 -124.43
C PHE D 363 -0.03 57.77 -124.55
N ALA D 364 0.96 56.94 -124.24
CA ALA D 364 2.36 57.35 -124.33
C ALA D 364 2.83 57.22 -125.78
N GLU D 365 2.11 56.40 -126.55
CA GLU D 365 2.45 56.19 -127.96
C GLU D 365 1.25 56.39 -128.88
N ALA D 366 0.31 57.22 -128.46
CA ALA D 366 -0.87 57.48 -129.27
C ALA D 366 -0.40 58.21 -130.53
N ASP D 367 0.34 59.29 -130.31
CA ASP D 367 0.90 60.10 -131.40
C ASP D 367 2.17 59.43 -131.94
N GLU D 368 1.98 58.33 -132.67
CA GLU D 368 3.08 57.59 -133.26
C GLU D 368 2.57 56.85 -134.48
N ARG D 369 3.34 56.92 -135.56
CA ARG D 369 2.95 56.26 -136.80
C ARG D 369 3.39 54.80 -136.84
N ASP D 370 4.37 54.45 -136.02
CA ASP D 370 4.86 53.08 -135.98
C ASP D 370 4.52 52.40 -134.65
N SER D 371 3.55 52.97 -133.93
CA SER D 371 3.12 52.41 -132.65
C SER D 371 2.67 50.96 -132.80
N GLN D 372 3.15 50.12 -131.89
CA GLN D 372 2.80 48.70 -131.92
C GLN D 372 1.56 48.43 -131.09
N PHE D 373 1.00 49.49 -130.50
CA PHE D 373 -0.19 49.39 -129.65
C PHE D 373 -1.38 50.13 -130.25
N PRO D 374 -2.21 49.41 -131.04
CA PRO D 374 -3.40 49.99 -131.67
C PRO D 374 -4.36 50.62 -130.67
N SER D 375 -4.80 49.82 -129.70
CA SER D 375 -5.72 50.28 -128.67
C SER D 375 -5.24 49.81 -127.30
N ILE D 376 -6.01 50.14 -126.25
CA ILE D 376 -5.66 49.72 -124.90
C ILE D 376 -5.81 48.21 -124.74
N PRO D 377 -6.93 47.65 -125.22
CA PRO D 377 -7.17 46.21 -125.12
C PRO D 377 -6.09 45.37 -125.80
N ASP D 378 -5.37 45.97 -126.75
CA ASP D 378 -4.31 45.24 -127.45
C ASP D 378 -3.03 45.26 -126.61
N ALA D 379 -2.85 46.34 -125.85
CA ALA D 379 -1.68 46.51 -125.00
C ALA D 379 -1.68 45.52 -123.83
N PHE D 380 -2.84 44.93 -123.54
CA PHE D 380 -2.94 43.96 -122.45
C PHE D 380 -1.85 42.91 -122.57
N TRP D 381 -1.90 42.15 -123.66
CA TRP D 381 -0.93 41.09 -123.90
C TRP D 381 0.50 41.53 -123.58
N TRP D 382 0.79 42.81 -123.77
CA TRP D 382 2.12 43.34 -123.48
C TRP D 382 2.30 43.46 -121.97
N ALA D 383 1.30 44.01 -121.30
CA ALA D 383 1.33 44.21 -119.86
C ALA D 383 1.61 42.90 -119.12
N VAL D 384 0.82 41.87 -119.39
CA VAL D 384 1.02 40.58 -118.74
C VAL D 384 2.41 40.04 -119.02
N VAL D 385 2.73 39.94 -120.31
CA VAL D 385 4.01 39.43 -120.76
C VAL D 385 5.20 40.17 -120.14
N SER D 386 4.98 41.40 -119.70
CA SER D 386 6.06 42.19 -119.10
C SER D 386 6.09 42.12 -117.58
N MET D 387 4.91 42.10 -116.95
CA MET D 387 4.82 42.03 -115.50
C MET D 387 5.28 40.66 -115.01
N THR D 388 4.83 39.61 -115.69
CA THR D 388 5.24 38.27 -115.34
C THR D 388 6.65 38.14 -115.89
N THR D 389 7.11 39.27 -116.44
CA THR D 389 8.43 39.39 -117.04
C THR D 389 8.74 38.27 -118.04
N VAL D 390 7.76 37.86 -118.83
CA VAL D 390 8.02 36.80 -119.81
C VAL D 390 8.78 37.36 -121.01
N GLY D 391 8.55 38.64 -121.30
CA GLY D 391 9.23 39.37 -122.38
C GLY D 391 9.26 38.90 -123.83
N TYR D 392 8.26 38.15 -124.27
CA TYR D 392 8.19 37.63 -125.64
C TYR D 392 8.82 38.47 -126.75
N GLY D 393 8.86 39.79 -126.58
CA GLY D 393 9.45 40.65 -127.59
C GLY D 393 8.55 40.85 -128.80
N ASP D 394 7.49 40.05 -128.89
CA ASP D 394 6.55 40.14 -130.00
C ASP D 394 5.76 41.45 -129.90
N MET D 395 6.22 42.34 -129.03
CA MET D 395 5.54 43.62 -128.84
C MET D 395 6.29 44.43 -127.79
N VAL D 396 6.88 45.55 -128.21
CA VAL D 396 7.63 46.39 -127.30
C VAL D 396 7.38 47.86 -127.62
N PRO D 397 7.60 48.76 -126.65
CA PRO D 397 7.39 50.19 -126.90
C PRO D 397 8.52 50.75 -127.74
N THR D 398 8.30 51.90 -128.36
CA THR D 398 9.32 52.53 -129.19
C THR D 398 9.60 53.97 -128.75
N THR D 399 8.56 54.66 -128.31
CA THR D 399 8.69 56.04 -127.86
C THR D 399 9.62 56.16 -126.66
N ILE D 400 9.78 57.39 -126.18
CA ILE D 400 10.64 57.64 -125.04
C ILE D 400 9.81 57.46 -123.78
N GLY D 401 8.61 58.05 -123.78
CA GLY D 401 7.74 57.93 -122.63
C GLY D 401 7.23 56.51 -122.51
N GLY D 402 7.03 55.87 -123.64
CA GLY D 402 6.55 54.50 -123.65
C GLY D 402 7.54 53.49 -123.10
N LYS D 403 8.84 53.78 -123.25
CA LYS D 403 9.86 52.89 -122.76
C LYS D 403 10.06 53.06 -121.25
N ILE D 404 9.66 54.22 -120.73
CA ILE D 404 9.78 54.46 -119.30
C ILE D 404 8.61 53.76 -118.64
N VAL D 405 7.42 53.92 -119.22
CA VAL D 405 6.22 53.29 -118.72
C VAL D 405 6.40 51.79 -118.70
N GLY D 406 7.19 51.28 -119.65
CA GLY D 406 7.43 49.85 -119.73
C GLY D 406 8.44 49.35 -118.73
N SER D 407 9.33 50.23 -118.27
CA SER D 407 10.33 49.86 -117.29
C SER D 407 9.64 49.64 -115.96
N LEU D 408 8.69 50.52 -115.66
CA LEU D 408 7.93 50.44 -114.43
C LEU D 408 7.02 49.23 -114.46
N CYS D 409 6.47 48.93 -115.62
CA CYS D 409 5.58 47.78 -115.76
C CYS D 409 6.28 46.49 -115.36
N ALA D 410 7.58 46.42 -115.63
CA ALA D 410 8.37 45.24 -115.29
C ALA D 410 8.61 45.21 -113.78
N ILE D 411 9.10 46.32 -113.24
CA ILE D 411 9.38 46.42 -111.82
C ILE D 411 8.09 46.18 -111.04
N ALA D 412 7.05 46.95 -111.36
CA ALA D 412 5.76 46.82 -110.71
C ALA D 412 5.22 45.40 -110.87
N GLY D 413 5.61 44.75 -111.96
CA GLY D 413 5.15 43.39 -112.20
C GLY D 413 5.65 42.45 -111.13
N VAL D 414 6.96 42.46 -110.91
CA VAL D 414 7.59 41.60 -109.91
C VAL D 414 6.89 41.74 -108.56
N LEU D 415 6.79 42.96 -108.07
CA LEU D 415 6.14 43.23 -106.80
C LEU D 415 4.73 42.65 -106.76
N THR D 416 3.87 43.12 -107.65
CA THR D 416 2.49 42.66 -107.71
C THR D 416 2.36 41.14 -107.60
N ILE D 417 3.33 40.41 -108.12
CA ILE D 417 3.31 38.95 -108.07
C ILE D 417 4.05 38.43 -106.85
N ALA D 418 4.90 39.27 -106.27
CA ALA D 418 5.69 38.89 -105.11
C ALA D 418 4.99 39.08 -103.75
N LEU D 419 3.70 39.36 -103.78
CA LEU D 419 2.97 39.55 -102.53
C LEU D 419 2.11 38.33 -102.22
N PRO D 420 1.21 37.95 -103.13
CA PRO D 420 0.35 36.79 -102.88
C PRO D 420 1.11 35.47 -102.90
N VAL D 421 1.97 35.31 -103.91
CA VAL D 421 2.76 34.09 -104.08
C VAL D 421 3.45 33.60 -102.80
N PRO D 422 4.10 34.52 -102.06
CA PRO D 422 4.80 34.13 -100.82
C PRO D 422 3.91 33.34 -99.85
N VAL D 423 2.70 33.83 -99.63
CA VAL D 423 1.74 33.18 -98.73
C VAL D 423 1.44 31.77 -99.21
N ILE D 424 1.04 31.64 -100.47
CA ILE D 424 0.70 30.34 -101.05
C ILE D 424 1.86 29.36 -100.89
N VAL D 425 3.09 29.87 -100.96
CA VAL D 425 4.28 29.04 -100.83
C VAL D 425 4.34 28.34 -99.47
N SER D 426 4.33 29.12 -98.41
CA SER D 426 4.38 28.57 -97.06
C SER D 426 3.32 27.48 -96.87
N ASN D 427 2.10 27.75 -97.32
CA ASN D 427 1.02 26.78 -97.19
C ASN D 427 1.45 25.43 -97.76
N PHE D 428 2.02 25.44 -98.96
CA PHE D 428 2.48 24.22 -99.59
C PHE D 428 3.53 23.58 -98.67
N ASN D 429 4.43 24.41 -98.16
CA ASN D 429 5.49 23.97 -97.28
C ASN D 429 4.85 23.28 -96.06
N TYR D 430 3.84 23.93 -95.50
CA TYR D 430 3.13 23.39 -94.35
C TYR D 430 2.66 21.97 -94.65
N PHE D 431 1.64 21.86 -95.50
CA PHE D 431 1.08 20.56 -95.86
C PHE D 431 2.14 19.58 -96.37
N TYR D 432 3.33 20.09 -96.66
CA TYR D 432 4.41 19.25 -97.16
C TYR D 432 5.20 18.58 -96.05
N HIS D 433 5.88 19.38 -95.24
CA HIS D 433 6.69 18.85 -94.14
C HIS D 433 5.83 18.25 -93.03
N ARG D 434 4.59 18.71 -92.93
CA ARG D 434 3.67 18.21 -91.91
C ARG D 434 3.35 16.74 -92.14
N GLU D 435 2.88 16.42 -93.35
CA GLU D 435 2.55 15.04 -93.70
C GLU D 435 3.82 14.24 -93.94
N THR D 436 4.62 14.10 -92.89
CA THR D 436 5.88 13.36 -92.97
C THR D 436 6.55 13.24 -91.60
N PCA E 1 8.85 45.71 -137.85
CA PCA E 1 9.24 45.25 -139.19
CB PCA E 1 10.74 45.62 -139.33
CG PCA E 1 10.86 46.81 -138.35
CD PCA E 1 9.74 46.59 -137.36
OE PCA E 1 9.65 47.11 -136.27
C PCA E 1 9.02 43.76 -139.32
O PCA E 1 9.79 42.97 -138.81
N PHE E 2 7.96 43.38 -140.03
CA PHE E 2 7.61 41.98 -140.24
C PHE E 2 7.68 41.65 -141.73
N THR E 3 8.56 40.72 -142.09
CA THR E 3 8.74 40.31 -143.47
C THR E 3 8.46 38.83 -143.68
N ASN E 4 8.90 38.29 -144.81
CA ASN E 4 8.70 36.88 -145.13
C ASN E 4 10.00 36.24 -145.65
N VAL E 5 10.97 36.08 -144.75
CA VAL E 5 12.25 35.47 -145.10
C VAL E 5 12.75 34.57 -143.98
N SER E 6 12.51 33.26 -144.13
CA SER E 6 12.93 32.29 -143.14
C SER E 6 14.38 32.51 -142.75
N CYS E 7 14.68 32.36 -141.46
CA CYS E 7 16.04 32.55 -140.97
C CYS E 7 16.61 31.28 -140.34
N THR E 8 17.76 31.44 -139.70
CA THR E 8 18.43 30.32 -139.04
C THR E 8 19.08 30.84 -137.75
N THR E 9 20.19 31.56 -137.88
CA THR E 9 20.89 32.12 -136.74
C THR E 9 20.62 33.63 -136.69
N SER E 10 19.93 34.07 -135.63
CA SER E 10 19.60 35.48 -135.45
C SER E 10 20.50 36.47 -136.16
N LYS E 11 21.80 36.35 -135.94
CA LYS E 11 22.79 37.24 -136.55
C LYS E 11 22.64 37.28 -138.07
N GLU E 12 21.77 36.44 -138.59
CA GLU E 12 21.53 36.35 -140.02
C GLU E 12 20.69 37.53 -140.52
N CYS E 13 19.99 38.18 -139.60
CA CYS E 13 19.17 39.34 -139.97
C CYS E 13 19.94 40.63 -139.72
N TRP E 14 21.19 40.51 -139.29
CA TRP E 14 22.02 41.67 -139.01
C TRP E 14 22.12 42.65 -140.18
N SER E 15 22.85 42.27 -141.21
CA SER E 15 23.03 43.12 -142.38
C SER E 15 21.76 43.14 -143.24
N VAL E 16 20.62 43.21 -142.58
CA VAL E 16 19.33 43.23 -143.27
C VAL E 16 18.51 44.46 -142.84
N CYS E 17 18.45 44.68 -141.53
CA CYS E 17 17.70 45.81 -140.98
C CYS E 17 18.31 47.15 -141.42
N GLN E 18 19.29 47.08 -142.31
CA GLN E 18 19.95 48.28 -142.81
C GLN E 18 19.79 48.46 -144.31
N ARG E 19 19.45 47.37 -145.02
CA ARG E 19 19.25 47.44 -146.46
C ARG E 19 17.80 47.77 -146.78
N LEU E 20 16.90 47.29 -145.93
CA LEU E 20 15.48 47.55 -146.11
C LEU E 20 14.98 48.51 -145.04
N HIS E 21 15.88 48.92 -144.15
CA HIS E 21 15.55 49.85 -143.08
C HIS E 21 16.69 50.82 -142.84
N ASN E 22 17.23 50.83 -141.62
CA ASN E 22 18.33 51.72 -141.27
C ASN E 22 18.81 51.45 -139.85
N THR E 23 18.60 50.22 -139.38
CA THR E 23 19.02 49.83 -138.04
C THR E 23 19.70 48.47 -138.04
N SER E 24 20.31 48.11 -136.92
CA SER E 24 20.99 46.83 -136.78
C SER E 24 20.24 45.93 -135.80
N ARG E 25 19.48 46.56 -134.92
CA ARG E 25 18.70 45.85 -133.91
C ARG E 25 17.60 45.00 -134.54
N GLY E 26 17.70 43.69 -134.40
CA GLY E 26 16.70 42.81 -134.96
C GLY E 26 17.02 41.34 -134.82
N MET E 27 16.19 40.61 -134.07
CA MET E 27 16.38 39.18 -133.86
C MET E 27 15.31 38.42 -134.63
N CYS E 28 15.58 37.15 -134.92
CA CYS E 28 14.62 36.34 -135.67
C CYS E 28 14.29 35.03 -135.00
N MET E 29 13.01 34.69 -134.98
CA MET E 29 12.51 33.46 -134.39
C MET E 29 12.47 32.39 -135.48
N ASN E 30 11.96 31.22 -135.15
CA ASN E 30 11.86 30.13 -136.12
C ASN E 30 10.73 30.45 -137.10
N LYS E 31 10.50 31.72 -137.32
CA LYS E 31 9.46 32.18 -138.22
C LYS E 31 10.04 33.01 -139.37
N LYS E 32 10.19 34.32 -139.13
CA LYS E 32 10.73 35.23 -140.14
C LYS E 32 11.45 36.40 -139.48
N CYS E 33 12.61 36.78 -140.03
CA CYS E 33 13.40 37.89 -139.48
C CYS E 33 12.51 39.06 -139.06
N ARG E 34 12.88 39.71 -137.96
CA ARG E 34 12.12 40.85 -137.46
C ARG E 34 13.01 41.86 -136.74
N CYS E 35 12.98 43.10 -137.22
CA CYS E 35 13.76 44.17 -136.63
C CYS E 35 12.83 44.98 -135.72
N TYR E 36 13.34 46.07 -135.16
CA TYR E 36 12.53 46.92 -134.30
C TYR E 36 12.79 48.40 -134.57
N SER E 37 12.50 49.24 -133.58
CA SER E 37 12.69 50.67 -133.70
C SER E 37 12.86 51.30 -132.32
PA NAP F . 6.21 -36.32 116.92
O1A NAP F . 6.14 -36.82 115.54
O2A NAP F . 6.78 -34.87 117.27
O5B NAP F . 5.23 -37.02 118.04
C5B NAP F . 5.99 -37.53 119.17
C4B NAP F . 5.03 -38.30 120.10
O4B NAP F . 5.03 -39.65 119.47
C3B NAP F . 5.56 -38.60 121.50
O3B NAP F . 4.64 -38.11 122.46
C2B NAP F . 5.82 -40.11 121.67
O2B NAP F . 5.16 -40.92 122.74
C1B NAP F . 5.78 -40.66 120.26
N9A NAP F . 7.24 -40.88 119.98
C8A NAP F . 8.22 -39.96 119.66
N7A NAP F . 9.39 -40.53 119.53
C5A NAP F . 9.26 -41.85 119.76
C6A NAP F . 10.15 -42.97 119.76
N6A NAP F . 11.50 -42.82 119.49
N1A NAP F . 9.65 -44.19 120.04
C2A NAP F . 8.36 -44.37 120.31
N3A NAP F . 7.49 -43.36 120.32
C4A NAP F . 7.88 -42.10 120.05
O3 NAP F . 4.83 -35.67 116.33
PN NAP F . 4.29 -34.33 117.33
O1N NAP F . 4.37 -34.60 118.85
O2N NAP F . 2.83 -34.06 116.95
O5D NAP F . 5.17 -33.03 117.09
C5D NAP F . 4.61 -32.19 118.06
C4D NAP F . 5.26 -30.84 118.15
O4D NAP F . 5.17 -30.07 116.92
C3D NAP F . 4.58 -30.09 119.28
O3D NAP F . 5.43 -30.03 120.37
C2D NAP F . 4.17 -28.75 118.69
O2D NAP F . 4.84 -27.67 119.36
C1D NAP F . 4.50 -28.80 117.18
N1N NAP F . 3.16 -28.72 116.48
C2N NAP F . 2.83 -27.60 115.82
C3N NAP F . 1.54 -27.49 115.18
C7N NAP F . 1.15 -26.27 114.45
O7N NAP F . 1.91 -25.35 114.35
N7N NAP F . -0.05 -26.20 113.89
C4N NAP F . 0.63 -28.58 115.28
C5N NAP F . 1.02 -29.74 115.97
C6N NAP F . 2.29 -29.78 116.57
P2B NAP F . 3.61 -41.34 122.58
O1X NAP F . 3.38 -42.15 121.37
O2X NAP F . 3.23 -42.18 123.86
O3X NAP F . 2.66 -40.07 122.56
K K G . 9.15 17.91 15.58
K K H . 9.05 17.38 19.39
K K I . 8.98 16.94 22.57
K K J . 8.89 16.41 26.40
C01 PGW K . -3.42 1.47 14.51
C1 PGW K . -1.99 3.33 15.98
O01 PGW K . -2.94 3.77 15.12
C02 PGW K . -3.13 2.88 14.01
C2 PGW K . -1.94 3.96 17.38
O02 PGW K . -1.18 2.48 15.65
C03 PGW K . -1.97 2.92 13.02
C3 PGW K . -1.44 2.92 18.40
O03 PGW K . -4.53 1.49 15.42
C4 PGW K . -1.50 3.50 19.81
O04 PGW K . -4.11 -0.72 15.51
C5 PGW K . -1.08 2.46 20.86
C6 PGW K . -1.21 3.04 22.27
C7 PGW K . -0.80 2.01 23.33
C8 PGW K . -0.95 2.60 24.73
C9 PGW K . -0.54 1.58 25.79
O11 PGW K . -1.81 4.23 12.46
C19 PGW K . -4.73 0.25 15.95
C20 PGW K . -5.75 0.07 17.08
C21 PGW K . -5.33 -1.07 18.00
C22 PGW K . -6.32 -1.24 19.16
C23 PGW K . -5.91 -2.38 20.09
C1 PGW L . 3.96 -6.30 11.00
C2 PGW L . 5.29 -6.35 11.75
C3 PGW L . 5.07 -6.45 13.26
C4 PGW L . 6.41 -6.50 14.01
C5 PGW L . 6.20 -6.61 15.52
C6 PGW L . 7.52 -6.71 16.26
C7 PGW L . 7.31 -6.89 17.76
C8 PGW L . 8.65 -7.03 18.50
C9 PGW L . 8.43 -7.25 20.00
C1 PGW M . -1.08 -5.32 11.41
C2 PGW M . 0.26 -5.62 12.10
C3 PGW M . 0.15 -5.44 13.62
C4 PGW M . 1.49 -5.72 14.30
C5 PGW M . 1.39 -5.52 15.82
C6 PGW M . 2.74 -5.76 16.48
C7 PGW M . 2.66 -5.55 18.00
C8 PGW M . 4.02 -5.79 18.66
C9 PGW M . 3.94 -5.57 20.17
C1 PGW N . 2.33 -9.94 14.00
C2 PGW N . 3.09 -11.04 14.77
C3 PGW N . 4.06 -10.43 15.78
C4 PGW N . 4.81 -11.53 16.54
C5 PGW N . 5.79 -10.92 17.55
C6 PGW N . 6.54 -12.02 18.31
C7 PGW N . 7.53 -11.42 19.32
C8 PGW N . 8.28 -12.51 20.07
C9 PGW N . 9.28 -11.91 21.07
C1 PGW O . -4.91 -4.24 13.56
C2 PGW O . -3.86 -4.92 14.45
C3 PGW O . -3.91 -4.36 15.88
C4 PGW O . -2.87 -5.05 16.77
C5 PGW O . -2.91 -4.50 18.20
C6 PGW O . -1.86 -5.17 19.08
C7 PGW O . -1.90 -4.60 20.50
C8 PGW O . -0.83 -5.25 21.39
C9 PGW O . -0.86 -4.67 22.80
C1 PGW P . 28.20 1.86 12.89
C2 PGW P . 27.10 1.23 13.74
C3 PGW P . 27.68 0.62 15.02
C4 PGW P . 26.58 0.01 15.88
C5 PGW P . 27.17 -0.59 17.17
C6 PGW P . 26.07 -1.19 18.06
C7 PGW P . 26.65 -1.74 19.35
C8 PGW P . 25.55 -2.32 20.25
C9 PGW P . 26.13 -2.87 21.55
C1 PGW Q . 11.54 0.57 32.09
C2 PGW Q . 10.55 -0.56 31.82
C3 PGW Q . 9.22 -0.01 31.30
C4 PGW Q . 8.22 -1.14 31.04
C5 PGW Q . 6.89 -0.59 30.53
C6 PGW Q . 5.89 -1.73 30.30
C7 PGW Q . 4.56 -1.20 29.78
C8 PGW Q . 3.57 -2.36 29.57
C9 PGW Q . 2.23 -1.86 29.06
C1 PGW R . -3.48 -6.52 36.61
C2 PGW R . -3.29 -5.75 35.30
C3 PGW R . -1.83 -5.82 34.83
C4 PGW R . -1.63 -5.04 33.53
C5 PGW R . -0.18 -5.10 33.07
C6 PGW R . 0.03 -4.31 31.77
C7 PGW R . 1.48 -4.36 31.32
C1 PGW S . 34.23 2.15 5.17
C2 PGW S . 35.24 2.01 6.31
C3 PGW S . 34.55 1.69 7.63
C4 PGW S . 35.57 1.56 8.77
C5 PGW S . 34.87 1.23 10.09
C6 PGW S . 35.89 1.10 11.23
C7 PGW S . 35.20 0.80 12.55
C8 PGW S . 36.21 0.68 13.70
C9 PGW S . 35.51 0.38 15.03
C15 PGW T . 30.97 -9.30 11.75
C16 PGW T . 31.56 -8.80 10.42
C17 PGW T . 30.79 -9.36 9.22
C23 PGW T . 32.19 -8.51 17.93
C24 PGW T . 31.39 -9.10 16.78
C25 PGW T . 31.95 -8.64 15.43
C26 PGW T . 31.16 -9.22 14.26
C27 PGW T . 31.74 -8.73 12.93
P PGW U . 24.84 -2.77 38.87
C01 PGW U . 25.47 -4.57 34.74
C1 PGW U . 26.18 -1.14 35.76
O01 PGW U . 25.96 -2.28 35.05
C02 PGW U . 25.58 -3.46 35.78
C2 PGW U . 27.08 -0.07 35.12
O02 PGW U . 25.66 -0.95 36.85
C03 PGW U . 24.18 -3.34 36.40
C3 PGW U . 26.29 0.91 34.26
O03 PGW U . 26.64 -4.52 33.92
C4 PGW U . 27.24 1.91 33.60
O04 PGW U . 25.89 -6.51 33.17
C5 PGW U . 26.49 2.88 32.70
O11 PGW U . 24.09 -2.44 37.49
O12 PGW U . 26.43 -2.66 38.58
O13 PGW U . 24.57 -4.34 39.14
O14 PGW U . 24.40 -1.91 39.99
C19 PGW U . 26.56 -5.49 32.96
C20 PGW U . 27.31 -5.30 31.64
C21 PGW U . 27.39 -3.81 31.30
C22 PGW U . 28.09 -3.59 29.96
C23 PGW U . 28.14 -2.09 29.62
C24 PGW U . 28.83 -1.86 28.28
C15 PGW V . 12.55 -2.57 29.53
C16 PGW V . 13.09 -1.15 29.73
C17 PGW V . 14.31 -1.15 30.67
C23 PGW V . 8.00 -5.40 26.12
C24 PGW V . 9.16 -5.41 27.11
C25 PGW V . 9.67 -3.99 27.37
C26 PGW V . 10.84 -3.99 28.35
C27 PGW V . 11.35 -2.57 28.58
CAD PGW W . 18.51 -6.80 47.96
OAE PGW W . 18.67 -7.35 49.27
OAF PGW W . 16.33 -7.82 47.74
P PGW W . 17.93 -11.50 46.01
C01 PGW W . 14.12 -12.27 43.75
C1 PGW W . 16.28 -12.50 40.91
O01 PGW W . 15.24 -12.30 41.78
C02 PGW W . 15.46 -12.67 43.14
C2 PGW W . 15.94 -12.55 39.43
O02 PGW W . 17.44 -12.63 41.32
C03 PGW W . 16.58 -11.83 43.77
C3 PGW W . 15.95 -11.16 38.80
O03 PGW W . 13.16 -12.91 42.89
C04 PGW W . 18.26 -9.09 47.02
C4 PGW W . 15.43 -11.21 37.36
O04 PGW W . 11.61 -11.79 44.08
C05 PGW W . 17.62 -7.70 47.13
C5 PGW W . 15.32 -9.80 36.77
C6 PGW W . 14.69 -9.82 35.38
C7 PGW W . 14.50 -8.38 34.87
C8 PGW W . 13.79 -8.36 33.52
C9 PGW W . 13.55 -6.92 33.06
C10 PGW W . 12.92 -6.53 31.89
O11 PGW W . 16.79 -12.21 45.14
O12 PGW W . 17.44 -9.99 46.25
O13 PGW W . 19.23 -11.40 45.07
O14 PGW W . 18.20 -12.22 47.28
C19 PGW W . 11.90 -12.43 43.07
C20 PGW W . 10.89 -12.70 41.97
C21 PGW W . 10.99 -11.58 40.93
C22 PGW W . 10.12 -11.83 39.70
C23 PGW W . 10.35 -10.73 38.67
C24 PGW W . 9.57 -10.97 37.37
C25 PGW W . 9.85 -9.87 36.35
C26 PGW W . 9.08 -10.10 35.06
C27 PGW W . 9.38 -8.99 34.04
C15 PGW X . 23.86 -25.93 9.49
C16 PGW X . 22.63 -26.29 8.67
C23 PGW X . 25.98 -26.79 15.44
C24 PGW X . 26.11 -26.27 14.01
C25 PGW X . 24.87 -26.64 13.18
C26 PGW X . 25.00 -26.11 11.75
C27 PGW X . 23.76 -26.47 10.93
C15 PGW Y . 9.27 -21.63 27.60
C16 PGW Y . 10.21 -22.30 28.61
C17 PGW Y . 9.75 -22.03 30.04
C23 PGW Y . 8.71 -21.18 21.28
C24 PGW Y . 8.26 -20.90 22.71
C25 PGW Y . 9.22 -21.54 23.73
C26 PGW Y . 8.78 -21.26 25.16
C27 PGW Y . 9.73 -21.92 26.17
C15 PGW Z . 37.26 -20.37 12.02
C16 PGW Z . 37.81 -20.06 10.63
C17 PGW Z . 39.10 -19.24 10.72
C23 PGW Z . 32.31 -23.52 14.51
C24 PGW Z . 33.59 -22.69 14.60
C25 PGW Z . 34.13 -22.36 13.21
C26 PGW Z . 35.41 -21.52 13.31
C27 PGW Z . 35.97 -21.20 11.92
PA NAP AA . -25.15 5.32 -26.41
O1A NAP AA . -25.72 5.23 -27.75
O2A NAP AA . -23.58 5.49 -26.18
O5B NAP AA . -26.13 5.80 -25.17
C5B NAP AA . -26.05 4.81 -24.14
C4B NAP AA . -27.05 5.15 -23.01
O4B NAP AA . -28.32 4.58 -23.52
C3B NAP AA . -26.82 4.38 -21.71
O3B NAP AA . -26.65 5.31 -20.65
C2B NAP AA . -28.00 3.42 -21.45
O2B NAP AA . -28.81 3.63 -20.23
C1B NAP AA . -28.72 3.35 -22.79
N9A NAP AA . -28.25 2.02 -23.34
C8A NAP AA . -27.00 1.67 -23.83
N7A NAP AA . -26.96 0.43 -24.19
C5A NAP AA . -28.16 -0.14 -23.97
C6A NAP AA . -28.70 -1.44 -24.15
N6A NAP AA . -27.93 -2.47 -24.68
N1A NAP AA . -30.00 -1.66 -23.81
C2A NAP AA . -30.75 -0.68 -23.30
N3A NAP AA . -30.29 0.55 -23.10
C4A NAP AA . -29.02 0.87 -23.42
O3 NAP AA . -25.27 6.88 -26.93
PN NAP AA . -24.20 7.88 -25.99
O1N NAP AA . -24.22 7.60 -24.45
O2N NAP AA . -24.63 9.32 -26.21
O5D NAP AA . -22.68 7.72 -26.42
C5D NAP AA . -22.07 8.53 -25.45
C4D NAP AA . -20.58 8.60 -25.51
O4D NAP AA . -20.05 9.13 -26.77
C3D NAP AA . -20.14 9.47 -24.35
O3D NAP AA . -19.55 8.69 -23.38
C2D NAP AA . -19.23 10.52 -24.95
O2D NAP AA . -17.92 10.38 -24.40
C1D NAP AA . -19.27 10.34 -26.49
N1N NAP AA . -19.92 11.58 -27.03
C2N NAP AA . -19.17 12.48 -27.70
C3N NAP AA . -19.76 13.69 -28.20
C7N NAP AA . -18.96 14.70 -28.94
O7N NAP AA . -17.77 14.51 -29.15
N7N NAP AA . -19.54 15.82 -29.37
C4N NAP AA . -21.16 13.92 -27.97
C5N NAP AA . -21.92 12.96 -27.28
C6N NAP AA . -21.27 11.80 -26.82
P2B NAP AA . -29.99 4.76 -20.23
O1X NAP AA . -31.02 4.49 -21.24
O2X NAP AA . -30.64 4.78 -18.79
O3X NAP AA . -29.37 6.20 -20.51
K K BA . 12.53 37.68 -126.83
K K CA . 12.45 37.20 -123.32
K K DA . 12.36 36.69 -119.65
K K EA . 12.28 36.20 -116.17
C01 PGW FA . -7.77 40.93 -128.33
C1 PGW FA . -5.41 40.22 -126.99
O01 PGW FA . -5.41 41.25 -127.89
C02 PGW FA . -6.38 41.07 -128.92
C2 PGW FA . -4.60 40.35 -125.70
O02 PGW FA . -6.04 39.19 -127.23
C03 PGW FA . -6.04 39.87 -129.82
C3 PGW FA . -5.25 39.54 -124.59
O03 PGW FA . -8.09 42.11 -127.57
C4 PGW FA . -4.50 39.66 -123.26
O04 PGW FA . -9.98 40.95 -127.16
C5 PGW FA . -5.20 38.86 -122.16
C6 PGW FA . -4.47 38.99 -120.83
C7 PGW FA . -5.18 38.19 -119.73
C8 PGW FA . -4.45 38.33 -118.38
C9 PGW FA . -5.17 37.53 -117.30
O11 PGW FA . -4.78 40.04 -130.46
C19 PGW FA . -9.32 41.98 -127.00
C20 PGW FA . -9.87 43.11 -126.14
C21 PGW FA . -10.80 42.59 -125.03
C22 PGW FA . -11.34 43.73 -124.19
C23 PGW FA . -12.25 43.22 -123.07
#